data_9MKR
# 
_entry.id   9MKR 
# 
_audit_conform.dict_name       mmcif_pdbx.dic 
_audit_conform.dict_version    5.406 
_audit_conform.dict_location   http://mmcif.pdb.org/dictionaries/ascii/mmcif_pdbx.dic 
# 
loop_
_database_2.database_id 
_database_2.database_code 
_database_2.pdbx_database_accession 
_database_2.pdbx_DOI 
PDB   9MKR         pdb_00009mkr 10.2210/pdb9mkr/pdb 
WWPDB D_1000290374 ?            ?                   
EMDB  EMD-48335    ?            ?                   
# 
_pdbx_audit_revision_history.ordinal             1 
_pdbx_audit_revision_history.data_content_type   'Structure model' 
_pdbx_audit_revision_history.major_revision      1 
_pdbx_audit_revision_history.minor_revision      0 
_pdbx_audit_revision_history.revision_date       2025-10-08 
_pdbx_audit_revision_history.part_number         ? 
# 
_pdbx_audit_revision_details.ordinal             1 
_pdbx_audit_revision_details.revision_ordinal    1 
_pdbx_audit_revision_details.data_content_type   'Structure model' 
_pdbx_audit_revision_details.provider            repository 
_pdbx_audit_revision_details.type                'Initial release' 
_pdbx_audit_revision_details.description         ? 
_pdbx_audit_revision_details.details             ? 
# 
_pdbx_database_status.status_code                     REL 
_pdbx_database_status.status_code_sf                  ? 
_pdbx_database_status.status_code_mr                  ? 
_pdbx_database_status.entry_id                        9MKR 
_pdbx_database_status.recvd_initial_deposition_date   2024-12-18 
_pdbx_database_status.SG_entry                        N 
_pdbx_database_status.deposit_site                    RCSB 
_pdbx_database_status.process_site                    RCSB 
_pdbx_database_status.status_code_cs                  ? 
_pdbx_database_status.status_code_nmr_data            ? 
_pdbx_database_status.methods_development_category    ? 
_pdbx_database_status.pdb_format_compatible           Y 
# 
_pdbx_database_related.db_name        EMDB 
_pdbx_database_related.details        'CAEV CA Hexamer Assembled via Liposome Templating' 
_pdbx_database_related.db_id          EMD-48335 
_pdbx_database_related.content_type   'associated EM volume' 
# 
_pdbx_contact_author.id                 2 
_pdbx_contact_author.email              yong.xiong@yale.edu 
_pdbx_contact_author.name_first         Yong 
_pdbx_contact_author.name_last          Xiong 
_pdbx_contact_author.name_mi            ? 
_pdbx_contact_author.role               'principal investigator/group leader' 
_pdbx_contact_author.identifier_ORCID   0000-0001-9625-9313 
# 
loop_
_audit_author.name 
_audit_author.pdbx_ordinal 
_audit_author.identifier_ORCID 
'Arizaga, F.'  1 0000-0002-8250-3060 
'Freniere, C.' 2 0000-0003-2846-669X 
'Xiong, Y.'    3 0000-0001-9625-9313 
# 
_citation.abstract                  ? 
_citation.abstract_id_CAS           ? 
_citation.book_id_ISBN              ? 
_citation.book_publisher            ? 
_citation.book_publisher_city       ? 
_citation.book_title                ? 
_citation.coordinate_linkage        ? 
_citation.country                   US 
_citation.database_id_Medline       ? 
_citation.details                   ? 
_citation.id                        primary 
_citation.journal_abbrev            J.Am.Chem.Soc. 
_citation.journal_id_ASTM           JACSAT 
_citation.journal_id_CSD            ? 
_citation.journal_id_ISSN           1520-5126 
_citation.journal_full              ? 
_citation.journal_issue             ? 
_citation.journal_volume            147 
_citation.language                  ? 
_citation.page_first                32883 
_citation.page_last                 32895 
_citation.title                     'Exploring the Structural Divergence of HIV and SRLV Lentiviral Capsids.' 
_citation.year                      2025 
_citation.database_id_CSD           ? 
_citation.pdbx_database_id_DOI      10.1021/jacs.5c09436 
_citation.pdbx_database_id_PubMed   40878534 
_citation.pdbx_database_id_patent   ? 
_citation.unpublished_flag          ? 
# 
loop_
_citation_author.citation_id 
_citation_author.name 
_citation_author.ordinal 
_citation_author.identifier_ORCID 
primary 'Arizaga Jr., F.' 1 ?                   
primary 'Freniere, C.'    2 0000-0003-2846-669X 
primary 'Rey, J.S.'       3 0000-0003-2274-3748 
primary 'Cook, M.'        4 ?                   
primary 'Wu, C.'          5 0000-0002-8635-1578 
primary 'Perilla, J.R.'   6 0000-0003-1171-6816 
primary 'Xiong, Y.'       7 0000-0001-9625-9313 
# 
_entity.id                         1 
_entity.type                       polymer 
_entity.src_method                 man 
_entity.pdbx_description           'Capsid protein p25' 
_entity.formula_weight             25625.027 
_entity.pdbx_number_of_molecules   1 
_entity.pdbx_ec                    ? 
_entity.pdbx_mutation              ? 
_entity.pdbx_fragment              ? 
_entity.details                    'CAEV CA with C-terminal His tag.' 
# 
_entity_poly.entity_id                      1 
_entity_poly.type                           'polypeptide(L)' 
_entity_poly.nstd_linkage                   no 
_entity_poly.nstd_monomer                   no 
_entity_poly.pdbx_seq_one_letter_code       
;PIVVQAAGGRSWKAVDSVMFQQLQTVAMQHGLVSEDFERQLAYYATTWTSKDILEVLAMMPGNRAQKELIQGKLNEEAER
WRRNNPPPPAGGGLTVDQIMGVGQTNQAAAQANMDQARQICLQWVINALRAVRHMAHRPGNPMLVKQKTNEPYEDFAARL
LEAIDAEPVTQPIKDYLKLTLSYTNASADCQKQMDRTLGQRVQQASVEEKMQACRDVGSEGFHHHHHH
;
_entity_poly.pdbx_seq_one_letter_code_can   
;PIVVQAAGGRSWKAVDSVMFQQLQTVAMQHGLVSEDFERQLAYYATTWTSKDILEVLAMMPGNRAQKELIQGKLNEEAER
WRRNNPPPPAGGGLTVDQIMGVGQTNQAAAQANMDQARQICLQWVINALRAVRHMAHRPGNPMLVKQKTNEPYEDFAARL
LEAIDAEPVTQPIKDYLKLTLSYTNASADCQKQMDRTLGQRVQQASVEEKMQACRDVGSEGFHHHHHH
;
_entity_poly.pdbx_strand_id                 A 
_entity_poly.pdbx_target_identifier         ? 
# 
loop_
_entity_poly_seq.entity_id 
_entity_poly_seq.num 
_entity_poly_seq.mon_id 
_entity_poly_seq.hetero 
1 1   PRO n 
1 2   ILE n 
1 3   VAL n 
1 4   VAL n 
1 5   GLN n 
1 6   ALA n 
1 7   ALA n 
1 8   GLY n 
1 9   GLY n 
1 10  ARG n 
1 11  SER n 
1 12  TRP n 
1 13  LYS n 
1 14  ALA n 
1 15  VAL n 
1 16  ASP n 
1 17  SER n 
1 18  VAL n 
1 19  MET n 
1 20  PHE n 
1 21  GLN n 
1 22  GLN n 
1 23  LEU n 
1 24  GLN n 
1 25  THR n 
1 26  VAL n 
1 27  ALA n 
1 28  MET n 
1 29  GLN n 
1 30  HIS n 
1 31  GLY n 
1 32  LEU n 
1 33  VAL n 
1 34  SER n 
1 35  GLU n 
1 36  ASP n 
1 37  PHE n 
1 38  GLU n 
1 39  ARG n 
1 40  GLN n 
1 41  LEU n 
1 42  ALA n 
1 43  TYR n 
1 44  TYR n 
1 45  ALA n 
1 46  THR n 
1 47  THR n 
1 48  TRP n 
1 49  THR n 
1 50  SER n 
1 51  LYS n 
1 52  ASP n 
1 53  ILE n 
1 54  LEU n 
1 55  GLU n 
1 56  VAL n 
1 57  LEU n 
1 58  ALA n 
1 59  MET n 
1 60  MET n 
1 61  PRO n 
1 62  GLY n 
1 63  ASN n 
1 64  ARG n 
1 65  ALA n 
1 66  GLN n 
1 67  LYS n 
1 68  GLU n 
1 69  LEU n 
1 70  ILE n 
1 71  GLN n 
1 72  GLY n 
1 73  LYS n 
1 74  LEU n 
1 75  ASN n 
1 76  GLU n 
1 77  GLU n 
1 78  ALA n 
1 79  GLU n 
1 80  ARG n 
1 81  TRP n 
1 82  ARG n 
1 83  ARG n 
1 84  ASN n 
1 85  ASN n 
1 86  PRO n 
1 87  PRO n 
1 88  PRO n 
1 89  PRO n 
1 90  ALA n 
1 91  GLY n 
1 92  GLY n 
1 93  GLY n 
1 94  LEU n 
1 95  THR n 
1 96  VAL n 
1 97  ASP n 
1 98  GLN n 
1 99  ILE n 
1 100 MET n 
1 101 GLY n 
1 102 VAL n 
1 103 GLY n 
1 104 GLN n 
1 105 THR n 
1 106 ASN n 
1 107 GLN n 
1 108 ALA n 
1 109 ALA n 
1 110 ALA n 
1 111 GLN n 
1 112 ALA n 
1 113 ASN n 
1 114 MET n 
1 115 ASP n 
1 116 GLN n 
1 117 ALA n 
1 118 ARG n 
1 119 GLN n 
1 120 ILE n 
1 121 CYS n 
1 122 LEU n 
1 123 GLN n 
1 124 TRP n 
1 125 VAL n 
1 126 ILE n 
1 127 ASN n 
1 128 ALA n 
1 129 LEU n 
1 130 ARG n 
1 131 ALA n 
1 132 VAL n 
1 133 ARG n 
1 134 HIS n 
1 135 MET n 
1 136 ALA n 
1 137 HIS n 
1 138 ARG n 
1 139 PRO n 
1 140 GLY n 
1 141 ASN n 
1 142 PRO n 
1 143 MET n 
1 144 LEU n 
1 145 VAL n 
1 146 LYS n 
1 147 GLN n 
1 148 LYS n 
1 149 THR n 
1 150 ASN n 
1 151 GLU n 
1 152 PRO n 
1 153 TYR n 
1 154 GLU n 
1 155 ASP n 
1 156 PHE n 
1 157 ALA n 
1 158 ALA n 
1 159 ARG n 
1 160 LEU n 
1 161 LEU n 
1 162 GLU n 
1 163 ALA n 
1 164 ILE n 
1 165 ASP n 
1 166 ALA n 
1 167 GLU n 
1 168 PRO n 
1 169 VAL n 
1 170 THR n 
1 171 GLN n 
1 172 PRO n 
1 173 ILE n 
1 174 LYS n 
1 175 ASP n 
1 176 TYR n 
1 177 LEU n 
1 178 LYS n 
1 179 LEU n 
1 180 THR n 
1 181 LEU n 
1 182 SER n 
1 183 TYR n 
1 184 THR n 
1 185 ASN n 
1 186 ALA n 
1 187 SER n 
1 188 ALA n 
1 189 ASP n 
1 190 CYS n 
1 191 GLN n 
1 192 LYS n 
1 193 GLN n 
1 194 MET n 
1 195 ASP n 
1 196 ARG n 
1 197 THR n 
1 198 LEU n 
1 199 GLY n 
1 200 GLN n 
1 201 ARG n 
1 202 VAL n 
1 203 GLN n 
1 204 GLN n 
1 205 ALA n 
1 206 SER n 
1 207 VAL n 
1 208 GLU n 
1 209 GLU n 
1 210 LYS n 
1 211 MET n 
1 212 GLN n 
1 213 ALA n 
1 214 CYS n 
1 215 ARG n 
1 216 ASP n 
1 217 VAL n 
1 218 GLY n 
1 219 SER n 
1 220 GLU n 
1 221 GLY n 
1 222 PHE n 
1 223 HIS n 
1 224 HIS n 
1 225 HIS n 
1 226 HIS n 
1 227 HIS n 
1 228 HIS n 
# 
_entity_src_gen.entity_id                          1 
_entity_src_gen.pdbx_src_id                        1 
_entity_src_gen.pdbx_alt_source_flag               sample 
_entity_src_gen.pdbx_seq_type                      'Biological sequence' 
_entity_src_gen.pdbx_beg_seq_num                   1 
_entity_src_gen.pdbx_end_seq_num                   228 
_entity_src_gen.gene_src_common_name               ? 
_entity_src_gen.gene_src_genus                     ? 
_entity_src_gen.pdbx_gene_src_gene                 gag 
_entity_src_gen.gene_src_species                   ? 
_entity_src_gen.gene_src_strain                    Cork 
_entity_src_gen.gene_src_tissue                    ? 
_entity_src_gen.gene_src_tissue_fraction           ? 
_entity_src_gen.gene_src_details                   ? 
_entity_src_gen.pdbx_gene_src_fragment             ? 
_entity_src_gen.pdbx_gene_src_scientific_name      'Caprine arthritis encephalitis virus' 
_entity_src_gen.pdbx_gene_src_ncbi_taxonomy_id     11661 
_entity_src_gen.pdbx_gene_src_variant              ? 
_entity_src_gen.pdbx_gene_src_cell_line            ? 
_entity_src_gen.pdbx_gene_src_atcc                 ? 
_entity_src_gen.pdbx_gene_src_organ                ? 
_entity_src_gen.pdbx_gene_src_organelle            ? 
_entity_src_gen.pdbx_gene_src_cell                 ? 
_entity_src_gen.pdbx_gene_src_cellular_location    ? 
_entity_src_gen.host_org_common_name               ? 
_entity_src_gen.pdbx_host_org_scientific_name      'Escherichia coli' 
_entity_src_gen.pdbx_host_org_ncbi_taxonomy_id     562 
_entity_src_gen.host_org_genus                     ? 
_entity_src_gen.pdbx_host_org_gene                 ? 
_entity_src_gen.pdbx_host_org_organ                ? 
_entity_src_gen.host_org_species                   ? 
_entity_src_gen.pdbx_host_org_tissue               ? 
_entity_src_gen.pdbx_host_org_tissue_fraction      ? 
_entity_src_gen.pdbx_host_org_strain               ? 
_entity_src_gen.pdbx_host_org_variant              ? 
_entity_src_gen.pdbx_host_org_cell_line            ? 
_entity_src_gen.pdbx_host_org_atcc                 ? 
_entity_src_gen.pdbx_host_org_culture_collection   ? 
_entity_src_gen.pdbx_host_org_cell                 ? 
_entity_src_gen.pdbx_host_org_organelle            ? 
_entity_src_gen.pdbx_host_org_cellular_location    ? 
_entity_src_gen.pdbx_host_org_vector_type          ? 
_entity_src_gen.pdbx_host_org_vector               ? 
_entity_src_gen.host_org_details                   ? 
_entity_src_gen.expression_system_id               ? 
_entity_src_gen.plasmid_name                       ? 
_entity_src_gen.plasmid_details                    ? 
_entity_src_gen.pdbx_description                   ? 
# 
loop_
_chem_comp.id 
_chem_comp.type 
_chem_comp.mon_nstd_flag 
_chem_comp.name 
_chem_comp.pdbx_synonyms 
_chem_comp.formula 
_chem_comp.formula_weight 
ALA 'L-peptide linking' y ALANINE         ? 'C3 H7 N O2'     89.093  
ARG 'L-peptide linking' y ARGININE        ? 'C6 H15 N4 O2 1' 175.209 
ASN 'L-peptide linking' y ASPARAGINE      ? 'C4 H8 N2 O3'    132.118 
ASP 'L-peptide linking' y 'ASPARTIC ACID' ? 'C4 H7 N O4'     133.103 
CYS 'L-peptide linking' y CYSTEINE        ? 'C3 H7 N O2 S'   121.158 
GLN 'L-peptide linking' y GLUTAMINE       ? 'C5 H10 N2 O3'   146.144 
GLU 'L-peptide linking' y 'GLUTAMIC ACID' ? 'C5 H9 N O4'     147.129 
GLY 'peptide linking'   y GLYCINE         ? 'C2 H5 N O2'     75.067  
HIS 'L-peptide linking' y HISTIDINE       ? 'C6 H10 N3 O2 1' 156.162 
ILE 'L-peptide linking' y ISOLEUCINE      ? 'C6 H13 N O2'    131.173 
LEU 'L-peptide linking' y LEUCINE         ? 'C6 H13 N O2'    131.173 
LYS 'L-peptide linking' y LYSINE          ? 'C6 H15 N2 O2 1' 147.195 
MET 'L-peptide linking' y METHIONINE      ? 'C5 H11 N O2 S'  149.211 
PHE 'L-peptide linking' y PHENYLALANINE   ? 'C9 H11 N O2'    165.189 
PRO 'L-peptide linking' y PROLINE         ? 'C5 H9 N O2'     115.130 
SER 'L-peptide linking' y SERINE          ? 'C3 H7 N O3'     105.093 
THR 'L-peptide linking' y THREONINE       ? 'C4 H9 N O3'     119.119 
TRP 'L-peptide linking' y TRYPTOPHAN      ? 'C11 H12 N2 O2'  204.225 
TYR 'L-peptide linking' y TYROSINE        ? 'C9 H11 N O3'    181.189 
VAL 'L-peptide linking' y VALINE          ? 'C5 H11 N O2'    117.146 
# 
loop_
_pdbx_poly_seq_scheme.asym_id 
_pdbx_poly_seq_scheme.entity_id 
_pdbx_poly_seq_scheme.seq_id 
_pdbx_poly_seq_scheme.mon_id 
_pdbx_poly_seq_scheme.ndb_seq_num 
_pdbx_poly_seq_scheme.pdb_seq_num 
_pdbx_poly_seq_scheme.auth_seq_num 
_pdbx_poly_seq_scheme.pdb_mon_id 
_pdbx_poly_seq_scheme.auth_mon_id 
_pdbx_poly_seq_scheme.pdb_strand_id 
_pdbx_poly_seq_scheme.pdb_ins_code 
_pdbx_poly_seq_scheme.hetero 
A 1 1   PRO 1   1   1   PRO PRO A . n 
A 1 2   ILE 2   2   2   ILE ILE A . n 
A 1 3   VAL 3   3   3   VAL VAL A . n 
A 1 4   VAL 4   4   4   VAL VAL A . n 
A 1 5   GLN 5   5   5   GLN GLN A . n 
A 1 6   ALA 6   6   6   ALA ALA A . n 
A 1 7   ALA 7   7   7   ALA ALA A . n 
A 1 8   GLY 8   8   8   GLY GLY A . n 
A 1 9   GLY 9   9   9   GLY GLY A . n 
A 1 10  ARG 10  10  10  ARG ARG A . n 
A 1 11  SER 11  11  11  SER SER A . n 
A 1 12  TRP 12  12  12  TRP TRP A . n 
A 1 13  LYS 13  13  13  LYS LYS A . n 
A 1 14  ALA 14  14  14  ALA ALA A . n 
A 1 15  VAL 15  15  15  VAL VAL A . n 
A 1 16  ASP 16  16  16  ASP ASP A . n 
A 1 17  SER 17  17  17  SER SER A . n 
A 1 18  VAL 18  18  18  VAL VAL A . n 
A 1 19  MET 19  19  19  MET MET A . n 
A 1 20  PHE 20  20  20  PHE PHE A . n 
A 1 21  GLN 21  21  21  GLN GLN A . n 
A 1 22  GLN 22  22  22  GLN GLN A . n 
A 1 23  LEU 23  23  23  LEU LEU A . n 
A 1 24  GLN 24  24  24  GLN GLN A . n 
A 1 25  THR 25  25  25  THR THR A . n 
A 1 26  VAL 26  26  26  VAL VAL A . n 
A 1 27  ALA 27  27  27  ALA ALA A . n 
A 1 28  MET 28  28  28  MET MET A . n 
A 1 29  GLN 29  29  29  GLN GLN A . n 
A 1 30  HIS 30  30  30  HIS HIS A . n 
A 1 31  GLY 31  31  31  GLY GLY A . n 
A 1 32  LEU 32  32  32  LEU LEU A . n 
A 1 33  VAL 33  33  33  VAL VAL A . n 
A 1 34  SER 34  34  34  SER SER A . n 
A 1 35  GLU 35  35  35  GLU GLU A . n 
A 1 36  ASP 36  36  36  ASP ASP A . n 
A 1 37  PHE 37  37  37  PHE PHE A . n 
A 1 38  GLU 38  38  38  GLU GLU A . n 
A 1 39  ARG 39  39  39  ARG ARG A . n 
A 1 40  GLN 40  40  40  GLN GLN A . n 
A 1 41  LEU 41  41  41  LEU LEU A . n 
A 1 42  ALA 42  42  42  ALA ALA A . n 
A 1 43  TYR 43  43  43  TYR TYR A . n 
A 1 44  TYR 44  44  44  TYR TYR A . n 
A 1 45  ALA 45  45  45  ALA ALA A . n 
A 1 46  THR 46  46  46  THR THR A . n 
A 1 47  THR 47  47  47  THR THR A . n 
A 1 48  TRP 48  48  48  TRP TRP A . n 
A 1 49  THR 49  49  49  THR THR A . n 
A 1 50  SER 50  50  50  SER SER A . n 
A 1 51  LYS 51  51  51  LYS LYS A . n 
A 1 52  ASP 52  52  52  ASP ASP A . n 
A 1 53  ILE 53  53  53  ILE ILE A . n 
A 1 54  LEU 54  54  54  LEU LEU A . n 
A 1 55  GLU 55  55  55  GLU GLU A . n 
A 1 56  VAL 56  56  56  VAL VAL A . n 
A 1 57  LEU 57  57  57  LEU LEU A . n 
A 1 58  ALA 58  58  58  ALA ALA A . n 
A 1 59  MET 59  59  59  MET MET A . n 
A 1 60  MET 60  60  60  MET MET A . n 
A 1 61  PRO 61  61  61  PRO PRO A . n 
A 1 62  GLY 62  62  62  GLY GLY A . n 
A 1 63  ASN 63  63  63  ASN ASN A . n 
A 1 64  ARG 64  64  64  ARG ARG A . n 
A 1 65  ALA 65  65  65  ALA ALA A . n 
A 1 66  GLN 66  66  66  GLN GLN A . n 
A 1 67  LYS 67  67  67  LYS LYS A . n 
A 1 68  GLU 68  68  68  GLU GLU A . n 
A 1 69  LEU 69  69  69  LEU LEU A . n 
A 1 70  ILE 70  70  70  ILE ILE A . n 
A 1 71  GLN 71  71  71  GLN GLN A . n 
A 1 72  GLY 72  72  72  GLY GLY A . n 
A 1 73  LYS 73  73  73  LYS LYS A . n 
A 1 74  LEU 74  74  74  LEU LEU A . n 
A 1 75  ASN 75  75  75  ASN ASN A . n 
A 1 76  GLU 76  76  76  GLU GLU A . n 
A 1 77  GLU 77  77  77  GLU GLU A . n 
A 1 78  ALA 78  78  78  ALA ALA A . n 
A 1 79  GLU 79  79  79  GLU GLU A . n 
A 1 80  ARG 80  80  80  ARG ARG A . n 
A 1 81  TRP 81  81  81  TRP TRP A . n 
A 1 82  ARG 82  82  82  ARG ARG A . n 
A 1 83  ARG 83  83  83  ARG ARG A . n 
A 1 84  ASN 84  84  84  ASN ASN A . n 
A 1 85  ASN 85  85  85  ASN ASN A . n 
A 1 86  PRO 86  86  86  PRO PRO A . n 
A 1 87  PRO 87  87  87  PRO PRO A . n 
A 1 88  PRO 88  88  88  PRO PRO A . n 
A 1 89  PRO 89  89  89  PRO PRO A . n 
A 1 90  ALA 90  90  90  ALA ALA A . n 
A 1 91  GLY 91  91  91  GLY GLY A . n 
A 1 92  GLY 92  92  92  GLY GLY A . n 
A 1 93  GLY 93  93  93  GLY GLY A . n 
A 1 94  LEU 94  94  94  LEU LEU A . n 
A 1 95  THR 95  95  95  THR THR A . n 
A 1 96  VAL 96  96  96  VAL VAL A . n 
A 1 97  ASP 97  97  97  ASP ASP A . n 
A 1 98  GLN 98  98  98  GLN GLN A . n 
A 1 99  ILE 99  99  99  ILE ILE A . n 
A 1 100 MET 100 100 100 MET MET A . n 
A 1 101 GLY 101 101 101 GLY GLY A . n 
A 1 102 VAL 102 102 102 VAL VAL A . n 
A 1 103 GLY 103 103 103 GLY GLY A . n 
A 1 104 GLN 104 104 104 GLN GLN A . n 
A 1 105 THR 105 105 105 THR THR A . n 
A 1 106 ASN 106 106 106 ASN ASN A . n 
A 1 107 GLN 107 107 107 GLN GLN A . n 
A 1 108 ALA 108 108 108 ALA ALA A . n 
A 1 109 ALA 109 109 109 ALA ALA A . n 
A 1 110 ALA 110 110 110 ALA ALA A . n 
A 1 111 GLN 111 111 111 GLN GLN A . n 
A 1 112 ALA 112 112 112 ALA ALA A . n 
A 1 113 ASN 113 113 113 ASN ASN A . n 
A 1 114 MET 114 114 114 MET MET A . n 
A 1 115 ASP 115 115 115 ASP ASP A . n 
A 1 116 GLN 116 116 116 GLN GLN A . n 
A 1 117 ALA 117 117 117 ALA ALA A . n 
A 1 118 ARG 118 118 118 ARG ARG A . n 
A 1 119 GLN 119 119 119 GLN GLN A . n 
A 1 120 ILE 120 120 120 ILE ILE A . n 
A 1 121 CYS 121 121 121 CYS CYS A . n 
A 1 122 LEU 122 122 122 LEU LEU A . n 
A 1 123 GLN 123 123 123 GLN GLN A . n 
A 1 124 TRP 124 124 124 TRP TRP A . n 
A 1 125 VAL 125 125 125 VAL VAL A . n 
A 1 126 ILE 126 126 126 ILE ILE A . n 
A 1 127 ASN 127 127 127 ASN ASN A . n 
A 1 128 ALA 128 128 128 ALA ALA A . n 
A 1 129 LEU 129 129 129 LEU LEU A . n 
A 1 130 ARG 130 130 130 ARG ARG A . n 
A 1 131 ALA 131 131 131 ALA ALA A . n 
A 1 132 VAL 132 132 132 VAL VAL A . n 
A 1 133 ARG 133 133 133 ARG ARG A . n 
A 1 134 HIS 134 134 134 HIS HIS A . n 
A 1 135 MET 135 135 135 MET MET A . n 
A 1 136 ALA 136 136 136 ALA ALA A . n 
A 1 137 HIS 137 137 137 HIS HIS A . n 
A 1 138 ARG 138 138 138 ARG ARG A . n 
A 1 139 PRO 139 139 139 PRO PRO A . n 
A 1 140 GLY 140 140 140 GLY GLY A . n 
A 1 141 ASN 141 141 141 ASN ASN A . n 
A 1 142 PRO 142 142 142 PRO PRO A . n 
A 1 143 MET 143 143 143 MET MET A . n 
A 1 144 LEU 144 144 144 LEU LEU A . n 
A 1 145 VAL 145 145 145 VAL VAL A . n 
A 1 146 LYS 146 146 146 LYS LYS A . n 
A 1 147 GLN 147 147 147 GLN GLN A . n 
A 1 148 LYS 148 148 148 LYS LYS A . n 
A 1 149 THR 149 149 149 THR THR A . n 
A 1 150 ASN 150 150 150 ASN ASN A . n 
A 1 151 GLU 151 151 151 GLU GLU A . n 
A 1 152 PRO 152 152 152 PRO PRO A . n 
A 1 153 TYR 153 153 153 TYR TYR A . n 
A 1 154 GLU 154 154 154 GLU GLU A . n 
A 1 155 ASP 155 155 155 ASP ASP A . n 
A 1 156 PHE 156 156 156 PHE PHE A . n 
A 1 157 ALA 157 157 157 ALA ALA A . n 
A 1 158 ALA 158 158 158 ALA ALA A . n 
A 1 159 ARG 159 159 159 ARG ARG A . n 
A 1 160 LEU 160 160 160 LEU LEU A . n 
A 1 161 LEU 161 161 161 LEU LEU A . n 
A 1 162 GLU 162 162 162 GLU GLU A . n 
A 1 163 ALA 163 163 163 ALA ALA A . n 
A 1 164 ILE 164 164 164 ILE ILE A . n 
A 1 165 ASP 165 165 165 ASP ASP A . n 
A 1 166 ALA 166 166 166 ALA ALA A . n 
A 1 167 GLU 167 167 167 GLU GLU A . n 
A 1 168 PRO 168 168 168 PRO PRO A . n 
A 1 169 VAL 169 169 169 VAL VAL A . n 
A 1 170 THR 170 170 170 THR THR A . n 
A 1 171 GLN 171 171 171 GLN GLN A . n 
A 1 172 PRO 172 172 172 PRO PRO A . n 
A 1 173 ILE 173 173 173 ILE ILE A . n 
A 1 174 LYS 174 174 174 LYS LYS A . n 
A 1 175 ASP 175 175 175 ASP ASP A . n 
A 1 176 TYR 176 176 176 TYR TYR A . n 
A 1 177 LEU 177 177 177 LEU LEU A . n 
A 1 178 LYS 178 178 178 LYS LYS A . n 
A 1 179 LEU 179 179 179 LEU LEU A . n 
A 1 180 THR 180 180 180 THR THR A . n 
A 1 181 LEU 181 181 181 LEU LEU A . n 
A 1 182 SER 182 182 182 SER SER A . n 
A 1 183 TYR 183 183 183 TYR TYR A . n 
A 1 184 THR 184 184 184 THR THR A . n 
A 1 185 ASN 185 185 185 ASN ASN A . n 
A 1 186 ALA 186 186 186 ALA ALA A . n 
A 1 187 SER 187 187 187 SER SER A . n 
A 1 188 ALA 188 188 188 ALA ALA A . n 
A 1 189 ASP 189 189 189 ASP ASP A . n 
A 1 190 CYS 190 190 190 CYS CYS A . n 
A 1 191 GLN 191 191 191 GLN GLN A . n 
A 1 192 LYS 192 192 192 LYS LYS A . n 
A 1 193 GLN 193 193 193 GLN GLN A . n 
A 1 194 MET 194 194 194 MET MET A . n 
A 1 195 ASP 195 195 195 ASP ASP A . n 
A 1 196 ARG 196 196 196 ARG ARG A . n 
A 1 197 THR 197 197 197 THR THR A . n 
A 1 198 LEU 198 198 198 LEU LEU A . n 
A 1 199 GLY 199 199 199 GLY GLY A . n 
A 1 200 GLN 200 200 200 GLN GLN A . n 
A 1 201 ARG 201 201 201 ARG ARG A . n 
A 1 202 VAL 202 202 202 VAL VAL A . n 
A 1 203 GLN 203 203 203 GLN GLN A . n 
A 1 204 GLN 204 204 204 GLN GLN A . n 
A 1 205 ALA 205 205 205 ALA ALA A . n 
A 1 206 SER 206 206 206 SER SER A . n 
A 1 207 VAL 207 207 207 VAL VAL A . n 
A 1 208 GLU 208 208 208 GLU GLU A . n 
A 1 209 GLU 209 209 209 GLU GLU A . n 
A 1 210 LYS 210 210 210 LYS LYS A . n 
A 1 211 MET 211 211 211 MET MET A . n 
A 1 212 GLN 212 212 212 GLN GLN A . n 
A 1 213 ALA 213 213 213 ALA ALA A . n 
A 1 214 CYS 214 214 214 CYS CYS A . n 
A 1 215 ARG 215 215 ?   ?   ?   A . n 
A 1 216 ASP 216 216 ?   ?   ?   A . n 
A 1 217 VAL 217 217 ?   ?   ?   A . n 
A 1 218 GLY 218 218 ?   ?   ?   A . n 
A 1 219 SER 219 219 ?   ?   ?   A . n 
A 1 220 GLU 220 220 ?   ?   ?   A . n 
A 1 221 GLY 221 221 ?   ?   ?   A . n 
A 1 222 PHE 222 222 ?   ?   ?   A . n 
A 1 223 HIS 223 223 ?   ?   ?   A . n 
A 1 224 HIS 224 224 ?   ?   ?   A . n 
A 1 225 HIS 225 225 ?   ?   ?   A . n 
A 1 226 HIS 226 226 ?   ?   ?   A . n 
A 1 227 HIS 227 227 ?   ?   ?   A . n 
A 1 228 HIS 228 228 ?   ?   ?   A . n 
# 
_cell.angle_alpha                  90.00 
_cell.angle_alpha_esd              ? 
_cell.angle_beta                   90.00 
_cell.angle_beta_esd               ? 
_cell.angle_gamma                  90.00 
_cell.angle_gamma_esd              ? 
_cell.entry_id                     9MKR 
_cell.details                      ? 
_cell.formula_units_Z              ? 
_cell.length_a                     1.00 
_cell.length_a_esd                 ? 
_cell.length_b                     1.00 
_cell.length_b_esd                 ? 
_cell.length_c                     1.00 
_cell.length_c_esd                 ? 
_cell.volume                       ? 
_cell.volume_esd                   ? 
_cell.Z_PDB                        ? 
_cell.reciprocal_angle_alpha       ? 
_cell.reciprocal_angle_beta        ? 
_cell.reciprocal_angle_gamma       ? 
_cell.reciprocal_angle_alpha_esd   ? 
_cell.reciprocal_angle_beta_esd    ? 
_cell.reciprocal_angle_gamma_esd   ? 
_cell.reciprocal_length_a          ? 
_cell.reciprocal_length_b          ? 
_cell.reciprocal_length_c          ? 
_cell.reciprocal_length_a_esd      ? 
_cell.reciprocal_length_b_esd      ? 
_cell.reciprocal_length_c_esd      ? 
_cell.pdbx_unique_axis             ? 
_cell.pdbx_esd_method              ? 
# 
_symmetry.entry_id                         9MKR 
_symmetry.cell_setting                     ? 
_symmetry.Int_Tables_number                1 
_symmetry.space_group_name_Hall            ? 
_symmetry.space_group_name_H-M             'P 1' 
_symmetry.pdbx_full_space_group_name_H-M   ? 
# 
_exptl.absorpt_coefficient_mu     ? 
_exptl.absorpt_correction_T_max   ? 
_exptl.absorpt_correction_T_min   ? 
_exptl.absorpt_correction_type    ? 
_exptl.absorpt_process_details    ? 
_exptl.entry_id                   9MKR 
_exptl.crystals_number            ? 
_exptl.details                    ? 
_exptl.method                     'ELECTRON MICROSCOPY' 
_exptl.method_details             ? 
# 
_struct.entry_id                     9MKR 
_struct.title                        'CAEV CA Hexamer Assembled via Liposome Templating' 
_struct.pdbx_model_details           ? 
_struct.pdbx_formula_weight          ? 
_struct.pdbx_formula_weight_method   ? 
_struct.pdbx_model_type_details      ? 
_struct.pdbx_CASP_flag               N 
# 
_struct_keywords.entry_id        9MKR 
_struct_keywords.text            'CAEV, Capsid, Hexamer, Viral Protein' 
_struct_keywords.pdbx_keywords   'VIRAL PROTEIN' 
# 
_struct_asym.id                            A 
_struct_asym.pdbx_blank_PDB_chainid_flag   N 
_struct_asym.pdbx_modified                 N 
_struct_asym.entity_id                     1 
_struct_asym.details                       ? 
# 
_struct_ref.id                         1 
_struct_ref.db_name                    UNP 
_struct_ref.db_code                    GAG_CAEVC 
_struct_ref.pdbx_db_accession          P33458 
_struct_ref.pdbx_db_isoform            ? 
_struct_ref.entity_id                  1 
_struct_ref.pdbx_seq_one_letter_code   
;PIVVQAAGGRSWKAVDSVMFQQLQTVAMQHGLVSEDFERQLAYYATTWTSKDILEVLAMMPGNRAQKELIQGKLNEEAER
WRRNNPPPPAGGGLTVDQIMGVGQTNQAAAQANMDQARQICLQWVINALRAVRHMAHRPGNPMLVKQKTNEPYEDFAARL
LEAIDAEPVTQPIKDYLKLTLSYTNASADCQKQMDRTLGQRVQQASVEEKMQACRDVGSEGF
;
_struct_ref.pdbx_align_begin           137 
# 
_struct_ref_seq.align_id                      1 
_struct_ref_seq.ref_id                        1 
_struct_ref_seq.pdbx_PDB_id_code              9MKR 
_struct_ref_seq.pdbx_strand_id                A 
_struct_ref_seq.seq_align_beg                 1 
_struct_ref_seq.pdbx_seq_align_beg_ins_code   ? 
_struct_ref_seq.seq_align_end                 222 
_struct_ref_seq.pdbx_seq_align_end_ins_code   ? 
_struct_ref_seq.pdbx_db_accession             P33458 
_struct_ref_seq.db_align_beg                  137 
_struct_ref_seq.pdbx_db_align_beg_ins_code    ? 
_struct_ref_seq.db_align_end                  358 
_struct_ref_seq.pdbx_db_align_end_ins_code    ? 
_struct_ref_seq.pdbx_auth_seq_align_beg       1 
_struct_ref_seq.pdbx_auth_seq_align_end       222 
# 
loop_
_struct_ref_seq_dif.align_id 
_struct_ref_seq_dif.pdbx_pdb_id_code 
_struct_ref_seq_dif.mon_id 
_struct_ref_seq_dif.pdbx_pdb_strand_id 
_struct_ref_seq_dif.seq_num 
_struct_ref_seq_dif.pdbx_pdb_ins_code 
_struct_ref_seq_dif.pdbx_seq_db_name 
_struct_ref_seq_dif.pdbx_seq_db_accession_code 
_struct_ref_seq_dif.db_mon_id 
_struct_ref_seq_dif.pdbx_seq_db_seq_num 
_struct_ref_seq_dif.details 
_struct_ref_seq_dif.pdbx_auth_seq_num 
_struct_ref_seq_dif.pdbx_ordinal 
1 9MKR HIS A 223 ? UNP P33458 ? ? 'expression tag' 223 1 
1 9MKR HIS A 224 ? UNP P33458 ? ? 'expression tag' 224 2 
1 9MKR HIS A 225 ? UNP P33458 ? ? 'expression tag' 225 3 
1 9MKR HIS A 226 ? UNP P33458 ? ? 'expression tag' 226 4 
1 9MKR HIS A 227 ? UNP P33458 ? ? 'expression tag' 227 5 
1 9MKR HIS A 228 ? UNP P33458 ? ? 'expression tag' 228 6 
# 
loop_
_pdbx_struct_assembly.id 
_pdbx_struct_assembly.details 
_pdbx_struct_assembly.method_details 
_pdbx_struct_assembly.oligomeric_details 
_pdbx_struct_assembly.oligomeric_count 
1 'complete point assembly'                ? hexameric 6 
2 'point asymmetric unit'                  ? monomeric 1 
3 'point asymmetric unit, std point frame' ? monomeric 1 
# 
loop_
_pdbx_struct_assembly_gen.assembly_id 
_pdbx_struct_assembly_gen.oper_expression 
_pdbx_struct_assembly_gen.asym_id_list 
1 '(1-6)' A 
2 1       A 
3 P       A 
# 
_pdbx_struct_assembly_auth_evidence.id                     1 
_pdbx_struct_assembly_auth_evidence.assembly_id            1 
_pdbx_struct_assembly_auth_evidence.experimental_support   'electron microscopy' 
_pdbx_struct_assembly_auth_evidence.details                'Hexameric lattice is found in C1 symmetry.' 
# 
loop_
_pdbx_struct_oper_list.id 
_pdbx_struct_oper_list.type 
_pdbx_struct_oper_list.name 
_pdbx_struct_oper_list.symmetry_operation 
_pdbx_struct_oper_list.matrix[1][1] 
_pdbx_struct_oper_list.matrix[1][2] 
_pdbx_struct_oper_list.matrix[1][3] 
_pdbx_struct_oper_list.vector[1] 
_pdbx_struct_oper_list.matrix[2][1] 
_pdbx_struct_oper_list.matrix[2][2] 
_pdbx_struct_oper_list.matrix[2][3] 
_pdbx_struct_oper_list.vector[2] 
_pdbx_struct_oper_list.matrix[3][1] 
_pdbx_struct_oper_list.matrix[3][2] 
_pdbx_struct_oper_list.matrix[3][3] 
_pdbx_struct_oper_list.vector[3] 
P 'transform to point frame' ?     ?     0.25200670 -0.15525634 0.95519008  29.38336  0.07942157  0.98703491  0.13947869  -0.00190  -0.96446091 0.04071313  0.26107011  0.00000   
1 'identity operation'       1_555 x,y,z 1.00000000 0.00000000  0.00000000  0.00000   0.00000000  1.00000000  0.00000000  0.00000   0.00000000  0.00000000  1.00000000  0.00000   
2 'point symmetry operation' ?     ?     0.96509242 -0.24572646 -0.09063735 -1.68089  0.20646024  0.50082878  0.84056213  27.39848  -0.16115456 -0.82993315 0.53407880  -10.48237 
3 'point symmetry operation' ?     ?     0.89527726 -0.28499268 -0.34242927 -9.08555  0.16719401  -0.49751366 0.85119111  31.96230  -0.41294648 -0.81930417 -0.39776360 -38.54880 
4 'point symmetry operation' ?     ?     0.86036968 -0.07853244 -0.50358383 -14.80931 -0.07853244 -0.99668488 0.02125796  9.12765   -0.50358383 0.02125796  -0.86368480 -56.13287 
5 'point symmetry operation' ?     ?     0.89527726 0.16719401  -0.41294648 -13.12841 -0.28499268 -0.49751366 -0.81930417 -18.27082 -0.34242927 0.85119111  -0.39776360 -45.65049 
6 'point symmetry operation' ?     ?     0.96509242 0.20646024  -0.16115456 -5.72376  -0.24572646 0.50082878  -0.82993315 -22.83465 -0.09063735 0.84056213  0.53407880  -17.58407   
# 
loop_
_struct_conf.conf_type_id 
_struct_conf.id 
_struct_conf.pdbx_PDB_helix_id 
_struct_conf.beg_label_comp_id 
_struct_conf.beg_label_asym_id 
_struct_conf.beg_label_seq_id 
_struct_conf.pdbx_beg_PDB_ins_code 
_struct_conf.end_label_comp_id 
_struct_conf.end_label_asym_id 
_struct_conf.end_label_seq_id 
_struct_conf.pdbx_end_PDB_ins_code 
_struct_conf.beg_auth_comp_id 
_struct_conf.beg_auth_asym_id 
_struct_conf.beg_auth_seq_id 
_struct_conf.end_auth_comp_id 
_struct_conf.end_auth_asym_id 
_struct_conf.end_auth_seq_id 
_struct_conf.pdbx_PDB_helix_class 
_struct_conf.details 
_struct_conf.pdbx_PDB_helix_length 
HELX_P HELX_P1  AA1 ASP A 16  ? HIS A 30  ? ASP A 16  HIS A 30  1 ? 15 
HELX_P HELX_P2  AA2 SER A 34  ? ALA A 45  ? SER A 34  ALA A 45  1 ? 12 
HELX_P HELX_P3  AA3 THR A 49  ? MET A 59  ? THR A 49  MET A 59  1 ? 11 
HELX_P HELX_P4  AA4 ASN A 63  ? ASN A 85  ? ASN A 63  ASN A 85  1 ? 23 
HELX_P HELX_P5  AA5 PRO A 88  ? GLY A 92  ? PRO A 88  GLY A 92  5 ? 5  
HELX_P HELX_P6  AA6 THR A 95  ? GLY A 101 ? THR A 95  GLY A 101 1 ? 7  
HELX_P HELX_P7  AA7 GLN A 111 ? ASN A 113 ? GLN A 111 ASN A 113 5 ? 3  
HELX_P HELX_P8  AA8 MET A 114 ? ALA A 136 ? MET A 114 ALA A 136 1 ? 23 
HELX_P HELX_P9  AA9 GLY A 140 ? VAL A 145 ? GLY A 140 VAL A 145 1 ? 6  
HELX_P HELX_P10 AB1 PRO A 152 ? GLU A 167 ? PRO A 152 GLU A 167 1 ? 16 
HELX_P HELX_P11 AB2 THR A 170 ? ALA A 186 ? THR A 170 ALA A 186 1 ? 17 
HELX_P HELX_P12 AB3 SER A 187 ? GLY A 199 ? SER A 187 GLY A 199 1 ? 13 
HELX_P HELX_P13 AB4 SER A 206 ? ALA A 213 ? SER A 206 ALA A 213 1 ? 8  
# 
_struct_conf_type.id          HELX_P 
_struct_conf_type.criteria    ? 
_struct_conf_type.reference   ? 
# 
_struct_conn.id                            disulf1 
_struct_conn.conn_type_id                  disulf 
_struct_conn.pdbx_leaving_atom_flag        ? 
_struct_conn.pdbx_PDB_id                   ? 
_struct_conn.ptnr1_label_asym_id           A 
_struct_conn.ptnr1_label_comp_id           CYS 
_struct_conn.ptnr1_label_seq_id            190 
_struct_conn.ptnr1_label_atom_id           SG 
_struct_conn.pdbx_ptnr1_label_alt_id       ? 
_struct_conn.pdbx_ptnr1_PDB_ins_code       ? 
_struct_conn.pdbx_ptnr1_standard_comp_id   ? 
_struct_conn.ptnr1_symmetry                1_555 
_struct_conn.ptnr2_label_asym_id           A 
_struct_conn.ptnr2_label_comp_id           CYS 
_struct_conn.ptnr2_label_seq_id            214 
_struct_conn.ptnr2_label_atom_id           SG 
_struct_conn.pdbx_ptnr2_label_alt_id       ? 
_struct_conn.pdbx_ptnr2_PDB_ins_code       ? 
_struct_conn.ptnr1_auth_asym_id            A 
_struct_conn.ptnr1_auth_comp_id            CYS 
_struct_conn.ptnr1_auth_seq_id             190 
_struct_conn.ptnr2_auth_asym_id            A 
_struct_conn.ptnr2_auth_comp_id            CYS 
_struct_conn.ptnr2_auth_seq_id             214 
_struct_conn.ptnr2_symmetry                1_555 
_struct_conn.pdbx_ptnr3_label_atom_id      ? 
_struct_conn.pdbx_ptnr3_label_seq_id       ? 
_struct_conn.pdbx_ptnr3_label_comp_id      ? 
_struct_conn.pdbx_ptnr3_label_asym_id      ? 
_struct_conn.pdbx_ptnr3_label_alt_id       ? 
_struct_conn.pdbx_ptnr3_PDB_ins_code       ? 
_struct_conn.details                       ? 
_struct_conn.pdbx_dist_value               2.032 
_struct_conn.pdbx_value_order              ? 
_struct_conn.pdbx_role                     ? 
# 
_struct_conn_type.id          disulf 
_struct_conn_type.criteria    ? 
_struct_conn_type.reference   ? 
# 
_pdbx_modification_feature.ordinal                            1 
_pdbx_modification_feature.label_comp_id                      CYS 
_pdbx_modification_feature.label_asym_id                      A 
_pdbx_modification_feature.label_seq_id                       190 
_pdbx_modification_feature.label_alt_id                       ? 
_pdbx_modification_feature.modified_residue_label_comp_id     CYS 
_pdbx_modification_feature.modified_residue_label_asym_id     A 
_pdbx_modification_feature.modified_residue_label_seq_id      214 
_pdbx_modification_feature.modified_residue_label_alt_id      ? 
_pdbx_modification_feature.auth_comp_id                       CYS 
_pdbx_modification_feature.auth_asym_id                       A 
_pdbx_modification_feature.auth_seq_id                        190 
_pdbx_modification_feature.PDB_ins_code                       ? 
_pdbx_modification_feature.symmetry                           1_555 
_pdbx_modification_feature.modified_residue_auth_comp_id      CYS 
_pdbx_modification_feature.modified_residue_auth_asym_id      A 
_pdbx_modification_feature.modified_residue_auth_seq_id       214 
_pdbx_modification_feature.modified_residue_PDB_ins_code      ? 
_pdbx_modification_feature.modified_residue_symmetry          1_555 
_pdbx_modification_feature.comp_id_linking_atom               SG 
_pdbx_modification_feature.modified_residue_id_linking_atom   SG 
_pdbx_modification_feature.modified_residue_id                . 
_pdbx_modification_feature.ref_pcm_id                         . 
_pdbx_modification_feature.ref_comp_id                        . 
_pdbx_modification_feature.type                               None 
_pdbx_modification_feature.category                           'Disulfide bridge' 
# 
_struct_sheet.id               AA1 
_struct_sheet.type             ? 
_struct_sheet.number_strands   2 
_struct_sheet.details          ? 
# 
_struct_sheet_order.sheet_id     AA1 
_struct_sheet_order.range_id_1   1 
_struct_sheet_order.range_id_2   2 
_struct_sheet_order.offset       ? 
_struct_sheet_order.sense        anti-parallel 
# 
loop_
_struct_sheet_range.sheet_id 
_struct_sheet_range.id 
_struct_sheet_range.beg_label_comp_id 
_struct_sheet_range.beg_label_asym_id 
_struct_sheet_range.beg_label_seq_id 
_struct_sheet_range.pdbx_beg_PDB_ins_code 
_struct_sheet_range.end_label_comp_id 
_struct_sheet_range.end_label_asym_id 
_struct_sheet_range.end_label_seq_id 
_struct_sheet_range.pdbx_end_PDB_ins_code 
_struct_sheet_range.beg_auth_comp_id 
_struct_sheet_range.beg_auth_asym_id 
_struct_sheet_range.beg_auth_seq_id 
_struct_sheet_range.end_auth_comp_id 
_struct_sheet_range.end_auth_asym_id 
_struct_sheet_range.end_auth_seq_id 
AA1 1 ILE A 2  ? VAL A 4  ? ILE A 2  VAL A 4  
AA1 2 ARG A 10 ? TRP A 12 ? ARG A 10 TRP A 12 
# 
_pdbx_struct_sheet_hbond.sheet_id                AA1 
_pdbx_struct_sheet_hbond.range_id_1              1 
_pdbx_struct_sheet_hbond.range_id_2              2 
_pdbx_struct_sheet_hbond.range_1_label_atom_id   N 
_pdbx_struct_sheet_hbond.range_1_label_comp_id   VAL 
_pdbx_struct_sheet_hbond.range_1_label_asym_id   A 
_pdbx_struct_sheet_hbond.range_1_label_seq_id    3 
_pdbx_struct_sheet_hbond.range_1_PDB_ins_code    ? 
_pdbx_struct_sheet_hbond.range_1_auth_atom_id    N 
_pdbx_struct_sheet_hbond.range_1_auth_comp_id    VAL 
_pdbx_struct_sheet_hbond.range_1_auth_asym_id    A 
_pdbx_struct_sheet_hbond.range_1_auth_seq_id     3 
_pdbx_struct_sheet_hbond.range_2_label_atom_id   O 
_pdbx_struct_sheet_hbond.range_2_label_comp_id   SER 
_pdbx_struct_sheet_hbond.range_2_label_asym_id   A 
_pdbx_struct_sheet_hbond.range_2_label_seq_id    11 
_pdbx_struct_sheet_hbond.range_2_PDB_ins_code    ? 
_pdbx_struct_sheet_hbond.range_2_auth_atom_id    O 
_pdbx_struct_sheet_hbond.range_2_auth_comp_id    SER 
_pdbx_struct_sheet_hbond.range_2_auth_asym_id    A 
_pdbx_struct_sheet_hbond.range_2_auth_seq_id     11 
# 
_pdbx_entry_details.entry_id                   9MKR 
_pdbx_entry_details.nonpolymer_details         ? 
_pdbx_entry_details.sequence_details           ? 
_pdbx_entry_details.compound_details           ? 
_pdbx_entry_details.source_details             ? 
_pdbx_entry_details.has_ligand_of_interest     ? 
_pdbx_entry_details.has_protein_modification   Y 
# 
loop_
_pdbx_validate_torsion.id 
_pdbx_validate_torsion.PDB_model_num 
_pdbx_validate_torsion.auth_comp_id 
_pdbx_validate_torsion.auth_asym_id 
_pdbx_validate_torsion.auth_seq_id 
_pdbx_validate_torsion.PDB_ins_code 
_pdbx_validate_torsion.label_alt_id 
_pdbx_validate_torsion.phi 
_pdbx_validate_torsion.psi 
1 1 HIS A 30  ? ? -106.20 -111.32 
2 1 ALA A 90  ? ? 83.26   5.76    
3 1 THR A 170 ? ? -49.38  157.44  
4 1 ARG A 201 ? ? -76.13  40.35   
# 
_pdbx_point_symmetry.entry_id             9MKR 
_pdbx_point_symmetry.Schoenflies_symbol   C 
_pdbx_point_symmetry.circular_symmetry    6 
# 
_em_3d_fitting.id                1 
_em_3d_fitting.entry_id          9MKR 
_em_3d_fitting.method            ? 
_em_3d_fitting.target_criteria   ? 
_em_3d_fitting.details           ? 
_em_3d_fitting.overall_b_value   ? 
_em_3d_fitting.ref_space         ? 
_em_3d_fitting.ref_protocol      ? 
# 
_em_3d_fitting_list.id                            1 
_em_3d_fitting_list.3d_fitting_id                 1 
_em_3d_fitting_list.pdb_entry_id                  . 
_em_3d_fitting_list.pdb_chain_id                  . 
_em_3d_fitting_list.pdb_chain_residue_range       . 
_em_3d_fitting_list.details                       ModelAngelo 
_em_3d_fitting_list.chain_id                      ? 
_em_3d_fitting_list.chain_residue_range           ? 
_em_3d_fitting_list.source_name                   Other 
_em_3d_fitting_list.type                          'in silico model' 
_em_3d_fitting_list.accession_code                ? 
_em_3d_fitting_list.initial_refinement_model_id   ? 
# 
_em_3d_reconstruction.entry_id                    9MKR 
_em_3d_reconstruction.id                          1 
_em_3d_reconstruction.method                      ? 
_em_3d_reconstruction.algorithm                   ? 
_em_3d_reconstruction.citation_id                 ? 
_em_3d_reconstruction.details                     ? 
_em_3d_reconstruction.resolution                  3.0 
_em_3d_reconstruction.resolution_method           'FSC 0.143 CUT-OFF' 
_em_3d_reconstruction.magnification_calibration   ? 
_em_3d_reconstruction.nominal_pixel_size          ? 
_em_3d_reconstruction.actual_pixel_size           ? 
_em_3d_reconstruction.num_particles               699313 
_em_3d_reconstruction.euler_angles_details        ? 
_em_3d_reconstruction.num_class_averages          ? 
_em_3d_reconstruction.refinement_type             ? 
_em_3d_reconstruction.image_processing_id         1 
_em_3d_reconstruction.symmetry_type               POINT 
# 
_em_buffer.id            1 
_em_buffer.specimen_id   1 
_em_buffer.name          ? 
_em_buffer.details       ? 
_em_buffer.pH            8 
# 
_em_entity_assembly.id                   1 
_em_entity_assembly.parent_id            0 
_em_entity_assembly.source               RECOMBINANT 
_em_entity_assembly.type                 VIRUS 
_em_entity_assembly.name                 'Caprine arthritis encephalitis virus strain Cork' 
_em_entity_assembly.details              ? 
_em_entity_assembly.synonym              ? 
_em_entity_assembly.oligomeric_details   ? 
_em_entity_assembly.entity_id_list       1 
# 
_em_imaging.entry_id                        9MKR 
_em_imaging.id                              1 
_em_imaging.astigmatism                     ? 
_em_imaging.electron_beam_tilt_params       ? 
_em_imaging.residual_tilt                   ? 
_em_imaging.microscope_model                'TFS KRIOS' 
_em_imaging.specimen_holder_type            ? 
_em_imaging.specimen_holder_model           ? 
_em_imaging.details                         ? 
_em_imaging.date                            ? 
_em_imaging.accelerating_voltage            300 
_em_imaging.illumination_mode               'FLOOD BEAM' 
_em_imaging.mode                            'BRIGHT FIELD' 
_em_imaging.nominal_cs                      2.7 
_em_imaging.nominal_defocus_min             500 
_em_imaging.nominal_defocus_max             2800 
_em_imaging.calibrated_defocus_min          ? 
_em_imaging.calibrated_defocus_max          ? 
_em_imaging.tilt_angle_min                  ? 
_em_imaging.tilt_angle_max                  ? 
_em_imaging.nominal_magnification           ? 
_em_imaging.calibrated_magnification        ? 
_em_imaging.electron_source                 'FIELD EMISSION GUN' 
_em_imaging.citation_id                     ? 
_em_imaging.temperature                     ? 
_em_imaging.detector_distance               ? 
_em_imaging.recording_temperature_minimum   ? 
_em_imaging.recording_temperature_maximum   ? 
_em_imaging.alignment_procedure             ? 
_em_imaging.c2_aperture_diameter            ? 
_em_imaging.specimen_id                     1 
_em_imaging.cryogen                         ? 
# 
_em_virus_entity.id                    1 
_em_virus_entity.virus_host_category   ? 
_em_virus_entity.virus_type            'VIRUS-LIKE PARTICLE' 
_em_virus_entity.virus_isolate         STRAIN 
_em_virus_entity.entity_assembly_id    1 
_em_virus_entity.enveloped             NO 
_em_virus_entity.empty                 YES 
_em_virus_entity.details               ? 
# 
_em_vitrification.entry_id              9MKR 
_em_vitrification.id                    1 
_em_vitrification.specimen_id           1 
_em_vitrification.cryogen_name          ETHANE 
_em_vitrification.humidity              ? 
_em_vitrification.temp                  ? 
_em_vitrification.chamber_temperature   ? 
_em_vitrification.instrument            ? 
_em_vitrification.method                ? 
_em_vitrification.time_resolved_state   ? 
_em_vitrification.citation_id           ? 
_em_vitrification.details               ? 
# 
_em_experiment.entry_id                9MKR 
_em_experiment.id                      1 
_em_experiment.reconstruction_method   'SINGLE PARTICLE' 
_em_experiment.aggregation_state       PARTICLE 
_em_experiment.entity_assembly_id      1 
# 
loop_
_pdbx_unobs_or_zero_occ_residues.id 
_pdbx_unobs_or_zero_occ_residues.PDB_model_num 
_pdbx_unobs_or_zero_occ_residues.polymer_flag 
_pdbx_unobs_or_zero_occ_residues.occupancy_flag 
_pdbx_unobs_or_zero_occ_residues.auth_asym_id 
_pdbx_unobs_or_zero_occ_residues.auth_comp_id 
_pdbx_unobs_or_zero_occ_residues.auth_seq_id 
_pdbx_unobs_or_zero_occ_residues.PDB_ins_code 
_pdbx_unobs_or_zero_occ_residues.label_asym_id 
_pdbx_unobs_or_zero_occ_residues.label_comp_id 
_pdbx_unobs_or_zero_occ_residues.label_seq_id 
1  1 Y 1 A ARG 215 ? A ARG 215 
2  1 Y 1 A ASP 216 ? A ASP 216 
3  1 Y 1 A VAL 217 ? A VAL 217 
4  1 Y 1 A GLY 218 ? A GLY 218 
5  1 Y 1 A SER 219 ? A SER 219 
6  1 Y 1 A GLU 220 ? A GLU 220 
7  1 Y 1 A GLY 221 ? A GLY 221 
8  1 Y 1 A PHE 222 ? A PHE 222 
9  1 Y 1 A HIS 223 ? A HIS 223 
10 1 Y 1 A HIS 224 ? A HIS 224 
11 1 Y 1 A HIS 225 ? A HIS 225 
12 1 Y 1 A HIS 226 ? A HIS 226 
13 1 Y 1 A HIS 227 ? A HIS 227 
14 1 Y 1 A HIS 228 ? A HIS 228 
# 
loop_
_chem_comp_atom.comp_id 
_chem_comp_atom.atom_id 
_chem_comp_atom.type_symbol 
_chem_comp_atom.pdbx_aromatic_flag 
_chem_comp_atom.pdbx_stereo_config 
_chem_comp_atom.pdbx_ordinal 
ALA N    N N N 1   
ALA CA   C N S 2   
ALA C    C N N 3   
ALA O    O N N 4   
ALA CB   C N N 5   
ALA OXT  O N N 6   
ALA H    H N N 7   
ALA H2   H N N 8   
ALA HA   H N N 9   
ALA HB1  H N N 10  
ALA HB2  H N N 11  
ALA HB3  H N N 12  
ALA HXT  H N N 13  
ARG N    N N N 14  
ARG CA   C N S 15  
ARG C    C N N 16  
ARG O    O N N 17  
ARG CB   C N N 18  
ARG CG   C N N 19  
ARG CD   C N N 20  
ARG NE   N N N 21  
ARG CZ   C N N 22  
ARG NH1  N N N 23  
ARG NH2  N N N 24  
ARG OXT  O N N 25  
ARG H    H N N 26  
ARG H2   H N N 27  
ARG HA   H N N 28  
ARG HB2  H N N 29  
ARG HB3  H N N 30  
ARG HG2  H N N 31  
ARG HG3  H N N 32  
ARG HD2  H N N 33  
ARG HD3  H N N 34  
ARG HE   H N N 35  
ARG HH11 H N N 36  
ARG HH12 H N N 37  
ARG HH21 H N N 38  
ARG HH22 H N N 39  
ARG HXT  H N N 40  
ASN N    N N N 41  
ASN CA   C N S 42  
ASN C    C N N 43  
ASN O    O N N 44  
ASN CB   C N N 45  
ASN CG   C N N 46  
ASN OD1  O N N 47  
ASN ND2  N N N 48  
ASN OXT  O N N 49  
ASN H    H N N 50  
ASN H2   H N N 51  
ASN HA   H N N 52  
ASN HB2  H N N 53  
ASN HB3  H N N 54  
ASN HD21 H N N 55  
ASN HD22 H N N 56  
ASN HXT  H N N 57  
ASP N    N N N 58  
ASP CA   C N S 59  
ASP C    C N N 60  
ASP O    O N N 61  
ASP CB   C N N 62  
ASP CG   C N N 63  
ASP OD1  O N N 64  
ASP OD2  O N N 65  
ASP OXT  O N N 66  
ASP H    H N N 67  
ASP H2   H N N 68  
ASP HA   H N N 69  
ASP HB2  H N N 70  
ASP HB3  H N N 71  
ASP HD2  H N N 72  
ASP HXT  H N N 73  
CYS N    N N N 74  
CYS CA   C N R 75  
CYS C    C N N 76  
CYS O    O N N 77  
CYS CB   C N N 78  
CYS SG   S N N 79  
CYS OXT  O N N 80  
CYS H    H N N 81  
CYS H2   H N N 82  
CYS HA   H N N 83  
CYS HB2  H N N 84  
CYS HB3  H N N 85  
CYS HG   H N N 86  
CYS HXT  H N N 87  
GLN N    N N N 88  
GLN CA   C N S 89  
GLN C    C N N 90  
GLN O    O N N 91  
GLN CB   C N N 92  
GLN CG   C N N 93  
GLN CD   C N N 94  
GLN OE1  O N N 95  
GLN NE2  N N N 96  
GLN OXT  O N N 97  
GLN H    H N N 98  
GLN H2   H N N 99  
GLN HA   H N N 100 
GLN HB2  H N N 101 
GLN HB3  H N N 102 
GLN HG2  H N N 103 
GLN HG3  H N N 104 
GLN HE21 H N N 105 
GLN HE22 H N N 106 
GLN HXT  H N N 107 
GLU N    N N N 108 
GLU CA   C N S 109 
GLU C    C N N 110 
GLU O    O N N 111 
GLU CB   C N N 112 
GLU CG   C N N 113 
GLU CD   C N N 114 
GLU OE1  O N N 115 
GLU OE2  O N N 116 
GLU OXT  O N N 117 
GLU H    H N N 118 
GLU H2   H N N 119 
GLU HA   H N N 120 
GLU HB2  H N N 121 
GLU HB3  H N N 122 
GLU HG2  H N N 123 
GLU HG3  H N N 124 
GLU HE2  H N N 125 
GLU HXT  H N N 126 
GLY N    N N N 127 
GLY CA   C N N 128 
GLY C    C N N 129 
GLY O    O N N 130 
GLY OXT  O N N 131 
GLY H    H N N 132 
GLY H2   H N N 133 
GLY HA2  H N N 134 
GLY HA3  H N N 135 
GLY HXT  H N N 136 
HIS N    N N N 137 
HIS CA   C N S 138 
HIS C    C N N 139 
HIS O    O N N 140 
HIS CB   C N N 141 
HIS CG   C Y N 142 
HIS ND1  N Y N 143 
HIS CD2  C Y N 144 
HIS CE1  C Y N 145 
HIS NE2  N Y N 146 
HIS OXT  O N N 147 
HIS H    H N N 148 
HIS H2   H N N 149 
HIS HA   H N N 150 
HIS HB2  H N N 151 
HIS HB3  H N N 152 
HIS HD1  H N N 153 
HIS HD2  H N N 154 
HIS HE1  H N N 155 
HIS HE2  H N N 156 
HIS HXT  H N N 157 
ILE N    N N N 158 
ILE CA   C N S 159 
ILE C    C N N 160 
ILE O    O N N 161 
ILE CB   C N S 162 
ILE CG1  C N N 163 
ILE CG2  C N N 164 
ILE CD1  C N N 165 
ILE OXT  O N N 166 
ILE H    H N N 167 
ILE H2   H N N 168 
ILE HA   H N N 169 
ILE HB   H N N 170 
ILE HG12 H N N 171 
ILE HG13 H N N 172 
ILE HG21 H N N 173 
ILE HG22 H N N 174 
ILE HG23 H N N 175 
ILE HD11 H N N 176 
ILE HD12 H N N 177 
ILE HD13 H N N 178 
ILE HXT  H N N 179 
LEU N    N N N 180 
LEU CA   C N S 181 
LEU C    C N N 182 
LEU O    O N N 183 
LEU CB   C N N 184 
LEU CG   C N N 185 
LEU CD1  C N N 186 
LEU CD2  C N N 187 
LEU OXT  O N N 188 
LEU H    H N N 189 
LEU H2   H N N 190 
LEU HA   H N N 191 
LEU HB2  H N N 192 
LEU HB3  H N N 193 
LEU HG   H N N 194 
LEU HD11 H N N 195 
LEU HD12 H N N 196 
LEU HD13 H N N 197 
LEU HD21 H N N 198 
LEU HD22 H N N 199 
LEU HD23 H N N 200 
LEU HXT  H N N 201 
LYS N    N N N 202 
LYS CA   C N S 203 
LYS C    C N N 204 
LYS O    O N N 205 
LYS CB   C N N 206 
LYS CG   C N N 207 
LYS CD   C N N 208 
LYS CE   C N N 209 
LYS NZ   N N N 210 
LYS OXT  O N N 211 
LYS H    H N N 212 
LYS H2   H N N 213 
LYS HA   H N N 214 
LYS HB2  H N N 215 
LYS HB3  H N N 216 
LYS HG2  H N N 217 
LYS HG3  H N N 218 
LYS HD2  H N N 219 
LYS HD3  H N N 220 
LYS HE2  H N N 221 
LYS HE3  H N N 222 
LYS HZ1  H N N 223 
LYS HZ2  H N N 224 
LYS HZ3  H N N 225 
LYS HXT  H N N 226 
MET N    N N N 227 
MET CA   C N S 228 
MET C    C N N 229 
MET O    O N N 230 
MET CB   C N N 231 
MET CG   C N N 232 
MET SD   S N N 233 
MET CE   C N N 234 
MET OXT  O N N 235 
MET H    H N N 236 
MET H2   H N N 237 
MET HA   H N N 238 
MET HB2  H N N 239 
MET HB3  H N N 240 
MET HG2  H N N 241 
MET HG3  H N N 242 
MET HE1  H N N 243 
MET HE2  H N N 244 
MET HE3  H N N 245 
MET HXT  H N N 246 
PHE N    N N N 247 
PHE CA   C N S 248 
PHE C    C N N 249 
PHE O    O N N 250 
PHE CB   C N N 251 
PHE CG   C Y N 252 
PHE CD1  C Y N 253 
PHE CD2  C Y N 254 
PHE CE1  C Y N 255 
PHE CE2  C Y N 256 
PHE CZ   C Y N 257 
PHE OXT  O N N 258 
PHE H    H N N 259 
PHE H2   H N N 260 
PHE HA   H N N 261 
PHE HB2  H N N 262 
PHE HB3  H N N 263 
PHE HD1  H N N 264 
PHE HD2  H N N 265 
PHE HE1  H N N 266 
PHE HE2  H N N 267 
PHE HZ   H N N 268 
PHE HXT  H N N 269 
PRO N    N N N 270 
PRO CA   C N S 271 
PRO C    C N N 272 
PRO O    O N N 273 
PRO CB   C N N 274 
PRO CG   C N N 275 
PRO CD   C N N 276 
PRO OXT  O N N 277 
PRO H    H N N 278 
PRO HA   H N N 279 
PRO HB2  H N N 280 
PRO HB3  H N N 281 
PRO HG2  H N N 282 
PRO HG3  H N N 283 
PRO HD2  H N N 284 
PRO HD3  H N N 285 
PRO HXT  H N N 286 
SER N    N N N 287 
SER CA   C N S 288 
SER C    C N N 289 
SER O    O N N 290 
SER CB   C N N 291 
SER OG   O N N 292 
SER OXT  O N N 293 
SER H    H N N 294 
SER H2   H N N 295 
SER HA   H N N 296 
SER HB2  H N N 297 
SER HB3  H N N 298 
SER HG   H N N 299 
SER HXT  H N N 300 
THR N    N N N 301 
THR CA   C N S 302 
THR C    C N N 303 
THR O    O N N 304 
THR CB   C N R 305 
THR OG1  O N N 306 
THR CG2  C N N 307 
THR OXT  O N N 308 
THR H    H N N 309 
THR H2   H N N 310 
THR HA   H N N 311 
THR HB   H N N 312 
THR HG1  H N N 313 
THR HG21 H N N 314 
THR HG22 H N N 315 
THR HG23 H N N 316 
THR HXT  H N N 317 
TRP N    N N N 318 
TRP CA   C N S 319 
TRP C    C N N 320 
TRP O    O N N 321 
TRP CB   C N N 322 
TRP CG   C Y N 323 
TRP CD1  C Y N 324 
TRP CD2  C Y N 325 
TRP NE1  N Y N 326 
TRP CE2  C Y N 327 
TRP CE3  C Y N 328 
TRP CZ2  C Y N 329 
TRP CZ3  C Y N 330 
TRP CH2  C Y N 331 
TRP OXT  O N N 332 
TRP H    H N N 333 
TRP H2   H N N 334 
TRP HA   H N N 335 
TRP HB2  H N N 336 
TRP HB3  H N N 337 
TRP HD1  H N N 338 
TRP HE1  H N N 339 
TRP HE3  H N N 340 
TRP HZ2  H N N 341 
TRP HZ3  H N N 342 
TRP HH2  H N N 343 
TRP HXT  H N N 344 
TYR N    N N N 345 
TYR CA   C N S 346 
TYR C    C N N 347 
TYR O    O N N 348 
TYR CB   C N N 349 
TYR CG   C Y N 350 
TYR CD1  C Y N 351 
TYR CD2  C Y N 352 
TYR CE1  C Y N 353 
TYR CE2  C Y N 354 
TYR CZ   C Y N 355 
TYR OH   O N N 356 
TYR OXT  O N N 357 
TYR H    H N N 358 
TYR H2   H N N 359 
TYR HA   H N N 360 
TYR HB2  H N N 361 
TYR HB3  H N N 362 
TYR HD1  H N N 363 
TYR HD2  H N N 364 
TYR HE1  H N N 365 
TYR HE2  H N N 366 
TYR HH   H N N 367 
TYR HXT  H N N 368 
VAL N    N N N 369 
VAL CA   C N S 370 
VAL C    C N N 371 
VAL O    O N N 372 
VAL CB   C N N 373 
VAL CG1  C N N 374 
VAL CG2  C N N 375 
VAL OXT  O N N 376 
VAL H    H N N 377 
VAL H2   H N N 378 
VAL HA   H N N 379 
VAL HB   H N N 380 
VAL HG11 H N N 381 
VAL HG12 H N N 382 
VAL HG13 H N N 383 
VAL HG21 H N N 384 
VAL HG22 H N N 385 
VAL HG23 H N N 386 
VAL HXT  H N N 387 
# 
loop_
_chem_comp_bond.comp_id 
_chem_comp_bond.atom_id_1 
_chem_comp_bond.atom_id_2 
_chem_comp_bond.value_order 
_chem_comp_bond.pdbx_aromatic_flag 
_chem_comp_bond.pdbx_stereo_config 
_chem_comp_bond.pdbx_ordinal 
ALA N   CA   sing N N 1   
ALA N   H    sing N N 2   
ALA N   H2   sing N N 3   
ALA CA  C    sing N N 4   
ALA CA  CB   sing N N 5   
ALA CA  HA   sing N N 6   
ALA C   O    doub N N 7   
ALA C   OXT  sing N N 8   
ALA CB  HB1  sing N N 9   
ALA CB  HB2  sing N N 10  
ALA CB  HB3  sing N N 11  
ALA OXT HXT  sing N N 12  
ARG N   CA   sing N N 13  
ARG N   H    sing N N 14  
ARG N   H2   sing N N 15  
ARG CA  C    sing N N 16  
ARG CA  CB   sing N N 17  
ARG CA  HA   sing N N 18  
ARG C   O    doub N N 19  
ARG C   OXT  sing N N 20  
ARG CB  CG   sing N N 21  
ARG CB  HB2  sing N N 22  
ARG CB  HB3  sing N N 23  
ARG CG  CD   sing N N 24  
ARG CG  HG2  sing N N 25  
ARG CG  HG3  sing N N 26  
ARG CD  NE   sing N N 27  
ARG CD  HD2  sing N N 28  
ARG CD  HD3  sing N N 29  
ARG NE  CZ   sing N N 30  
ARG NE  HE   sing N N 31  
ARG CZ  NH1  sing N N 32  
ARG CZ  NH2  doub N N 33  
ARG NH1 HH11 sing N N 34  
ARG NH1 HH12 sing N N 35  
ARG NH2 HH21 sing N N 36  
ARG NH2 HH22 sing N N 37  
ARG OXT HXT  sing N N 38  
ASN N   CA   sing N N 39  
ASN N   H    sing N N 40  
ASN N   H2   sing N N 41  
ASN CA  C    sing N N 42  
ASN CA  CB   sing N N 43  
ASN CA  HA   sing N N 44  
ASN C   O    doub N N 45  
ASN C   OXT  sing N N 46  
ASN CB  CG   sing N N 47  
ASN CB  HB2  sing N N 48  
ASN CB  HB3  sing N N 49  
ASN CG  OD1  doub N N 50  
ASN CG  ND2  sing N N 51  
ASN ND2 HD21 sing N N 52  
ASN ND2 HD22 sing N N 53  
ASN OXT HXT  sing N N 54  
ASP N   CA   sing N N 55  
ASP N   H    sing N N 56  
ASP N   H2   sing N N 57  
ASP CA  C    sing N N 58  
ASP CA  CB   sing N N 59  
ASP CA  HA   sing N N 60  
ASP C   O    doub N N 61  
ASP C   OXT  sing N N 62  
ASP CB  CG   sing N N 63  
ASP CB  HB2  sing N N 64  
ASP CB  HB3  sing N N 65  
ASP CG  OD1  doub N N 66  
ASP CG  OD2  sing N N 67  
ASP OD2 HD2  sing N N 68  
ASP OXT HXT  sing N N 69  
CYS N   CA   sing N N 70  
CYS N   H    sing N N 71  
CYS N   H2   sing N N 72  
CYS CA  C    sing N N 73  
CYS CA  CB   sing N N 74  
CYS CA  HA   sing N N 75  
CYS C   O    doub N N 76  
CYS C   OXT  sing N N 77  
CYS CB  SG   sing N N 78  
CYS CB  HB2  sing N N 79  
CYS CB  HB3  sing N N 80  
CYS SG  HG   sing N N 81  
CYS OXT HXT  sing N N 82  
GLN N   CA   sing N N 83  
GLN N   H    sing N N 84  
GLN N   H2   sing N N 85  
GLN CA  C    sing N N 86  
GLN CA  CB   sing N N 87  
GLN CA  HA   sing N N 88  
GLN C   O    doub N N 89  
GLN C   OXT  sing N N 90  
GLN CB  CG   sing N N 91  
GLN CB  HB2  sing N N 92  
GLN CB  HB3  sing N N 93  
GLN CG  CD   sing N N 94  
GLN CG  HG2  sing N N 95  
GLN CG  HG3  sing N N 96  
GLN CD  OE1  doub N N 97  
GLN CD  NE2  sing N N 98  
GLN NE2 HE21 sing N N 99  
GLN NE2 HE22 sing N N 100 
GLN OXT HXT  sing N N 101 
GLU N   CA   sing N N 102 
GLU N   H    sing N N 103 
GLU N   H2   sing N N 104 
GLU CA  C    sing N N 105 
GLU CA  CB   sing N N 106 
GLU CA  HA   sing N N 107 
GLU C   O    doub N N 108 
GLU C   OXT  sing N N 109 
GLU CB  CG   sing N N 110 
GLU CB  HB2  sing N N 111 
GLU CB  HB3  sing N N 112 
GLU CG  CD   sing N N 113 
GLU CG  HG2  sing N N 114 
GLU CG  HG3  sing N N 115 
GLU CD  OE1  doub N N 116 
GLU CD  OE2  sing N N 117 
GLU OE2 HE2  sing N N 118 
GLU OXT HXT  sing N N 119 
GLY N   CA   sing N N 120 
GLY N   H    sing N N 121 
GLY N   H2   sing N N 122 
GLY CA  C    sing N N 123 
GLY CA  HA2  sing N N 124 
GLY CA  HA3  sing N N 125 
GLY C   O    doub N N 126 
GLY C   OXT  sing N N 127 
GLY OXT HXT  sing N N 128 
HIS N   CA   sing N N 129 
HIS N   H    sing N N 130 
HIS N   H2   sing N N 131 
HIS CA  C    sing N N 132 
HIS CA  CB   sing N N 133 
HIS CA  HA   sing N N 134 
HIS C   O    doub N N 135 
HIS C   OXT  sing N N 136 
HIS CB  CG   sing N N 137 
HIS CB  HB2  sing N N 138 
HIS CB  HB3  sing N N 139 
HIS CG  ND1  sing Y N 140 
HIS CG  CD2  doub Y N 141 
HIS ND1 CE1  doub Y N 142 
HIS ND1 HD1  sing N N 143 
HIS CD2 NE2  sing Y N 144 
HIS CD2 HD2  sing N N 145 
HIS CE1 NE2  sing Y N 146 
HIS CE1 HE1  sing N N 147 
HIS NE2 HE2  sing N N 148 
HIS OXT HXT  sing N N 149 
ILE N   CA   sing N N 150 
ILE N   H    sing N N 151 
ILE N   H2   sing N N 152 
ILE CA  C    sing N N 153 
ILE CA  CB   sing N N 154 
ILE CA  HA   sing N N 155 
ILE C   O    doub N N 156 
ILE C   OXT  sing N N 157 
ILE CB  CG1  sing N N 158 
ILE CB  CG2  sing N N 159 
ILE CB  HB   sing N N 160 
ILE CG1 CD1  sing N N 161 
ILE CG1 HG12 sing N N 162 
ILE CG1 HG13 sing N N 163 
ILE CG2 HG21 sing N N 164 
ILE CG2 HG22 sing N N 165 
ILE CG2 HG23 sing N N 166 
ILE CD1 HD11 sing N N 167 
ILE CD1 HD12 sing N N 168 
ILE CD1 HD13 sing N N 169 
ILE OXT HXT  sing N N 170 
LEU N   CA   sing N N 171 
LEU N   H    sing N N 172 
LEU N   H2   sing N N 173 
LEU CA  C    sing N N 174 
LEU CA  CB   sing N N 175 
LEU CA  HA   sing N N 176 
LEU C   O    doub N N 177 
LEU C   OXT  sing N N 178 
LEU CB  CG   sing N N 179 
LEU CB  HB2  sing N N 180 
LEU CB  HB3  sing N N 181 
LEU CG  CD1  sing N N 182 
LEU CG  CD2  sing N N 183 
LEU CG  HG   sing N N 184 
LEU CD1 HD11 sing N N 185 
LEU CD1 HD12 sing N N 186 
LEU CD1 HD13 sing N N 187 
LEU CD2 HD21 sing N N 188 
LEU CD2 HD22 sing N N 189 
LEU CD2 HD23 sing N N 190 
LEU OXT HXT  sing N N 191 
LYS N   CA   sing N N 192 
LYS N   H    sing N N 193 
LYS N   H2   sing N N 194 
LYS CA  C    sing N N 195 
LYS CA  CB   sing N N 196 
LYS CA  HA   sing N N 197 
LYS C   O    doub N N 198 
LYS C   OXT  sing N N 199 
LYS CB  CG   sing N N 200 
LYS CB  HB2  sing N N 201 
LYS CB  HB3  sing N N 202 
LYS CG  CD   sing N N 203 
LYS CG  HG2  sing N N 204 
LYS CG  HG3  sing N N 205 
LYS CD  CE   sing N N 206 
LYS CD  HD2  sing N N 207 
LYS CD  HD3  sing N N 208 
LYS CE  NZ   sing N N 209 
LYS CE  HE2  sing N N 210 
LYS CE  HE3  sing N N 211 
LYS NZ  HZ1  sing N N 212 
LYS NZ  HZ2  sing N N 213 
LYS NZ  HZ3  sing N N 214 
LYS OXT HXT  sing N N 215 
MET N   CA   sing N N 216 
MET N   H    sing N N 217 
MET N   H2   sing N N 218 
MET CA  C    sing N N 219 
MET CA  CB   sing N N 220 
MET CA  HA   sing N N 221 
MET C   O    doub N N 222 
MET C   OXT  sing N N 223 
MET CB  CG   sing N N 224 
MET CB  HB2  sing N N 225 
MET CB  HB3  sing N N 226 
MET CG  SD   sing N N 227 
MET CG  HG2  sing N N 228 
MET CG  HG3  sing N N 229 
MET SD  CE   sing N N 230 
MET CE  HE1  sing N N 231 
MET CE  HE2  sing N N 232 
MET CE  HE3  sing N N 233 
MET OXT HXT  sing N N 234 
PHE N   CA   sing N N 235 
PHE N   H    sing N N 236 
PHE N   H2   sing N N 237 
PHE CA  C    sing N N 238 
PHE CA  CB   sing N N 239 
PHE CA  HA   sing N N 240 
PHE C   O    doub N N 241 
PHE C   OXT  sing N N 242 
PHE CB  CG   sing N N 243 
PHE CB  HB2  sing N N 244 
PHE CB  HB3  sing N N 245 
PHE CG  CD1  doub Y N 246 
PHE CG  CD2  sing Y N 247 
PHE CD1 CE1  sing Y N 248 
PHE CD1 HD1  sing N N 249 
PHE CD2 CE2  doub Y N 250 
PHE CD2 HD2  sing N N 251 
PHE CE1 CZ   doub Y N 252 
PHE CE1 HE1  sing N N 253 
PHE CE2 CZ   sing Y N 254 
PHE CE2 HE2  sing N N 255 
PHE CZ  HZ   sing N N 256 
PHE OXT HXT  sing N N 257 
PRO N   CA   sing N N 258 
PRO N   CD   sing N N 259 
PRO N   H    sing N N 260 
PRO CA  C    sing N N 261 
PRO CA  CB   sing N N 262 
PRO CA  HA   sing N N 263 
PRO C   O    doub N N 264 
PRO C   OXT  sing N N 265 
PRO CB  CG   sing N N 266 
PRO CB  HB2  sing N N 267 
PRO CB  HB3  sing N N 268 
PRO CG  CD   sing N N 269 
PRO CG  HG2  sing N N 270 
PRO CG  HG3  sing N N 271 
PRO CD  HD2  sing N N 272 
PRO CD  HD3  sing N N 273 
PRO OXT HXT  sing N N 274 
SER N   CA   sing N N 275 
SER N   H    sing N N 276 
SER N   H2   sing N N 277 
SER CA  C    sing N N 278 
SER CA  CB   sing N N 279 
SER CA  HA   sing N N 280 
SER C   O    doub N N 281 
SER C   OXT  sing N N 282 
SER CB  OG   sing N N 283 
SER CB  HB2  sing N N 284 
SER CB  HB3  sing N N 285 
SER OG  HG   sing N N 286 
SER OXT HXT  sing N N 287 
THR N   CA   sing N N 288 
THR N   H    sing N N 289 
THR N   H2   sing N N 290 
THR CA  C    sing N N 291 
THR CA  CB   sing N N 292 
THR CA  HA   sing N N 293 
THR C   O    doub N N 294 
THR C   OXT  sing N N 295 
THR CB  OG1  sing N N 296 
THR CB  CG2  sing N N 297 
THR CB  HB   sing N N 298 
THR OG1 HG1  sing N N 299 
THR CG2 HG21 sing N N 300 
THR CG2 HG22 sing N N 301 
THR CG2 HG23 sing N N 302 
THR OXT HXT  sing N N 303 
TRP N   CA   sing N N 304 
TRP N   H    sing N N 305 
TRP N   H2   sing N N 306 
TRP CA  C    sing N N 307 
TRP CA  CB   sing N N 308 
TRP CA  HA   sing N N 309 
TRP C   O    doub N N 310 
TRP C   OXT  sing N N 311 
TRP CB  CG   sing N N 312 
TRP CB  HB2  sing N N 313 
TRP CB  HB3  sing N N 314 
TRP CG  CD1  doub Y N 315 
TRP CG  CD2  sing Y N 316 
TRP CD1 NE1  sing Y N 317 
TRP CD1 HD1  sing N N 318 
TRP CD2 CE2  doub Y N 319 
TRP CD2 CE3  sing Y N 320 
TRP NE1 CE2  sing Y N 321 
TRP NE1 HE1  sing N N 322 
TRP CE2 CZ2  sing Y N 323 
TRP CE3 CZ3  doub Y N 324 
TRP CE3 HE3  sing N N 325 
TRP CZ2 CH2  doub Y N 326 
TRP CZ2 HZ2  sing N N 327 
TRP CZ3 CH2  sing Y N 328 
TRP CZ3 HZ3  sing N N 329 
TRP CH2 HH2  sing N N 330 
TRP OXT HXT  sing N N 331 
TYR N   CA   sing N N 332 
TYR N   H    sing N N 333 
TYR N   H2   sing N N 334 
TYR CA  C    sing N N 335 
TYR CA  CB   sing N N 336 
TYR CA  HA   sing N N 337 
TYR C   O    doub N N 338 
TYR C   OXT  sing N N 339 
TYR CB  CG   sing N N 340 
TYR CB  HB2  sing N N 341 
TYR CB  HB3  sing N N 342 
TYR CG  CD1  doub Y N 343 
TYR CG  CD2  sing Y N 344 
TYR CD1 CE1  sing Y N 345 
TYR CD1 HD1  sing N N 346 
TYR CD2 CE2  doub Y N 347 
TYR CD2 HD2  sing N N 348 
TYR CE1 CZ   doub Y N 349 
TYR CE1 HE1  sing N N 350 
TYR CE2 CZ   sing Y N 351 
TYR CE2 HE2  sing N N 352 
TYR CZ  OH   sing N N 353 
TYR OH  HH   sing N N 354 
TYR OXT HXT  sing N N 355 
VAL N   CA   sing N N 356 
VAL N   H    sing N N 357 
VAL N   H2   sing N N 358 
VAL CA  C    sing N N 359 
VAL CA  CB   sing N N 360 
VAL CA  HA   sing N N 361 
VAL C   O    doub N N 362 
VAL C   OXT  sing N N 363 
VAL CB  CG1  sing N N 364 
VAL CB  CG2  sing N N 365 
VAL CB  HB   sing N N 366 
VAL CG1 HG11 sing N N 367 
VAL CG1 HG12 sing N N 368 
VAL CG1 HG13 sing N N 369 
VAL CG2 HG21 sing N N 370 
VAL CG2 HG22 sing N N 371 
VAL CG2 HG23 sing N N 372 
VAL OXT HXT  sing N N 373 
# 
_em_admin.current_status     REL 
_em_admin.deposition_date    2024-12-18 
_em_admin.deposition_site    RCSB 
_em_admin.entry_id           9MKR 
_em_admin.last_update        2025-10-08 
_em_admin.map_release_date   2025-10-08 
_em_admin.title              'CAEV CA Hexamer Assembled via Liposome Templating' 
# 
_em_ctf_correction.details                  ? 
_em_ctf_correction.em_image_processing_id   1 
_em_ctf_correction.id                       1 
_em_ctf_correction.type                     'PHASE FLIPPING AND AMPLITUDE CORRECTION' 
# 
_em_entity_assembly_naturalsource.cell                 ? 
_em_entity_assembly_naturalsource.cellular_location    ? 
_em_entity_assembly_naturalsource.entity_assembly_id   1 
_em_entity_assembly_naturalsource.id                   2 
_em_entity_assembly_naturalsource.ncbi_tax_id          11661 
_em_entity_assembly_naturalsource.organism             'Caprine arthritis encephalitis virus' 
_em_entity_assembly_naturalsource.organelle            ? 
_em_entity_assembly_naturalsource.organ                ? 
_em_entity_assembly_naturalsource.strain               'strain Cork' 
_em_entity_assembly_naturalsource.tissue               ? 
_em_entity_assembly_naturalsource.details              ? 
# 
_em_entity_assembly_recombinant.cell                 ? 
_em_entity_assembly_recombinant.entity_assembly_id   1 
_em_entity_assembly_recombinant.id                   2 
_em_entity_assembly_recombinant.ncbi_tax_id          562 
_em_entity_assembly_recombinant.organism             'Escherichia coli' 
_em_entity_assembly_recombinant.plasmid              pET28a 
_em_entity_assembly_recombinant.strain               ? 
# 
_em_image_processing.details              ? 
_em_image_processing.id                   1 
_em_image_processing.image_recording_id   1 
# 
_em_image_recording.average_exposure_time               ? 
_em_image_recording.avg_electron_dose_per_subtomogram   ? 
_em_image_recording.avg_electron_dose_per_image         50 
_em_image_recording.details                             ? 
_em_image_recording.detector_mode                       ? 
_em_image_recording.film_or_detector_model              'GATAN K3 BIOQUANTUM (6k x 4k)' 
_em_image_recording.id                                  1 
_em_image_recording.imaging_id                          1 
_em_image_recording.num_diffraction_images              ? 
_em_image_recording.num_grids_imaged                    ? 
_em_image_recording.num_real_images                     ? 
# 
loop_
_em_software.category 
_em_software.details 
_em_software.id 
_em_software.image_processing_id 
_em_software.fitting_id 
_em_software.imaging_id 
_em_software.name 
_em_software.version 
'PARTICLE SELECTION'       ? 1  1 ? ? ?         ?      
'IMAGE ACQUISITION'        ? 2  ? ? 1 ?         ?      
MASKING                    ? 3  ? ? ? ?         ?      
'CTF CORRECTION'           ? 4  1 ? ? cryoSPARC v4.6.1 
'LAYERLINE INDEXING'       ? 5  ? ? ? ?         ?      
'DIFFRACTION INDEXING'     ? 6  ? ? ? ?         ?      
'MODEL FITTING'            ? 7  ? 1 ? ?         ?      
OTHER                      ? 8  ? ? ? ?         ?      
'MODEL REFINEMENT'         ? 9  ? 1 ? Coot      ?      
'INITIAL EULER ASSIGNMENT' ? 10 1 ? ? cryoSPARC v4.6.1 
'FINAL EULER ASSIGNMENT'   ? 11 1 ? ? cryoSPARC v4.6.1 
CLASSIFICATION             ? 12 1 ? ? ?         ?      
RECONSTRUCTION             ? 13 1 ? ? cryoSPARC v4     
# 
_em_specimen.concentration           ? 
_em_specimen.details                 ? 
_em_specimen.embedding_applied       NO 
_em_specimen.experiment_id           1 
_em_specimen.id                      1 
_em_specimen.shadowing_applied       NO 
_em_specimen.staining_applied        NO 
_em_specimen.vitrification_applied   YES 
# 
_em_virus_natural_host.entity_assembly_id   1 
_em_virus_natural_host.id                   1 
_em_virus_natural_host.ncbi_tax_id          9925 
_em_virus_natural_host.organism             'Capra hircus' 
_em_virus_natural_host.strain               ? 
# 
loop_
_pdbx_audit_support.funding_organization 
_pdbx_audit_support.country 
_pdbx_audit_support.grant_number 
_pdbx_audit_support.ordinal 
'National Institutes of Health/National Institute Of Allergy and Infectious Diseases (NIH/NIAID)' 'United States' U54AI170791 1 
'National Institutes of Health/National Institute Of Allergy and Infectious Diseases (NIH/NIAID)' 'United States' R37AI116313 2 
'National Institutes of Health/National Institute Of Allergy and Infectious Diseases (NIH/NIAID)' 'United States' T32GM008283 3 
# 
_pdbx_initial_refinement_model.id               1 
_pdbx_initial_refinement_model.entity_id_list   ? 
_pdbx_initial_refinement_model.type             'in silico model' 
_pdbx_initial_refinement_model.source_name      Other 
_pdbx_initial_refinement_model.accession_code   ? 
_pdbx_initial_refinement_model.details          ? 
# 
_atom_sites.entry_id                    9MKR 
_atom_sites.Cartn_transf_matrix[1][1]   ? 
_atom_sites.Cartn_transf_matrix[1][2]   ? 
_atom_sites.Cartn_transf_matrix[1][3]   ? 
_atom_sites.Cartn_transf_matrix[2][1]   ? 
_atom_sites.Cartn_transf_matrix[2][2]   ? 
_atom_sites.Cartn_transf_matrix[2][3]   ? 
_atom_sites.Cartn_transf_matrix[3][1]   ? 
_atom_sites.Cartn_transf_matrix[3][2]   ? 
_atom_sites.Cartn_transf_matrix[3][3]   ? 
_atom_sites.Cartn_transf_vector[1]      ? 
_atom_sites.Cartn_transf_vector[2]      ? 
_atom_sites.Cartn_transf_vector[3]      ? 
_atom_sites.Cartn_transform_axes        ? 
_atom_sites.fract_transf_matrix[1][1]   1.000000 
_atom_sites.fract_transf_matrix[1][2]   0.000000 
_atom_sites.fract_transf_matrix[1][3]   0.000000 
_atom_sites.fract_transf_matrix[2][1]   0.000000 
_atom_sites.fract_transf_matrix[2][2]   1.000000 
_atom_sites.fract_transf_matrix[2][3]   0.000000 
_atom_sites.fract_transf_matrix[3][1]   0.000000 
_atom_sites.fract_transf_matrix[3][2]   0.000000 
_atom_sites.fract_transf_matrix[3][3]   1.000000 
_atom_sites.fract_transf_vector[1]      0.00000 
_atom_sites.fract_transf_vector[2]      0.00000 
_atom_sites.fract_transf_vector[3]      0.00000 
_atom_sites.solution_primary            ? 
_atom_sites.solution_secondary          ? 
_atom_sites.solution_hydrogens          ? 
_atom_sites.special_details             ? 
# 
loop_
_atom_type.symbol 
C 
N 
O 
S 
# 
loop_
_atom_site.group_PDB 
_atom_site.id 
_atom_site.type_symbol 
_atom_site.label_atom_id 
_atom_site.label_alt_id 
_atom_site.label_comp_id 
_atom_site.label_asym_id 
_atom_site.label_entity_id 
_atom_site.label_seq_id 
_atom_site.pdbx_PDB_ins_code 
_atom_site.Cartn_x 
_atom_site.Cartn_y 
_atom_site.Cartn_z 
_atom_site.occupancy 
_atom_site.B_iso_or_equiv 
_atom_site.pdbx_formal_charge 
_atom_site.auth_seq_id 
_atom_site.auth_comp_id 
_atom_site.auth_asym_id 
_atom_site.auth_atom_id 
_atom_site.pdbx_PDB_model_num 
ATOM 1    N N   . PRO A 1 1   ? -16.549 -5.444  -11.356 1.00 30.00  ? 1   PRO A N   1 
ATOM 2    C CA  . PRO A 1 1   ? -17.308 -4.275  -10.939 1.00 30.00  ? 1   PRO A CA  1 
ATOM 3    C C   . PRO A 1 1   ? -18.762 -4.608  -10.665 1.00 30.00  ? 1   PRO A C   1 
ATOM 4    O O   . PRO A 1 1   ? -19.239 -5.666  -11.120 1.00 30.00  ? 1   PRO A O   1 
ATOM 5    C CB  . PRO A 1 1   ? -17.144 -3.370  -12.158 1.00 30.00  ? 1   PRO A CB  1 
ATOM 6    C CG  . PRO A 1 1   ? -15.711 -3.597  -12.572 1.00 30.00  ? 1   PRO A CG  1 
ATOM 7    C CD  . PRO A 1 1   ? -15.364 -4.991  -12.066 1.00 30.00  ? 1   PRO A CD  1 
ATOM 8    N N   . ILE A 1 2   ? -19.452 -3.727  -9.939  1.00 100.00 ? 2   ILE A N   1 
ATOM 9    C CA  . ILE A 1 2   ? -20.893 -3.945  -9.621  1.00 100.00 ? 2   ILE A CA  1 
ATOM 10   C C   . ILE A 1 2   ? -21.702 -2.812  -10.262 1.00 100.00 ? 2   ILE A C   1 
ATOM 11   O O   . ILE A 1 2   ? -21.315 -1.640  -10.079 1.00 100.00 ? 2   ILE A O   1 
ATOM 12   C CB  . ILE A 1 2   ? -21.115 -3.974  -8.101  1.00 100.00 ? 2   ILE A CB  1 
ATOM 13   C CG1 . ILE A 1 2   ? -20.223 -5.002  -7.426  1.00 100.00 ? 2   ILE A CG1 1 
ATOM 14   C CG2 . ILE A 1 2   ? -22.589 -4.203  -7.774  1.00 100.00 ? 2   ILE A CG2 1 
ATOM 15   C CD1 . ILE A 1 2   ? -20.401 -5.076  -5.924  1.00 100.00 ? 2   ILE A CD1 1 
ATOM 16   N N   . VAL A 1 3   ? -22.777 -3.146  -10.977 1.00 100.00 ? 3   VAL A N   1 
ATOM 17   C CA  . VAL A 1 3   ? -23.655 -2.077  -11.538 1.00 100.00 ? 3   VAL A CA  1 
ATOM 18   C C   . VAL A 1 3   ? -24.966 -2.076  -10.733 1.00 100.00 ? 3   VAL A C   1 
ATOM 19   O O   . VAL A 1 3   ? -25.604 -3.145  -10.625 1.00 100.00 ? 3   VAL A O   1 
ATOM 20   C CB  . VAL A 1 3   ? -23.899 -2.235  -13.052 1.00 100.00 ? 3   VAL A CB  1 
ATOM 21   C CG1 . VAL A 1 3   ? -22.621 -2.024  -13.854 1.00 100.00 ? 3   VAL A CG1 1 
ATOM 22   C CG2 . VAL A 1 3   ? -24.538 -3.573  -13.409 1.00 100.00 ? 3   VAL A CG2 1 
ATOM 23   N N   . VAL A 1 4   ? -25.324 -0.923  -10.164 1.00 100.00 ? 4   VAL A N   1 
ATOM 24   C CA  . VAL A 1 4   ? -26.579 -0.819  -9.364  1.00 100.00 ? 4   VAL A CA  1 
ATOM 25   C C   . VAL A 1 4   ? -27.722 -0.520  -10.341 1.00 100.00 ? 4   VAL A C   1 
ATOM 26   O O   . VAL A 1 4   ? -27.773 0.615   -10.862 1.00 100.00 ? 4   VAL A O   1 
ATOM 27   C CB  . VAL A 1 4   ? -26.488 0.261   -8.270  1.00 100.00 ? 4   VAL A CB  1 
ATOM 28   C CG1 . VAL A 1 4   ? -27.802 0.407   -7.513  1.00 100.00 ? 4   VAL A CG1 1 
ATOM 29   C CG2 . VAL A 1 4   ? -25.343 -0.014  -7.303  1.00 100.00 ? 4   VAL A CG2 1 
ATOM 30   N N   . GLN A 1 5   ? -28.589 -1.503  -10.588 1.00 100.00 ? 5   GLN A N   1 
ATOM 31   C CA  . GLN A 1 5   ? -29.675 -1.313  -11.584 1.00 100.00 ? 5   GLN A CA  1 
ATOM 32   C C   . GLN A 1 5   ? -30.701 -0.325  -11.014 1.00 100.00 ? 5   GLN A C   1 
ATOM 33   O O   . GLN A 1 5   ? -30.716 -0.144  -9.780  1.00 100.00 ? 5   GLN A O   1 
ATOM 34   C CB  . GLN A 1 5   ? -30.277 -2.669  -11.948 1.00 100.00 ? 5   GLN A CB  1 
ATOM 35   C CG  . GLN A 1 5   ? -29.351 -3.540  -12.787 1.00 100.00 ? 5   GLN A CG  1 
ATOM 36   C CD  . GLN A 1 5   ? -29.808 -4.978  -12.878 1.00 100.00 ? 5   GLN A CD  1 
ATOM 37   O OE1 . GLN A 1 5   ? -30.799 -5.380  -12.258 1.00 100.00 ? 5   GLN A OE1 1 
ATOM 38   N NE2 . GLN A 1 5   ? -29.078 -5.773  -13.647 1.00 100.00 ? 5   GLN A NE2 1 
ATOM 39   N N   . ALA A 1 6   ? -31.530 0.271   -11.874 1.00 100.00 ? 6   ALA A N   1 
ATOM 40   C CA  . ALA A 1 6   ? -32.481 1.316   -11.421 1.00 100.00 ? 6   ALA A CA  1 
ATOM 41   C C   . ALA A 1 6   ? -33.357 0.791   -10.284 1.00 100.00 ? 6   ALA A C   1 
ATOM 42   O O   . ALA A 1 6   ? -33.504 1.490   -9.260  1.00 100.00 ? 6   ALA A O   1 
ATOM 43   C CB  . ALA A 1 6   ? -33.319 1.778   -12.590 1.00 100.00 ? 6   ALA A CB  1 
ATOM 44   N N   . ALA A 1 7   ? -33.955 -0.386  -10.481 1.00 100.00 ? 7   ALA A N   1 
ATOM 45   C CA  . ALA A 1 7   ? -34.830 -0.975  -9.443  1.00 100.00 ? 7   ALA A CA  1 
ATOM 46   C C   . ALA A 1 7   ? -34.109 -0.940  -8.096  1.00 100.00 ? 7   ALA A C   1 
ATOM 47   O O   . ALA A 1 7   ? -34.774 -0.705  -7.065  1.00 100.00 ? 7   ALA A O   1 
ATOM 48   C CB  . ALA A 1 7   ? -35.200 -2.386  -9.836  1.00 100.00 ? 7   ALA A CB  1 
ATOM 49   N N   . GLY A 1 8   ? -32.798 -1.202  -8.098  1.00 95.94  ? 8   GLY A N   1 
ATOM 50   C CA  . GLY A 1 8   ? -32.026 -1.251  -6.841  1.00 95.94  ? 8   GLY A CA  1 
ATOM 51   C C   . GLY A 1 8   ? -31.203 -2.522  -6.757  1.00 95.94  ? 8   GLY A C   1 
ATOM 52   O O   . GLY A 1 8   ? -30.231 -2.542  -5.976  1.00 95.94  ? 8   GLY A O   1 
ATOM 53   N N   . GLY A 1 9   ? -31.566 -3.547  -7.533  1.00 100.00 ? 9   GLY A N   1 
ATOM 54   C CA  . GLY A 1 9   ? -30.821 -4.822  -7.540  1.00 100.00 ? 9   GLY A CA  1 
ATOM 55   C C   . GLY A 1 9   ? -29.476 -4.631  -8.197  1.00 100.00 ? 9   GLY A C   1 
ATOM 56   O O   . GLY A 1 9   ? -29.347 -3.673  -8.979  1.00 100.00 ? 9   GLY A O   1 
ATOM 57   N N   . ARG A 1 10  ? -28.483 -5.463  -7.882  1.00 100.00 ? 10  ARG A N   1 
ATOM 58   C CA  . ARG A 1 10  ? -27.144 -5.186  -8.464  1.00 100.00 ? 10  ARG A CA  1 
ATOM 59   C C   . ARG A 1 10  ? -26.735 -6.332  -9.402  1.00 100.00 ? 10  ARG A C   1 
ATOM 60   O O   . ARG A 1 10  ? -27.154 -7.482  -9.158  1.00 100.00 ? 10  ARG A O   1 
ATOM 61   C CB  . ARG A 1 10  ? -26.085 -4.919  -7.388  1.00 100.00 ? 10  ARG A CB  1 
ATOM 62   C CG  . ARG A 1 10  ? -26.447 -3.762  -6.468  1.00 100.00 ? 10  ARG A CG  1 
ATOM 63   C CD  . ARG A 1 10  ? -25.280 -3.344  -5.590  1.00 100.00 ? 10  ARG A CD  1 
ATOM 64   N NE  . ARG A 1 10  ? -24.677 -4.385  -4.752  1.00 100.00 ? 10  ARG A NE  1 
ATOM 65   C CZ  . ARG A 1 10  ? -23.646 -4.139  -3.954  1.00 100.00 ? 10  ARG A CZ  1 
ATOM 66   N NH1 . ARG A 1 10  ? -23.164 -2.913  -3.869  1.00 100.00 ? 10  ARG A NH1 1 
ATOM 67   N NH2 . ARG A 1 10  ? -23.094 -5.109  -3.252  1.00 100.00 ? 10  ARG A NH2 1 
ATOM 68   N N   . SER A 1 11  ? -25.951 -6.012  -10.433 1.00 100.00 ? 11  SER A N   1 
ATOM 69   C CA  . SER A 1 11  ? -25.495 -7.040  -11.404 1.00 100.00 ? 11  SER A CA  1 
ATOM 70   C C   . SER A 1 11  ? -23.981 -6.910  -11.602 1.00 100.00 ? 11  SER A C   1 
ATOM 71   O O   . SER A 1 11  ? -23.442 -5.816  -11.340 1.00 100.00 ? 11  SER A O   1 
ATOM 72   C CB  . SER A 1 11  ? -26.218 -6.915  -12.712 1.00 100.00 ? 11  SER A CB  1 
ATOM 73   O OG  . SER A 1 11  ? -25.763 -7.897  -13.631 1.00 100.00 ? 11  SER A OG  1 
ATOM 74   N N   . TRP A 1 12  ? -23.333 -7.964  -12.095 1.00 100.00 ? 12  TRP A N   1 
ATOM 75   C CA  . TRP A 1 12  ? -21.857 -7.936  -12.246 1.00 100.00 ? 12  TRP A CA  1 
ATOM 76   C C   . TRP A 1 12  ? -21.441 -7.516  -13.652 1.00 100.00 ? 12  TRP A C   1 
ATOM 77   O O   . TRP A 1 12  ? -22.124 -7.905  -14.619 1.00 100.00 ? 12  TRP A O   1 
ATOM 78   C CB  . TRP A 1 12  ? -21.272 -9.308  -11.904 1.00 100.00 ? 12  TRP A CB  1 
ATOM 79   C CG  . TRP A 1 12  ? -19.812 -9.446  -12.236 1.00 100.00 ? 12  TRP A CG  1 
ATOM 80   C CD1 . TRP A 1 12  ? -18.739 -9.160  -11.445 1.00 100.00 ? 12  TRP A CD1 1 
ATOM 81   C CD2 . TRP A 1 12  ? -19.275 -9.933  -13.483 1.00 100.00 ? 12  TRP A CD2 1 
ATOM 82   N NE1 . TRP A 1 12  ? -17.574 -9.425  -12.115 1.00 100.00 ? 12  TRP A NE1 1 
ATOM 83   C CE2 . TRP A 1 12  ? -17.871 -9.901  -13.365 1.00 100.00 ? 12  TRP A CE2 1 
ATOM 84   C CE3 . TRP A 1 12  ? -19.843 -10.386 -14.678 1.00 100.00 ? 12  TRP A CE3 1 
ATOM 85   C CZ2 . TRP A 1 12  ? -17.035 -10.308 -14.400 1.00 100.00 ? 12  TRP A CZ2 1 
ATOM 86   C CZ3 . TRP A 1 12  ? -19.013 -10.788 -15.700 1.00 100.00 ? 12  TRP A CZ3 1 
ATOM 87   C CH2 . TRP A 1 12  ? -17.627 -10.749 -15.560 1.00 100.00 ? 12  TRP A CH2 1 
ATOM 88   N N   . LYS A 1 13  ? -20.366 -6.735  -13.756 1.00 100.00 ? 13  LYS A N   1 
ATOM 89   C CA  . LYS A 1 13  ? -19.814 -6.353  -15.080 1.00 100.00 ? 13  LYS A CA  1 
ATOM 90   C C   . LYS A 1 13  ? -18.290 -6.525  -14.999 1.00 100.00 ? 13  LYS A C   1 
ATOM 91   O O   . LYS A 1 13  ? -17.729 -6.227  -13.927 1.00 100.00 ? 13  LYS A O   1 
ATOM 92   C CB  . LYS A 1 13  ? -20.192 -4.914  -15.435 1.00 100.00 ? 13  LYS A CB  1 
ATOM 93   C CG  . LYS A 1 13  ? -19.644 -4.411  -16.761 1.00 100.00 ? 13  LYS A CG  1 
ATOM 94   C CD  . LYS A 1 13  ? -20.029 -2.965  -17.047 1.00 100.00 ? 13  LYS A CD  1 
ATOM 95   C CE  . LYS A 1 13  ? -19.533 -2.042  -15.979 1.00 100.00 ? 13  LYS A CE  1 
ATOM 96   N NZ  . LYS A 1 13  ? -18.076 -2.095  -15.842 1.00 100.00 ? 13  LYS A NZ  1 
ATOM 97   N N   . ALA A 1 14  ? -17.651 -6.990  -16.073 1.00 100.00 ? 14  ALA A N   1 
ATOM 98   C CA  . ALA A 1 14  ? -16.190 -7.246  -16.044 1.00 100.00 ? 14  ALA A CA  1 
ATOM 99   C C   . ALA A 1 14  ? -15.420 -5.926  -15.961 1.00 100.00 ? 14  ALA A C   1 
ATOM 100  O O   . ALA A 1 14  ? -15.917 -4.914  -16.496 1.00 100.00 ? 14  ALA A O   1 
ATOM 101  C CB  . ALA A 1 14  ? -15.798 -8.030  -17.267 1.00 100.00 ? 14  ALA A CB  1 
ATOM 102  N N   . VAL A 1 15  ? -14.244 -5.931  -15.323 1.00 100.00 ? 15  VAL A N   1 
ATOM 103  C CA  . VAL A 1 15  ? -13.404 -4.694  -15.291 1.00 100.00 ? 15  VAL A CA  1 
ATOM 104  C C   . VAL A 1 15  ? -13.283 -4.183  -16.734 1.00 100.00 ? 15  VAL A C   1 
ATOM 105  O O   . VAL A 1 15  ? -13.017 -5.002  -17.637 1.00 100.00 ? 15  VAL A O   1 
ATOM 106  C CB  . VAL A 1 15  ? -12.012 -4.870  -14.655 1.00 100.00 ? 15  VAL A CB  1 
ATOM 107  C CG1 . VAL A 1 15  ? -12.097 -5.210  -13.174 1.00 100.00 ? 15  VAL A CG1 1 
ATOM 108  C CG2 . VAL A 1 15  ? -11.154 -5.885  -15.397 1.00 100.00 ? 15  VAL A CG2 1 
ATOM 109  N N   . ASP A 1 16  ? -13.480 -2.883  -16.939 1.00 100.00 ? 16  ASP A N   1 
ATOM 110  C CA  . ASP A 1 16  ? -13.456 -2.327  -18.317 1.00 100.00 ? 16  ASP A CA  1 
ATOM 111  C C   . ASP A 1 16  ? -12.033 -2.471  -18.859 1.00 100.00 ? 16  ASP A C   1 
ATOM 112  O O   . ASP A 1 16  ? -11.098 -1.962  -18.209 1.00 100.00 ? 16  ASP A O   1 
ATOM 113  C CB  . ASP A 1 16  ? -13.965 -0.897  -18.342 1.00 100.00 ? 16  ASP A CB  1 
ATOM 114  C CG  . ASP A 1 16  ? -15.386 -0.711  -17.832 1.00 100.00 ? 16  ASP A CG  1 
ATOM 115  O OD1 . ASP A 1 16  ? -15.863 0.442   -17.830 1.00 100.00 ? 16  ASP A OD1 1 
ATOM 116  O OD2 . ASP A 1 16  ? -16.001 -1.723  -17.435 1.00 100.00 ? 16  ASP A OD2 1 
ATOM 117  N N   . SER A 1 17  ? -11.879 -3.158  -19.991 1.00 100.00 ? 17  SER A N   1 
ATOM 118  C CA  . SER A 1 17  ? -10.529 -3.429  -20.545 1.00 100.00 ? 17  SER A CA  1 
ATOM 119  C C   . SER A 1 17  ? -9.608  -2.233  -20.282 1.00 100.00 ? 17  SER A C   1 
ATOM 120  O O   . SER A 1 17  ? -8.459  -2.459  -19.851 1.00 100.00 ? 17  SER A O   1 
ATOM 121  C CB  . SER A 1 17  ? -10.604 -3.721  -22.011 1.00 100.00 ? 17  SER A CB  1 
ATOM 122  O OG  . SER A 1 17  ? -9.307  -3.966  -22.536 1.00 100.00 ? 17  SER A OG  1 
ATOM 123  N N   . VAL A 1 18  ? -10.096 -1.014  -20.516 1.00 100.00 ? 18  VAL A N   1 
ATOM 124  C CA  . VAL A 1 18  ? -9.219  0.187   -20.381 1.00 100.00 ? 18  VAL A CA  1 
ATOM 125  C C   . VAL A 1 18  ? -8.654  0.226   -18.955 1.00 100.00 ? 18  VAL A C   1 
ATOM 126  O O   . VAL A 1 18  ? -7.418  0.346   -18.811 1.00 100.00 ? 18  VAL A O   1 
ATOM 127  C CB  . VAL A 1 18  ? -9.990  1.477   -20.712 1.00 100.00 ? 18  VAL A CB  1 
ATOM 128  C CG1 . VAL A 1 18  ? -9.123  2.714   -20.523 1.00 100.00 ? 18  VAL A CG1 1 
ATOM 129  C CG2 . VAL A 1 18  ? -10.562 1.441   -22.124 1.00 100.00 ? 18  VAL A CG2 1 
ATOM 130  N N   . MET A 1 19  ? -9.524  0.111   -17.949 1.00 100.00 ? 19  MET A N   1 
ATOM 131  C CA  . MET A 1 19  ? -9.074  0.197   -16.535 1.00 100.00 ? 19  MET A CA  1 
ATOM 132  C C   . MET A 1 19  ? -8.102  -0.956  -16.241 1.00 100.00 ? 19  MET A C   1 
ATOM 133  O O   . MET A 1 19  ? -7.098  -0.723  -15.535 1.00 100.00 ? 19  MET A O   1 
ATOM 134  C CB  . MET A 1 19  ? -10.271 0.171   -15.580 1.00 100.00 ? 19  MET A CB  1 
ATOM 135  C CG  . MET A 1 19  ? -9.906  0.241   -14.113 1.00 100.00 ? 19  MET A CG  1 
ATOM 136  S SD  . MET A 1 19  ? -11.394 0.319   -13.097 1.00 100.00 ? 19  MET A SD  1 
ATOM 137  C CE  . MET A 1 19  ? -12.231 -1.179  -13.636 1.00 100.00 ? 19  MET A CE  1 
ATOM 138  N N   . PHE A 1 20  ? -8.382  -2.146  -16.783 1.00 100.00 ? 20  PHE A N   1 
ATOM 139  C CA  . PHE A 1 20  ? -7.481  -3.305  -16.556 1.00 100.00 ? 20  PHE A CA  1 
ATOM 140  C C   . PHE A 1 20  ? -6.108  -2.980  -17.122 1.00 100.00 ? 20  PHE A C   1 
ATOM 141  O O   . PHE A 1 20  ? -5.091  -3.214  -16.438 1.00 100.00 ? 20  PHE A O   1 
ATOM 142  C CB  . PHE A 1 20  ? -8.009  -4.566  -17.242 1.00 100.00 ? 20  PHE A CB  1 
ATOM 143  C CG  . PHE A 1 20  ? -7.068  -5.758  -17.133 1.00 100.00 ? 20  PHE A CG  1 
ATOM 144  C CD1 . PHE A 1 20  ? -7.158  -6.643  -16.067 1.00 100.00 ? 20  PHE A CD1 1 
ATOM 145  C CD2 . PHE A 1 20  ? -6.093  -5.988  -18.096 1.00 100.00 ? 20  PHE A CD2 1 
ATOM 146  C CE1 . PHE A 1 20  ? -6.296  -7.722  -15.967 1.00 100.00 ? 20  PHE A CE1 1 
ATOM 147  C CE2 . PHE A 1 20  ? -5.233  -7.069  -17.993 1.00 100.00 ? 20  PHE A CE2 1 
ATOM 148  C CZ  . PHE A 1 20  ? -5.338  -7.933  -16.931 1.00 100.00 ? 20  PHE A CZ  1 
ATOM 149  N N   . GLN A 1 21  ? -6.079  -2.422  -18.333 1.00 100.00 ? 21  GLN A N   1 
ATOM 150  C CA  . GLN A 1 21  ? -4.783  -2.086  -18.977 1.00 100.00 ? 21  GLN A CA  1 
ATOM 151  C C   . GLN A 1 21  ? -4.077  -1.012  -18.135 1.00 100.00 ? 21  GLN A C   1 
ATOM 152  O O   . GLN A 1 21  ? -2.844  -1.110  -17.969 1.00 100.00 ? 21  GLN A O   1 
ATOM 153  C CB  . GLN A 1 21  ? -4.995  -1.667  -20.432 1.00 100.00 ? 21  GLN A CB  1 
ATOM 154  C CG  . GLN A 1 21  ? -5.590  -2.770  -21.299 1.00 100.00 ? 21  GLN A CG  1 
ATOM 155  C CD  . GLN A 1 21  ? -5.830  -2.348  -22.732 1.00 100.00 ? 21  GLN A CD  1 
ATOM 156  O OE1 . GLN A 1 21  ? -5.557  -1.208  -23.123 1.00 100.00 ? 21  GLN A OE1 1 
ATOM 157  N NE2 . GLN A 1 21  ? -6.348  -3.269  -23.531 1.00 100.00 ? 21  GLN A NE2 1 
ATOM 158  N N   . GLN A 1 22  ? -4.832  -0.037  -17.622 1.00 100.00 ? 22  GLN A N   1 
ATOM 159  C CA  . GLN A 1 22  ? -4.197  1.066   -16.862 1.00 100.00 ? 22  GLN A CA  1 
ATOM 160  C C   . GLN A 1 22  ? -3.496  0.494   -15.625 1.00 100.00 ? 22  GLN A C   1 
ATOM 161  O O   . GLN A 1 22  ? -2.331  0.852   -15.382 1.00 100.00 ? 22  GLN A O   1 
ATOM 162  C CB  . GLN A 1 22  ? -5.234  2.068   -16.361 1.00 100.00 ? 22  GLN A CB  1 
ATOM 163  C CG  . GLN A 1 22  ? -4.641  3.199   -15.529 1.00 100.00 ? 22  GLN A CG  1 
ATOM 164  C CD  . GLN A 1 22  ? -5.688  4.126   -14.955 1.00 100.00 ? 22  GLN A CD  1 
ATOM 165  O OE1 . GLN A 1 22  ? -5.380  5.088   -14.244 1.00 100.00 ? 22  GLN A OE1 1 
ATOM 166  N NE2 . GLN A 1 22  ? -6.947  3.833   -15.245 1.00 100.00 ? 22  GLN A NE2 1 
ATOM 167  N N   . LEU A 1 23  ? -4.177  -0.389  -14.893 1.00 100.00 ? 23  LEU A N   1 
ATOM 168  C CA  . LEU A 1 23  ? -3.551  -1.014  -13.699 1.00 100.00 ? 23  LEU A CA  1 
ATOM 169  C C   . LEU A 1 23  ? -2.377  -1.889  -14.159 1.00 100.00 ? 23  LEU A C   1 
ATOM 170  O O   . LEU A 1 23  ? -1.319  -1.863  -13.495 1.00 100.00 ? 23  LEU A O   1 
ATOM 171  C CB  . LEU A 1 23  ? -4.581  -1.798  -12.889 1.00 100.00 ? 23  LEU A CB  1 
ATOM 172  C CG  . LEU A 1 23  ? -5.740  -0.969  -12.330 1.00 100.00 ? 23  LEU A CG  1 
ATOM 173  C CD1 . LEU A 1 23  ? -6.665  -1.845  -11.514 1.00 100.00 ? 23  LEU A CD1 1 
ATOM 174  C CD2 . LEU A 1 23  ? -5.217  0.178   -11.487 1.00 100.00 ? 23  LEU A CD2 1 
ATOM 175  N N   . GLN A 1 24  ? -2.558  -2.615  -15.263 1.00 100.00 ? 24  GLN A N   1 
ATOM 176  C CA  . GLN A 1 24  ? -1.492  -3.518  -15.763 1.00 100.00 ? 24  GLN A CA  1 
ATOM 177  C C   . GLN A 1 24  ? -0.243  -2.693  -16.092 1.00 100.00 ? 24  GLN A C   1 
ATOM 178  O O   . GLN A 1 24  ? 0.846   -3.042  -15.589 1.00 100.00 ? 24  GLN A O   1 
ATOM 179  C CB  . GLN A 1 24  ? -1.970  -4.270  -17.004 1.00 100.00 ? 24  GLN A CB  1 
ATOM 180  C CG  . GLN A 1 24  ? -0.935  -5.228  -17.583 1.00 100.00 ? 24  GLN A CG  1 
ATOM 181  C CD  . GLN A 1 24  ? -1.425  -5.959  -18.813 1.00 100.00 ? 24  GLN A CD  1 
ATOM 182  O OE1 . GLN A 1 24  ? -2.556  -5.765  -19.271 1.00 100.00 ? 24  GLN A OE1 1 
ATOM 183  N NE2 . GLN A 1 24  ? -0.570  -6.810  -19.362 1.00 100.00 ? 24  GLN A NE2 1 
ATOM 184  N N   . THR A 1 25  ? -0.396  -1.636  -16.893 1.00 100.00 ? 25  THR A N   1 
ATOM 185  C CA  . THR A 1 25  ? 0.793   -0.869  -17.324 1.00 100.00 ? 25  THR A CA  1 
ATOM 186  C C   . THR A 1 25  ? 1.490   -0.339  -16.090 1.00 100.00 ? 25  THR A C   1 
ATOM 187  O O   . THR A 1 25  ? 2.731   -0.406  -16.044 1.00 100.00 ? 25  THR A O   1 
ATOM 188  C CB  . THR A 1 25  ? 0.442   0.234   -18.324 1.00 100.00 ? 25  THR A CB  1 
ATOM 189  O OG1 . THR A 1 25  ? 1.692   0.850   -18.623 1.00 100.00 ? 25  THR A OG1 1 
ATOM 190  C CG2 . THR A 1 25  ? -0.515  1.277   -17.779 1.00 100.00 ? 25  THR A CG2 1 
ATOM 191  N N   . VAL A 1 26  ? 0.723   0.137   -15.105 1.00 100.00 ? 26  VAL A N   1 
ATOM 192  C CA  . VAL A 1 26  ? 1.344   0.737   -13.888 1.00 100.00 ? 26  VAL A CA  1 
ATOM 193  C C   . VAL A 1 26  ? 2.164   -0.351  -13.181 1.00 100.00 ? 26  VAL A C   1 
ATOM 194  O O   . VAL A 1 26  ? 3.309   -0.063  -12.778 1.00 100.00 ? 26  VAL A O   1 
ATOM 195  C CB  . VAL A 1 26  ? 0.288   1.340   -12.943 1.00 100.00 ? 26  VAL A CB  1 
ATOM 196  C CG1 . VAL A 1 26  ? 0.896   1.803   -11.626 1.00 100.00 ? 26  VAL A CG1 1 
ATOM 197  C CG2 . VAL A 1 26  ? -0.479  2.471   -13.612 1.00 100.00 ? 26  VAL A CG2 1 
ATOM 198  N N   . ALA A 1 27  ? 1.607   -1.560  -13.077 1.00 100.00 ? 27  ALA A N   1 
ATOM 199  C CA  . ALA A 1 27  ? 2.335   -2.668  -12.419 1.00 100.00 ? 27  ALA A CA  1 
ATOM 200  C C   . ALA A 1 27  ? 3.597   -2.990  -13.221 1.00 100.00 ? 27  ALA A C   1 
ATOM 201  O O   . ALA A 1 27  ? 4.669   -3.182  -12.619 1.00 100.00 ? 27  ALA A O   1 
ATOM 202  C CB  . ALA A 1 27  ? 1.436   -3.873  -12.302 1.00 100.00 ? 27  ALA A CB  1 
ATOM 203  N N   . MET A 1 28  ? 3.469   -3.043  -14.547 1.00 100.00 ? 28  MET A N   1 
ATOM 204  C CA  . MET A 1 28  ? 4.636   -3.374  -15.404 1.00 100.00 ? 28  MET A CA  1 
ATOM 205  C C   . MET A 1 28  ? 5.692   -2.265  -15.273 1.00 100.00 ? 28  MET A C   1 
ATOM 206  O O   . MET A 1 28  ? 6.885   -2.600  -15.110 1.00 100.00 ? 28  MET A O   1 
ATOM 207  C CB  . MET A 1 28  ? 4.201   -3.511  -16.866 1.00 100.00 ? 28  MET A CB  1 
ATOM 208  C CG  . MET A 1 28  ? 5.321   -3.876  -17.817 1.00 100.00 ? 28  MET A CG  1 
ATOM 209  S SD  . MET A 1 28  ? 4.713   -4.039  -19.507 1.00 100.00 ? 28  MET A SD  1 
ATOM 210  C CE  . MET A 1 28  ? 3.493   -5.340  -19.278 1.00 100.00 ? 28  MET A CE  1 
ATOM 211  N N   . GLN A 1 29  ? 5.263   -1.002  -15.329 1.00 100.00 ? 29  GLN A N   1 
ATOM 212  C CA  . GLN A 1 29  ? 6.205   0.144   -15.223 1.00 100.00 ? 29  GLN A CA  1 
ATOM 213  C C   . GLN A 1 29  ? 6.826   0.197   -13.820 1.00 100.00 ? 29  GLN A C   1 
ATOM 214  O O   . GLN A 1 29  ? 8.040   0.470   -13.723 1.00 100.00 ? 29  GLN A O   1 
ATOM 215  C CB  . GLN A 1 29  ? 5.493   1.463   -15.524 1.00 100.00 ? 29  GLN A CB  1 
ATOM 216  C CG  . GLN A 1 29  ? 4.917   1.550   -16.932 1.00 100.00 ? 29  GLN A CG  1 
ATOM 217  C CD  . GLN A 1 29  ? 4.186   2.848   -17.195 1.00 100.00 ? 29  GLN A CD  1 
ATOM 218  O OE1 . GLN A 1 29  ? 4.091   3.721   -16.326 1.00 100.00 ? 29  GLN A OE1 1 
ATOM 219  N NE2 . GLN A 1 29  ? 3.659   2.986   -18.403 1.00 100.00 ? 29  GLN A NE2 1 
ATOM 220  N N   . HIS A 1 30  ? 6.009   -0.007  -12.788 1.00 100.00 ? 30  HIS A N   1 
ATOM 221  C CA  . HIS A 1 30  ? 6.528   0.004   -11.396 1.00 100.00 ? 30  HIS A CA  1 
ATOM 222  C C   . HIS A 1 30  ? 6.556   -1.445  -10.906 1.00 100.00 ? 30  HIS A C   1 
ATOM 223  O O   . HIS A 1 30  ? 7.371   -2.239  -11.421 1.00 100.00 ? 30  HIS A O   1 
ATOM 224  C CB  . HIS A 1 30  ? 5.672   0.926   -10.524 1.00 100.00 ? 30  HIS A CB  1 
ATOM 225  C CG  . HIS A 1 30  ? 5.605   2.318   -11.056 1.00 100.00 ? 30  HIS A CG  1 
ATOM 226  N ND1 . HIS A 1 30  ? 6.536   3.285   -10.745 1.00 100.00 ? 30  HIS A ND1 1 
ATOM 227  C CD2 . HIS A 1 30  ? 4.743   2.892   -11.906 1.00 100.00 ? 30  HIS A CD2 1 
ATOM 228  C CE1 . HIS A 1 30  ? 6.227   4.407   -11.378 1.00 100.00 ? 30  HIS A CE1 1 
ATOM 229  N NE2 . HIS A 1 30  ? 5.138   4.192   -12.085 1.00 100.00 ? 30  HIS A NE2 1 
ATOM 230  N N   . GLY A 1 31  ? 5.693   -1.779  -9.948  1.00 100.00 ? 31  GLY A N   1 
ATOM 231  C CA  . GLY A 1 31  ? 5.601   -3.175  -9.481  1.00 100.00 ? 31  GLY A CA  1 
ATOM 232  C C   . GLY A 1 31  ? 4.191   -3.492  -9.033  1.00 100.00 ? 31  GLY A C   1 
ATOM 233  O O   . GLY A 1 31  ? 3.464   -2.545  -8.668  1.00 100.00 ? 31  GLY A O   1 
ATOM 234  N N   . LEU A 1 32  ? 3.803   -4.767  -9.057  1.00 100.00 ? 32  LEU A N   1 
ATOM 235  C CA  . LEU A 1 32  ? 2.473   -5.132  -8.512  1.00 100.00 ? 32  LEU A CA  1 
ATOM 236  C C   . LEU A 1 32  ? 2.501   -4.771  -7.024  1.00 100.00 ? 32  LEU A C   1 
ATOM 237  O O   . LEU A 1 32  ? 1.483   -4.257  -6.512  1.00 100.00 ? 32  LEU A O   1 
ATOM 238  C CB  . LEU A 1 32  ? 2.222   -6.620  -8.740  1.00 100.00 ? 32  LEU A CB  1 
ATOM 239  C CG  . LEU A 1 32  ? 0.869   -7.155  -8.264  1.00 100.00 ? 32  LEU A CG  1 
ATOM 240  C CD1 . LEU A 1 32  ? -0.226  -6.392  -8.981  1.00 100.00 ? 32  LEU A CD1 1 
ATOM 241  C CD2 . LEU A 1 32  ? 0.758   -8.638  -8.569  1.00 100.00 ? 32  LEU A CD2 1 
ATOM 242  N N   . VAL A 1 33  ? 3.635   -5.023  -6.368  1.00 100.00 ? 33  VAL A N   1 
ATOM 243  C CA  . VAL A 1 33  ? 3.801   -4.707  -4.918  1.00 100.00 ? 33  VAL A CA  1 
ATOM 244  C C   . VAL A 1 33  ? 4.072   -3.205  -4.742  1.00 100.00 ? 33  VAL A C   1 
ATOM 245  O O   . VAL A 1 33  ? 3.987   -2.721  -3.592  1.00 100.00 ? 33  VAL A O   1 
ATOM 246  C CB  . VAL A 1 33  ? 4.975   -5.561  -4.413  1.00 100.00 ? 33  VAL A CB  1 
ATOM 247  C CG1 . VAL A 1 33  ? 6.254   -5.272  -5.188  1.00 100.00 ? 33  VAL A CG1 1 
ATOM 248  C CG2 . VAL A 1 33  ? 5.212   -5.389  -2.923  1.00 100.00 ? 33  VAL A CG2 1 
ATOM 249  N N   . SER A 1 34  ? 4.387   -2.492  -5.828  1.00 100.00 ? 34  SER A N   1 
ATOM 250  C CA  . SER A 1 34  ? 4.760   -1.055  -5.712  1.00 100.00 ? 34  SER A CA  1 
ATOM 251  C C   . SER A 1 34  ? 3.615   -0.230  -5.109  1.00 100.00 ? 34  SER A C   1 
ATOM 252  O O   . SER A 1 34  ? 2.443   -0.635  -5.260  1.00 100.00 ? 34  SER A O   1 
ATOM 253  C CB  . SER A 1 34  ? 5.179   -0.482  -7.039  1.00 100.00 ? 34  SER A CB  1 
ATOM 254  O OG  . SER A 1 34  ? 5.510   0.894   -6.913  1.00 100.00 ? 34  SER A OG  1 
ATOM 255  N N   . GLU A 1 35  ? 3.952   0.903   -4.488  1.00 100.00 ? 35  GLU A N   1 
ATOM 256  C CA  . GLU A 1 35  ? 2.924   1.776   -3.872  1.00 100.00 ? 35  GLU A CA  1 
ATOM 257  C C   . GLU A 1 35  ? 1.977   2.280   -4.966  1.00 100.00 ? 35  GLU A C   1 
ATOM 258  O O   . GLU A 1 35  ? 0.754   2.312   -4.723  1.00 100.00 ? 35  GLU A O   1 
ATOM 259  C CB  . GLU A 1 35  ? 3.578   3.000   -3.235  1.00 100.00 ? 35  GLU A CB  1 
ATOM 260  C CG  . GLU A 1 35  ? 4.626   2.656   -2.182  1.00 100.00 ? 35  GLU A CG  1 
ATOM 261  C CD  . GLU A 1 35  ? 5.277   3.868   -1.541  1.00 100.00 ? 35  GLU A CD  1 
ATOM 262  O OE1 . GLU A 1 35  ? 4.913   5.002   -1.917  1.00 100.00 ? 35  GLU A OE1 1 
ATOM 263  O OE2 . GLU A 1 35  ? 6.147   3.678   -0.666  1.00 100.00 ? 35  GLU A OE2 1 
ATOM 264  N N   . ASP A 1 36  ? 2.529   2.650   -6.122  1.00 100.00 ? 36  ASP A N   1 
ATOM 265  C CA  . ASP A 1 36  ? 1.690   3.217   -7.214  1.00 100.00 ? 36  ASP A CA  1 
ATOM 266  C C   . ASP A 1 36  ? 0.512   2.275   -7.482  1.00 100.00 ? 36  ASP A C   1 
ATOM 267  O O   . ASP A 1 36  ? -0.646  2.746   -7.450  1.00 100.00 ? 36  ASP A O   1 
ATOM 268  C CB  . ASP A 1 36  ? 2.528   3.521   -8.445  1.00 100.00 ? 36  ASP A CB  1 
ATOM 269  C CG  . ASP A 1 36  ? 3.646   4.525   -8.212  1.00 100.00 ? 36  ASP A CG  1 
ATOM 270  O OD1 . ASP A 1 36  ? 3.779   4.996   -7.063  1.00 100.00 ? 36  ASP A OD1 1 
ATOM 271  O OD2 . ASP A 1 36  ? 4.362   4.839   -9.182  1.00 100.00 ? 36  ASP A OD2 1 
ATOM 272  N N   . PHE A 1 37  ? 0.798   0.996   -7.734  1.00 100.00 ? 37  PHE A N   1 
ATOM 273  C CA  . PHE A 1 37  ? -0.292  0.032   -8.044  1.00 100.00 ? 37  PHE A CA  1 
ATOM 274  C C   . PHE A 1 37  ? -1.306  0.054   -6.901  1.00 100.00 ? 37  PHE A C   1 
ATOM 275  O O   . PHE A 1 37  ? -2.526  0.048   -7.171  1.00 100.00 ? 37  PHE A O   1 
ATOM 276  C CB  . PHE A 1 37  ? 0.213   -1.395  -8.282  1.00 100.00 ? 37  PHE A CB  1 
ATOM 277  C CG  . PHE A 1 37  ? -0.907  -2.364  -8.636  1.00 100.00 ? 37  PHE A CG  1 
ATOM 278  C CD1 . PHE A 1 37  ? -1.283  -2.562  -9.959  1.00 100.00 ? 37  PHE A CD1 1 
ATOM 279  C CD2 . PHE A 1 37  ? -1.590  -3.063  -7.647  1.00 100.00 ? 37  PHE A CD2 1 
ATOM 280  C CE1 . PHE A 1 37  ? -2.308  -3.436  -10.282 1.00 100.00 ? 37  PHE A CE1 1 
ATOM 281  C CE2 . PHE A 1 37  ? -2.616  -3.934  -7.975  1.00 100.00 ? 37  PHE A CE2 1 
ATOM 282  C CZ  . PHE A 1 37  ? -2.972  -4.120  -9.290  1.00 100.00 ? 37  PHE A CZ  1 
ATOM 283  N N   . GLU A 1 38  ? -0.822  0.108   -5.658  1.00 100.00 ? 38  GLU A N   1 
ATOM 284  C CA  . GLU A 1 38  ? -1.738  0.057   -4.492  1.00 100.00 ? 38  GLU A CA  1 
ATOM 285  C C   . GLU A 1 38  ? -2.678  1.267   -4.548  1.00 100.00 ? 38  GLU A C   1 
ATOM 286  O O   . GLU A 1 38  ? -3.887  1.094   -4.287  1.00 100.00 ? 38  GLU A O   1 
ATOM 287  C CB  . GLU A 1 38  ? -0.940  0.093   -3.191  1.00 100.00 ? 38  GLU A CB  1 
ATOM 288  C CG  . GLU A 1 38  ? 0.063   -1.050  -3.060  1.00 100.00 ? 38  GLU A CG  1 
ATOM 289  C CD  . GLU A 1 38  ? 0.866   -0.997  -1.774  1.00 100.00 ? 38  GLU A CD  1 
ATOM 290  O OE1 . GLU A 1 38  ? 0.635   -0.061  -0.979  1.00 100.00 ? 38  GLU A OE1 1 
ATOM 291  O OE2 . GLU A 1 38  ? 1.728   -1.877  -1.568  1.00 100.00 ? 38  GLU A OE2 1 
ATOM 292  N N   . ARG A 1 39  ? -2.133  2.445   -4.863  1.00 100.00 ? 39  ARG A N   1 
ATOM 293  C CA  . ARG A 1 39  ? -2.948  3.687   -4.881  1.00 100.00 ? 39  ARG A CA  1 
ATOM 294  C C   . ARG A 1 39  ? -4.080  3.541   -5.905  1.00 100.00 ? 39  ARG A C   1 
ATOM 295  O O   . ARG A 1 39  ? -5.261  3.664   -5.508  1.00 100.00 ? 39  ARG A O   1 
ATOM 296  C CB  . ARG A 1 39  ? -2.062  4.883   -5.242  1.00 100.00 ? 39  ARG A CB  1 
ATOM 297  C CG  . ARG A 1 39  ? -0.905  5.085   -4.276  1.00 100.00 ? 39  ARG A CG  1 
ATOM 298  C CD  . ARG A 1 39  ? -0.006  6.240   -4.681  1.00 100.00 ? 39  ARG A CD  1 
ATOM 299  N NE  . ARG A 1 39  ? 1.115   6.385   -3.746  1.00 100.00 ? 39  ARG A NE  1 
ATOM 300  C CZ  . ARG A 1 39  ? 2.066   7.304   -3.844  1.00 100.00 ? 39  ARG A CZ  1 
ATOM 301  N NH1 . ARG A 1 39  ? 2.051   8.166   -4.845  1.00 100.00 ? 39  ARG A NH1 1 
ATOM 302  N NH2 . ARG A 1 39  ? 3.032   7.353   -2.945  1.00 100.00 ? 39  ARG A NH2 1 
ATOM 303  N N   . GLN A 1 40  ? -3.734  3.277   -7.167  1.00 100.00 ? 40  GLN A N   1 
ATOM 304  C CA  . GLN A 1 40  ? -4.780  3.218   -8.221  1.00 100.00 ? 40  GLN A CA  1 
ATOM 305  C C   . GLN A 1 40  ? -5.759  2.082   -7.890  1.00 100.00 ? 40  GLN A C   1 
ATOM 306  O O   . GLN A 1 40  ? -6.979  2.280   -8.077  1.00 100.00 ? 40  GLN A O   1 
ATOM 307  C CB  . GLN A 1 40  ? -4.182  3.051   -9.617  1.00 100.00 ? 40  GLN A CB  1 
ATOM 308  C CG  . GLN A 1 40  ? -3.263  4.194   -10.032 1.00 100.00 ? 40  GLN A CG  1 
ATOM 309  C CD  . GLN A 1 40  ? -2.773  4.063   -11.456 1.00 100.00 ? 40  GLN A CD  1 
ATOM 310  O OE1 . GLN A 1 40  ? -2.014  4.900   -11.958 1.00 100.00 ? 40  GLN A OE1 1 
ATOM 311  N NE2 . GLN A 1 40  ? -3.209  3.004   -12.122 1.00 100.00 ? 40  GLN A NE2 1 
ATOM 312  N N   . LEU A 1 41  ? -5.237  0.950   -7.414  1.00 100.00 ? 41  LEU A N   1 
ATOM 313  C CA  . LEU A 1 41  ? -6.110  -0.202  -7.082  1.00 100.00 ? 41  LEU A CA  1 
ATOM 314  C C   . LEU A 1 41  ? -7.186  0.269   -6.098  1.00 100.00 ? 41  LEU A C   1 
ATOM 315  O O   . LEU A 1 41  ? -8.376  0.093   -6.410  1.00 100.00 ? 41  LEU A O   1 
ATOM 316  C CB  . LEU A 1 41  ? -5.303  -1.359  -6.494  1.00 100.00 ? 41  LEU A CB  1 
ATOM 317  C CG  . LEU A 1 41  ? -6.106  -2.605  -6.110  1.00 100.00 ? 41  LEU A CG  1 
ATOM 318  C CD1 . LEU A 1 41  ? -6.808  -3.195  -7.321  1.00 100.00 ? 41  LEU A CD1 1 
ATOM 319  C CD2 . LEU A 1 41  ? -5.228  -3.643  -5.437  1.00 100.00 ? 41  LEU A CD2 1 
ATOM 320  N N   . ALA A 1 42  ? -6.787  0.912   -4.999  1.00 100.00 ? 42  ALA A N   1 
ATOM 321  C CA  . ALA A 1 42  ? -7.778  1.278   -3.958  1.00 100.00 ? 42  ALA A CA  1 
ATOM 322  C C   . ALA A 1 42  ? -8.841  2.211   -4.535  1.00 100.00 ? 42  ALA A C   1 
ATOM 323  O O   . ALA A 1 42  ? -10.037 2.015   -4.234  1.00 100.00 ? 42  ALA A O   1 
ATOM 324  C CB  . ALA A 1 42  ? -7.069  1.925   -2.792  1.00 100.00 ? 42  ALA A CB  1 
ATOM 325  N N   . TYR A 1 43  ? -8.428  3.193   -5.334  1.00 100.00 ? 43  TYR A N   1 
ATOM 326  C CA  . TYR A 1 43  ? -9.403  4.181   -5.863  1.00 100.00 ? 43  TYR A CA  1 
ATOM 327  C C   . TYR A 1 43  ? -10.404 3.484   -6.775  1.00 100.00 ? 43  TYR A C   1 
ATOM 328  O O   . TYR A 1 43  ? -11.614 3.762   -6.664  1.00 100.00 ? 43  TYR A O   1 
ATOM 329  C CB  . TYR A 1 43  ? -8.657  5.253   -6.656  1.00 100.00 ? 43  TYR A CB  1 
ATOM 330  C CG  . TYR A 1 43  ? -9.524  6.379   -7.201  1.00 100.00 ? 43  TYR A CG  1 
ATOM 331  C CD1 . TYR A 1 43  ? -10.662 6.804   -6.529  1.00 100.00 ? 43  TYR A CD1 1 
ATOM 332  C CD2 . TYR A 1 43  ? -9.220  6.991   -8.409  1.00 100.00 ? 43  TYR A CD2 1 
ATOM 333  C CE1 . TYR A 1 43  ? -11.452 7.826   -7.025  1.00 100.00 ? 43  TYR A CE1 1 
ATOM 334  C CE2 . TYR A 1 43  ? -10.011 8.004   -8.923  1.00 100.00 ? 43  TYR A CE2 1 
ATOM 335  C CZ  . TYR A 1 43  ? -11.131 8.424   -8.229  1.00 100.00 ? 43  TYR A CZ  1 
ATOM 336  O OH  . TYR A 1 43  ? -11.912 9.423   -8.727  1.00 100.00 ? 43  TYR A OH  1 
ATOM 337  N N   . TYR A 1 44  ? -9.928  2.587   -7.644  1.00 100.00 ? 44  TYR A N   1 
ATOM 338  C CA  . TYR A 1 44  ? -10.834 1.969   -8.650  1.00 100.00 ? 44  TYR A CA  1 
ATOM 339  C C   . TYR A 1 44  ? -11.440 0.659   -8.167  1.00 100.00 ? 44  TYR A C   1 
ATOM 340  O O   . TYR A 1 44  ? -12.318 0.145   -8.884  1.00 100.00 ? 44  TYR A O   1 
ATOM 341  C CB  . TYR A 1 44  ? -10.020 1.686   -9.912  1.00 100.00 ? 44  TYR A CB  1 
ATOM 342  C CG  . TYR A 1 44  ? -9.414  2.897   -10.609 1.00 100.00 ? 44  TYR A CG  1 
ATOM 343  C CD1 . TYR A 1 44  ? -10.033 4.139   -10.566 1.00 100.00 ? 44  TYR A CD1 1 
ATOM 344  C CD2 . TYR A 1 44  ? -8.216  2.793   -11.303 1.00 100.00 ? 44  TYR A CD2 1 
ATOM 345  C CE1 . TYR A 1 44  ? -9.485  5.239   -11.204 1.00 100.00 ? 44  TYR A CE1 1 
ATOM 346  C CE2 . TYR A 1 44  ? -7.653  3.886   -11.939 1.00 100.00 ? 44  TYR A CE2 1 
ATOM 347  C CZ  . TYR A 1 44  ? -8.290  5.112   -11.888 1.00 100.00 ? 44  TYR A CZ  1 
ATOM 348  O OH  . TYR A 1 44  ? -7.739  6.192   -12.515 1.00 100.00 ? 44  TYR A OH  1 
ATOM 349  N N   . ALA A 1 45  ? -11.021 0.132   -7.014  1.00 100.00 ? 45  ALA A N   1 
ATOM 350  C CA  . ALA A 1 45  ? -11.500 -1.216  -6.605  1.00 100.00 ? 45  ALA A CA  1 
ATOM 351  C C   . ALA A 1 45  ? -12.770 -1.155  -5.755  1.00 100.00 ? 45  ALA A C   1 
ATOM 352  O O   . ALA A 1 45  ? -13.271 -2.236  -5.379  1.00 100.00 ? 45  ALA A O   1 
ATOM 353  C CB  . ALA A 1 45  ? -10.406 -1.967  -5.881  1.00 100.00 ? 45  ALA A CB  1 
ATOM 354  N N   . THR A 1 46  ? -13.244 0.048   -5.433  1.00 100.00 ? 46  THR A N   1 
ATOM 355  C CA  . THR A 1 46  ? -14.448 0.180   -4.591  1.00 100.00 ? 46  THR A CA  1 
ATOM 356  C C   . THR A 1 46  ? -15.555 -0.637  -5.216  1.00 100.00 ? 46  THR A C   1 
ATOM 357  O O   . THR A 1 46  ? -16.122 -1.503  -4.514  1.00 100.00 ? 46  THR A O   1 
ATOM 358  C CB  . THR A 1 46  ? -14.821 1.656   -4.486  1.00 100.00 ? 46  THR A CB  1 
ATOM 359  O OG1 . THR A 1 46  ? -13.682 2.284   -3.906  1.00 100.00 ? 46  THR A OG1 1 
ATOM 360  C CG2 . THR A 1 46  ? -16.048 1.886   -3.620  1.00 100.00 ? 46  THR A CG2 1 
ATOM 361  N N   . THR A 1 47  ? -15.859 -0.380  -6.489  1.00 100.00 ? 47  THR A N   1 
ATOM 362  C CA  . THR A 1 47  ? -16.923 -1.110  -7.213  1.00 100.00 ? 47  THR A CA  1 
ATOM 363  C C   . THR A 1 47  ? -16.565 -2.574  -7.360  1.00 100.00 ? 47  THR A C   1 
ATOM 364  O O   . THR A 1 47  ? -17.490 -3.406  -7.296  1.00 100.00 ? 47  THR A O   1 
ATOM 365  C CB  . THR A 1 47  ? -17.130 -0.449  -8.573  1.00 100.00 ? 47  THR A CB  1 
ATOM 366  O OG1 . THR A 1 47  ? -15.872 -0.562  -9.229  1.00 100.00 ? 47  THR A OG1 1 
ATOM 367  C CG2 . THR A 1 47  ? -17.530 1.010   -8.454  1.00 100.00 ? 47  THR A CG2 1 
ATOM 368  N N   . TRP A 1 48  ? -15.284 -2.898  -7.545  1.00 100.00 ? 48  TRP A N   1 
ATOM 369  C CA  . TRP A 1 48  ? -14.879 -4.298  -7.842  1.00 100.00 ? 48  TRP A CA  1 
ATOM 370  C C   . TRP A 1 48  ? -15.394 -5.281  -6.800  1.00 100.00 ? 48  TRP A C   1 
ATOM 371  O O   . TRP A 1 48  ? -15.221 -5.009  -5.601  1.00 100.00 ? 48  TRP A O   1 
ATOM 372  C CB  . TRP A 1 48  ? -13.351 -4.375  -7.884  1.00 100.00 ? 48  TRP A CB  1 
ATOM 373  C CG  . TRP A 1 48  ? -12.721 -3.603  -9.006  1.00 100.00 ? 48  TRP A CG  1 
ATOM 374  C CD1 . TRP A 1 48  ? -13.200 -2.493  -9.635  1.00 100.00 ? 48  TRP A CD1 1 
ATOM 375  C CD2 . TRP A 1 48  ? -11.429 -3.868  -9.585  1.00 100.00 ? 48  TRP A CD2 1 
ATOM 376  N NE1 . TRP A 1 48  ? -12.316 -2.073  -10.591 1.00 100.00 ? 48  TRP A NE1 1 
ATOM 377  C CE2 . TRP A 1 48  ? -11.218 -2.890  -10.578 1.00 100.00 ? 48  TRP A CE2 1 
ATOM 378  C CE3 . TRP A 1 48  ? -10.447 -4.838  -9.364  1.00 100.00 ? 48  TRP A CE3 1 
ATOM 379  C CZ2 . TRP A 1 48  ? -10.060 -2.858  -11.349 1.00 100.00 ? 48  TRP A CZ2 1 
ATOM 380  C CZ3 . TRP A 1 48  ? -9.300  -4.797  -10.120 1.00 100.00 ? 48  TRP A CZ3 1 
ATOM 381  C CH2 . TRP A 1 48  ? -9.116  -3.826  -11.101 1.00 100.00 ? 48  TRP A CH2 1 
ATOM 382  N N   . THR A 1 49  ? -15.934 -6.417  -7.254  1.00 100.00 ? 49  THR A N   1 
ATOM 383  C CA  . THR A 1 49  ? -16.435 -7.468  -6.342  1.00 100.00 ? 49  THR A CA  1 
ATOM 384  C C   . THR A 1 49  ? -15.248 -8.161  -5.725  1.00 100.00 ? 49  THR A C   1 
ATOM 385  O O   . THR A 1 49  ? -14.142 -8.053  -6.294  1.00 100.00 ? 49  THR A O   1 
ATOM 386  C CB  . THR A 1 49  ? -17.271 -8.474  -7.125  1.00 100.00 ? 49  THR A CB  1 
ATOM 387  O OG1 . THR A 1 49  ? -16.350 -9.134  -7.987  1.00 100.00 ? 49  THR A OG1 1 
ATOM 388  C CG2 . THR A 1 49  ? -18.381 -7.818  -7.923  1.00 100.00 ? 49  THR A CG2 1 
ATOM 389  N N   . SER A 1 50  ? -15.462 -8.894  -4.633  1.00 100.00 ? 50  SER A N   1 
ATOM 390  C CA  . SER A 1 50  ? -14.324 -9.533  -3.925  1.00 100.00 ? 50  SER A CA  1 
ATOM 391  C C   . SER A 1 50  ? -13.602 -10.484 -4.886  1.00 100.00 ? 50  SER A C   1 
ATOM 392  O O   . SER A 1 50  ? -12.353 -10.504 -4.872  1.00 100.00 ? 50  SER A O   1 
ATOM 393  C CB  . SER A 1 50  ? -14.799 -10.265 -2.705  1.00 100.00 ? 50  SER A CB  1 
ATOM 394  O OG  . SER A 1 50  ? -15.720 -11.288 -3.058  1.00 100.00 ? 50  SER A OG  1 
ATOM 395  N N   . LYS A 1 51  ? -14.360 -11.224 -5.699  1.00 100.00 ? 51  LYS A N   1 
ATOM 396  C CA  . LYS A 1 51  ? -13.746 -12.181 -6.653  1.00 100.00 ? 51  LYS A CA  1 
ATOM 397  C C   . LYS A 1 51  ? -12.870 -11.417 -7.655  1.00 100.00 ? 51  LYS A C   1 
ATOM 398  O O   . LYS A 1 51  ? -11.744 -11.883 -7.933  1.00 100.00 ? 51  LYS A O   1 
ATOM 399  C CB  . LYS A 1 51  ? -14.838 -12.944 -7.408  1.00 100.00 ? 51  LYS A CB  1 
ATOM 400  C CG  . LYS A 1 51  ? -15.767 -13.777 -6.540  1.00 100.00 ? 51  LYS A CG  1 
ATOM 401  C CD  . LYS A 1 51  ? -16.829 -14.476 -7.377  1.00 100.00 ? 51  LYS A CD  1 
ATOM 402  C CE  . LYS A 1 51  ? -16.218 -15.361 -8.415  1.00 100.00 ? 51  LYS A CE  1 
ATOM 403  N NZ  . LYS A 1 51  ? -17.240 -16.013 -9.237  1.00 100.00 ? 51  LYS A NZ  1 
ATOM 404  N N   . ASP A 1 52  ? -13.360 -10.283 -8.161  1.00 100.00 ? 52  ASP A N   1 
ATOM 405  C CA  . ASP A 1 52  ? -12.595 -9.513  -9.179  1.00 100.00 ? 52  ASP A CA  1 
ATOM 406  C C   . ASP A 1 52  ? -11.288 -9.016  -8.555  1.00 100.00 ? 52  ASP A C   1 
ATOM 407  O O   . ASP A 1 52  ? -10.239 -9.109  -9.224  1.00 100.00 ? 52  ASP A O   1 
ATOM 408  C CB  . ASP A 1 52  ? -13.438 -8.390  -9.762  1.00 100.00 ? 52  ASP A CB  1 
ATOM 409  C CG  . ASP A 1 52  ? -14.722 -8.836  -10.443 1.00 100.00 ? 52  ASP A CG  1 
ATOM 410  O OD1 . ASP A 1 52  ? -14.978 -10.057 -10.468 1.00 100.00 ? 52  ASP A OD1 1 
ATOM 411  O OD2 . ASP A 1 52  ? -15.463 -7.959  -10.933 1.00 100.00 ? 52  ASP A OD2 1 
ATOM 412  N N   . ILE A 1 53  ? -11.348 -8.535  -7.311  1.00 100.00 ? 53  ILE A N   1 
ATOM 413  C CA  . ILE A 1 53  ? -10.135 -7.990  -6.632  1.00 100.00 ? 53  ILE A CA  1 
ATOM 414  C C   . ILE A 1 53  ? -9.054  -9.080  -6.632  1.00 100.00 ? 53  ILE A C   1 
ATOM 415  O O   . ILE A 1 53  ? -7.857  -8.727  -6.605  1.00 100.00 ? 53  ILE A O   1 
ATOM 416  C CB  . ILE A 1 53  ? -10.487 -7.523  -5.209  1.00 100.00 ? 53  ILE A CB  1 
ATOM 417  C CG1 . ILE A 1 53  ? -11.654 -6.539  -5.220  1.00 100.00 ? 53  ILE A CG1 1 
ATOM 418  C CG2 . ILE A 1 53  ? -9.267  -6.938  -4.498  1.00 100.00 ? 53  ILE A CG2 1 
ATOM 419  C CD1 . ILE A 1 53  ? -12.077 -6.061  -3.845  1.00 100.00 ? 53  ILE A CD1 1 
ATOM 420  N N   . LEU A 1 54  ? -9.463  -10.349 -6.683  1.00 100.00 ? 54  LEU A N   1 
ATOM 421  C CA  . LEU A 1 54  ? -8.496  -11.474 -6.653  1.00 100.00 ? 54  LEU A CA  1 
ATOM 422  C C   . LEU A 1 54  ? -8.156  -11.968 -8.072  1.00 100.00 ? 54  LEU A C   1 
ATOM 423  O O   . LEU A 1 54  ? -6.994  -12.365 -8.266  1.00 100.00 ? 54  LEU A O   1 
ATOM 424  C CB  . LEU A 1 54  ? -9.083  -12.568 -5.771  1.00 100.00 ? 54  LEU A CB  1 
ATOM 425  C CG  . LEU A 1 54  ? -9.333  -12.171 -4.315  1.00 100.00 ? 54  LEU A CG  1 
ATOM 426  C CD1 . LEU A 1 54  ? -9.938  -13.324 -3.546  1.00 100.00 ? 54  LEU A CD1 1 
ATOM 427  C CD2 . LEU A 1 54  ? -8.032  -11.733 -3.676  1.00 100.00 ? 54  LEU A CD2 1 
ATOM 428  N N   . GLU A 1 55  ? -9.104  -11.964 -9.020  1.00 100.00 ? 55  GLU A N   1 
ATOM 429  C CA  . GLU A 1 55  ? -8.815  -12.333 -10.434 1.00 100.00 ? 55  GLU A CA  1 
ATOM 430  C C   . GLU A 1 55  ? -8.039  -11.211 -11.140 1.00 100.00 ? 55  GLU A C   1 
ATOM 431  O O   . GLU A 1 55  ? -7.055  -11.539 -11.812 1.00 100.00 ? 55  GLU A O   1 
ATOM 432  C CB  . GLU A 1 55  ? -10.110 -12.646 -11.175 1.00 100.00 ? 55  GLU A CB  1 
ATOM 433  C CG  . GLU A 1 55  ? -10.846 -13.840 -10.575 1.00 100.00 ? 55  GLU A CG  1 
ATOM 434  C CD  . GLU A 1 55  ? -12.234 -14.094 -11.129 1.00 100.00 ? 55  GLU A CD  1 
ATOM 435  O OE1 . GLU A 1 55  ? -12.670 -13.313 -11.995 1.00 100.00 ? 55  GLU A OE1 1 
ATOM 436  O OE2 . GLU A 1 55  ? -12.877 -15.075 -10.704 1.00 100.00 ? 55  GLU A OE2 1 
ATOM 437  N N   . VAL A 1 56  ? -8.416  -9.943  -10.953 1.00 100.00 ? 56  VAL A N   1 
ATOM 438  C CA  . VAL A 1 56  ? -7.752  -8.824  -11.689 1.00 100.00 ? 56  VAL A CA  1 
ATOM 439  C C   . VAL A 1 56  ? -6.426  -8.504  -10.983 1.00 100.00 ? 56  VAL A C   1 
ATOM 440  O O   . VAL A 1 56  ? -5.735  -7.585  -11.423 1.00 100.00 ? 56  VAL A O   1 
ATOM 441  C CB  . VAL A 1 56  ? -8.671  -7.601  -11.869 1.00 100.00 ? 56  VAL A CB  1 
ATOM 442  C CG1 . VAL A 1 56  ? -8.095  -6.551  -12.808 1.00 100.00 ? 56  VAL A CG1 1 
ATOM 443  C CG2 . VAL A 1 56  ? -10.015 -8.033  -12.431 1.00 100.00 ? 56  VAL A CG2 1 
ATOM 444  N N   . LEU A 1 57  ? -6.096  -9.201  -9.898  1.00 100.00 ? 57  LEU A N   1 
ATOM 445  C CA  . LEU A 1 57  ? -4.756  -9.032  -9.282  1.00 100.00 ? 57  LEU A CA  1 
ATOM 446  C C   . LEU A 1 57  ? -3.874  -10.142 -9.856  1.00 100.00 ? 57  LEU A C   1 
ATOM 447  O O   . LEU A 1 57  ? -2.690  -9.878  -10.126 1.00 100.00 ? 57  LEU A O   1 
ATOM 448  C CB  . LEU A 1 57  ? -4.789  -9.122  -7.760  1.00 100.00 ? 57  LEU A CB  1 
ATOM 449  C CG  . LEU A 1 57  ? -3.438  -9.042  -7.046  1.00 100.00 ? 57  LEU A CG  1 
ATOM 450  C CD1 . LEU A 1 57  ? -2.926  -7.620  -7.020  1.00 100.00 ? 57  LEU A CD1 1 
ATOM 451  C CD2 . LEU A 1 57  ? -3.499  -9.632  -5.652  1.00 100.00 ? 57  LEU A CD2 1 
ATOM 452  N N   . ALA A 1 58  ? -4.439  -11.330 -10.068 1.00 100.00 ? 58  ALA A N   1 
ATOM 453  C CA  . ALA A 1 58  ? -3.643  -12.484 -10.547 1.00 100.00 ? 58  ALA A CA  1 
ATOM 454  C C   . ALA A 1 58  ? -3.331  -12.358 -12.038 1.00 100.00 ? 58  ALA A C   1 
ATOM 455  O O   . ALA A 1 58  ? -2.421  -13.064 -12.501 1.00 100.00 ? 58  ALA A O   1 
ATOM 456  C CB  . ALA A 1 58  ? -4.398  -13.751 -10.262 1.00 100.00 ? 58  ALA A CB  1 
ATOM 457  N N   . MET A 1 59  ? -4.051  -11.503 -12.766 1.00 100.00 ? 59  MET A N   1 
ATOM 458  C CA  . MET A 1 59  ? -3.742  -11.282 -14.201 1.00 100.00 ? 59  MET A CA  1 
ATOM 459  C C   . MET A 1 59  ? -2.673  -10.190 -14.339 1.00 100.00 ? 59  MET A C   1 
ATOM 460  O O   . MET A 1 59  ? -2.145  -10.049 -15.453 1.00 100.00 ? 59  MET A O   1 
ATOM 461  C CB  . MET A 1 59  ? -4.984  -10.830 -14.965 1.00 100.00 ? 59  MET A CB  1 
ATOM 462  C CG  . MET A 1 59  ? -6.176  -11.725 -14.818 1.00 100.00 ? 59  MET A CG  1 
ATOM 463  S SD  . MET A 1 59  ? -7.582  -10.904 -15.586 1.00 100.00 ? 59  MET A SD  1 
ATOM 464  C CE  . MET A 1 59  ? -8.843  -11.954 -14.857 1.00 100.00 ? 59  MET A CE  1 
ATOM 465  N N   . MET A 1 60  ? -2.365  -9.450  -13.268 1.00 100.00 ? 60  MET A N   1 
ATOM 466  C CA  . MET A 1 60  ? -1.413  -8.308  -13.346 1.00 100.00 ? 60  MET A CA  1 
ATOM 467  C C   . MET A 1 60  ? 0.018   -8.822  -13.512 1.00 100.00 ? 60  MET A C   1 
ATOM 468  O O   . MET A 1 60  ? 0.312   -9.920  -13.028 1.00 100.00 ? 60  MET A O   1 
ATOM 469  C CB  . MET A 1 60  ? -1.510  -7.411  -12.112 1.00 100.00 ? 60  MET A CB  1 
ATOM 470  C CG  . MET A 1 60  ? -2.828  -6.695  -12.015 1.00 100.00 ? 60  MET A CG  1 
ATOM 471  S SD  . MET A 1 60  ? -3.190  -5.996  -13.635 1.00 100.00 ? 60  MET A SD  1 
ATOM 472  C CE  . MET A 1 60  ? -4.786  -5.227  -13.345 1.00 100.00 ? 60  MET A CE  1 
ATOM 473  N N   . PRO A 1 61  ? 0.925   -8.070  -14.159 1.00 100.00 ? 61  PRO A N   1 
ATOM 474  C CA  . PRO A 1 61  ? 2.253   -8.591  -14.439 1.00 100.00 ? 61  PRO A CA  1 
ATOM 475  C C   . PRO A 1 61  ? 3.239   -8.570  -13.293 1.00 100.00 ? 61  PRO A C   1 
ATOM 476  O O   . PRO A 1 61  ? 3.545   -7.506  -12.743 1.00 100.00 ? 61  PRO A O   1 
ATOM 477  C CB  . PRO A 1 61  ? 2.673   -7.660  -15.576 1.00 100.00 ? 61  PRO A CB  1 
ATOM 478  C CG  . PRO A 1 61  ? 2.022   -6.346  -15.250 1.00 100.00 ? 61  PRO A CG  1 
ATOM 479  C CD  . PRO A 1 61  ? 0.695   -6.730  -14.642 1.00 100.00 ? 61  PRO A CD  1 
ATOM 480  N N   . GLY A 1 62  ? 3.761   -9.744  -12.952 1.00 100.00 ? 62  GLY A N   1 
ATOM 481  C CA  . GLY A 1 62  ? 4.745   -9.834  -11.862 1.00 100.00 ? 62  GLY A CA  1 
ATOM 482  C C   . GLY A 1 62  ? 5.454   -11.171 -11.851 1.00 100.00 ? 62  GLY A C   1 
ATOM 483  O O   . GLY A 1 62  ? 5.021   -12.072 -12.592 1.00 100.00 ? 62  GLY A O   1 
ATOM 484  N N   . ASN A 1 63  ? 6.495   -11.306 -11.029 1.00 100.00 ? 63  ASN A N   1 
ATOM 485  C CA  . ASN A 1 63  ? 7.230   -12.593 -10.899 1.00 100.00 ? 63  ASN A CA  1 
ATOM 486  C C   . ASN A 1 63  ? 6.336   -13.611 -10.186 1.00 100.00 ? 63  ASN A C   1 
ATOM 487  O O   . ASN A 1 63  ? 5.418   -13.190 -9.454  1.00 100.00 ? 63  ASN A O   1 
ATOM 488  C CB  . ASN A 1 63  ? 8.546   -12.395 -10.160 1.00 100.00 ? 63  ASN A CB  1 
ATOM 489  C CG  . ASN A 1 63  ? 9.544   -13.480 -10.477 1.00 100.00 ? 63  ASN A CG  1 
ATOM 490  O OD1 . ASN A 1 63  ? 9.270   -14.341 -11.319 1.00 100.00 ? 63  ASN A OD1 1 
ATOM 491  N ND2 . ASN A 1 63  ? 10.712  -13.434 -9.853  1.00 100.00 ? 63  ASN A ND2 1 
ATOM 492  N N   . ARG A 1 64  ? 6.590   -14.904 -10.388 1.00 100.00 ? 64  ARG A N   1 
ATOM 493  C CA  . ARG A 1 64  ? 5.771   -15.967 -9.751  1.00 100.00 ? 64  ARG A CA  1 
ATOM 494  C C   . ARG A 1 64  ? 6.195   -16.147 -8.285  1.00 100.00 ? 64  ARG A C   1 
ATOM 495  O O   . ARG A 1 64  ? 5.350   -16.571 -7.472  1.00 100.00 ? 64  ARG A O   1 
ATOM 496  C CB  . ARG A 1 64  ? 5.922   -17.261 -10.555 1.00 100.00 ? 64  ARG A CB  1 
ATOM 497  C CG  . ARG A 1 64  ? 5.233   -18.501 -10.009 1.00 100.00 ? 64  ARG A CG  1 
ATOM 498  C CD  . ARG A 1 64  ? 3.760   -18.283 -9.737  1.00 100.00 ? 64  ARG A CD  1 
ATOM 499  N NE  . ARG A 1 64  ? 3.177   -19.487 -9.141  1.00 100.00 ? 64  ARG A NE  1 
ATOM 500  C CZ  . ARG A 1 64  ? 2.665   -19.520 -7.923  1.00 100.00 ? 64  ARG A CZ  1 
ATOM 501  N NH1 . ARG A 1 64  ? 1.932   -20.547 -7.536  1.00 100.00 ? 64  ARG A NH1 1 
ATOM 502  N NH2 . ARG A 1 64  ? 2.887   -18.518 -7.093  1.00 100.00 ? 64  ARG A NH2 1 
ATOM 503  N N   . ALA A 1 65  ? 7.455   -15.850 -7.965  1.00 100.00 ? 65  ALA A N   1 
ATOM 504  C CA  . ALA A 1 65  ? 7.874   -15.902 -6.547  1.00 100.00 ? 65  ALA A CA  1 
ATOM 505  C C   . ALA A 1 65  ? 7.129   -14.795 -5.805  1.00 100.00 ? 65  ALA A C   1 
ATOM 506  O O   . ALA A 1 65  ? 6.628   -15.043 -4.690  1.00 100.00 ? 65  ALA A O   1 
ATOM 507  C CB  . ALA A 1 65  ? 9.370   -15.735 -6.442  1.00 100.00 ? 65  ALA A CB  1 
ATOM 508  N N   . GLN A 1 66  ? 7.028   -13.621 -6.431  1.00 100.00 ? 66  GLN A N   1 
ATOM 509  C CA  . GLN A 1 66  ? 6.331   -12.470 -5.806  1.00 100.00 ? 66  GLN A CA  1 
ATOM 510  C C   . GLN A 1 66  ? 4.855   -12.815 -5.573  1.00 100.00 ? 66  GLN A C   1 
ATOM 511  O O   . GLN A 1 66  ? 4.341   -12.503 -4.479  1.00 100.00 ? 66  GLN A O   1 
ATOM 512  C CB  . GLN A 1 66  ? 6.419   -11.283 -6.761  1.00 100.00 ? 66  GLN A CB  1 
ATOM 513  C CG  . GLN A 1 66  ? 5.668   -10.040 -6.296  1.00 100.00 ? 66  GLN A CG  1 
ATOM 514  C CD  . GLN A 1 66  ? 5.721   -8.913  -7.303  1.00 100.00 ? 66  GLN A CD  1 
ATOM 515  O OE1 . GLN A 1 66  ? 6.322   -9.034  -8.376  1.00 100.00 ? 66  GLN A OE1 1 
ATOM 516  N NE2 . GLN A 1 66  ? 5.083   -7.801  -6.967  1.00 100.00 ? 66  GLN A NE2 1 
ATOM 517  N N   . LYS A 1 67  ? 4.209   -13.451 -6.553  1.00 100.00 ? 67  LYS A N   1 
ATOM 518  C CA  . LYS A 1 67  ? 2.756   -13.737 -6.423  1.00 100.00 ? 67  LYS A CA  1 
ATOM 519  C C   . LYS A 1 67  ? 2.540   -14.709 -5.254  1.00 100.00 ? 67  LYS A C   1 
ATOM 520  O O   . LYS A 1 67  ? 1.554   -14.529 -4.509  1.00 100.00 ? 67  LYS A O   1 
ATOM 521  C CB  . LYS A 1 67  ? 2.191   -14.248 -7.753  1.00 100.00 ? 67  LYS A CB  1 
ATOM 522  C CG  . LYS A 1 67  ? 2.301   -13.232 -8.880  1.00 100.00 ? 67  LYS A CG  1 
ATOM 523  C CD  . LYS A 1 67  ? 1.742   -13.690 -10.221 1.00 100.00 ? 67  LYS A CD  1 
ATOM 524  C CE  . LYS A 1 67  ? 1.882   -12.625 -11.263 1.00 100.00 ? 67  LYS A CE  1 
ATOM 525  N NZ  . LYS A 1 67  ? 1.349   -13.050 -12.559 1.00 100.00 ? 67  LYS A NZ  1 
ATOM 526  N N   . GLU A 1 68  ? 3.434   -15.687 -5.092  1.00 100.00 ? 68  GLU A N   1 
ATOM 527  C CA  . GLU A 1 68  ? 3.322   -16.610 -3.938  1.00 100.00 ? 68  GLU A CA  1 
ATOM 528  C C   . GLU A 1 68  ? 3.326   -15.784 -2.645  1.00 100.00 ? 68  GLU A C   1 
ATOM 529  O O   . GLU A 1 68  ? 2.462   -16.034 -1.784  1.00 100.00 ? 68  GLU A O   1 
ATOM 530  C CB  . GLU A 1 68  ? 4.519   -17.553 -3.889  1.00 100.00 ? 68  GLU A CB  1 
ATOM 531  C CG  . GLU A 1 68  ? 4.583   -18.363 -2.599  1.00 100.00 ? 68  GLU A CG  1 
ATOM 532  C CD  . GLU A 1 68  ? 5.976   -18.443 -2.005  1.00 100.00 ? 68  GLU A CD  1 
ATOM 533  O OE1 . GLU A 1 68  ? 6.911   -17.883 -2.616  1.00 100.00 ? 68  GLU A OE1 1 
ATOM 534  O OE2 . GLU A 1 68  ? 6.118   -19.040 -0.917  1.00 100.00 ? 68  GLU A OE2 1 
ATOM 535  N N   . LEU A 1 69  ? 4.240   -14.815 -2.529  1.00 100.00 ? 69  LEU A N   1 
ATOM 536  C CA  . LEU A 1 69  ? 4.347   -13.989 -1.299  1.00 100.00 ? 69  LEU A CA  1 
ATOM 537  C C   . LEU A 1 69  ? 3.054   -13.182 -1.104  1.00 100.00 ? 69  LEU A C   1 
ATOM 538  O O   . LEU A 1 69  ? 2.545   -13.168 0.024   1.00 100.00 ? 69  LEU A O   1 
ATOM 539  C CB  . LEU A 1 69  ? 5.563   -13.077 -1.415  1.00 100.00 ? 69  LEU A CB  1 
ATOM 540  C CG  . LEU A 1 69  ? 6.863   -13.756 -1.845  1.00 100.00 ? 69  LEU A CG  1 
ATOM 541  C CD1 . LEU A 1 69  ? 7.957   -12.737 -2.084  1.00 100.00 ? 69  LEU A CD1 1 
ATOM 542  C CD2 . LEU A 1 69  ? 7.283   -14.750 -0.792  1.00 100.00 ? 69  LEU A CD2 1 
ATOM 543  N N   . ILE A 1 70  ? 2.522   -12.575 -2.167  1.00 100.00 ? 70  ILE A N   1 
ATOM 544  C CA  . ILE A 1 70  ? 1.284   -11.745 -2.058  1.00 100.00 ? 70  ILE A CA  1 
ATOM 545  C C   . ILE A 1 70  ? 0.152   -12.666 -1.590  1.00 100.00 ? 70  ILE A C   1 
ATOM 546  O O   . ILE A 1 70  ? -0.719  -12.199 -0.837  1.00 100.00 ? 70  ILE A O   1 
ATOM 547  C CB  . ILE A 1 70  ? 0.965   -11.028 -3.380  1.00 100.00 ? 70  ILE A CB  1 
ATOM 548  C CG1 . ILE A 1 70  ? 2.129   -10.152 -3.822  1.00 100.00 ? 70  ILE A CG1 1 
ATOM 549  C CG2 . ILE A 1 70  ? -0.331  -10.227 -3.283  1.00 100.00 ? 70  ILE A CG2 1 
ATOM 550  C CD1 . ILE A 1 70  ? 1.940   -9.519  -5.185  1.00 100.00 ? 70  ILE A CD1 1 
ATOM 551  N N   . GLN A 1 71  ? 0.170   -13.925 -2.019  1.00 100.00 ? 71  GLN A N   1 
ATOM 552  C CA  . GLN A 1 71  ? -0.854  -14.896 -1.559  1.00 100.00 ? 71  GLN A CA  1 
ATOM 553  C C   . GLN A 1 71  ? -0.445  -15.424 -0.180  1.00 100.00 ? 71  GLN A C   1 
ATOM 554  O O   . GLN A 1 71  ? -1.347  -15.827 0.578   1.00 100.00 ? 71  GLN A O   1 
ATOM 555  C CB  . GLN A 1 71  ? -1.026  -16.044 -2.553  1.00 100.00 ? 71  GLN A CB  1 
ATOM 556  C CG  . GLN A 1 71  ? -2.139  -17.023 -2.200  1.00 100.00 ? 71  GLN A CG  1 
ATOM 557  C CD  . GLN A 1 71  ? -3.499  -16.368 -2.112  1.00 100.00 ? 71  GLN A CD  1 
ATOM 558  O OE1 . GLN A 1 71  ? -3.998  -15.786 -3.081  1.00 100.00 ? 71  GLN A OE1 1 
ATOM 559  N NE2 . GLN A 1 71  ? -4.112  -16.457 -0.942  1.00 100.00 ? 71  GLN A NE2 1 
ATOM 560  N N   . GLY A 1 72  ? 0.850   -15.396 0.153   1.00 100.00 ? 72  GLY A N   1 
ATOM 561  C CA  . GLY A 1 72  ? 1.229   -15.822 1.505   1.00 100.00 ? 72  GLY A CA  1 
ATOM 562  C C   . GLY A 1 72  ? 0.587   -14.847 2.463   1.00 100.00 ? 72  GLY A C   1 
ATOM 563  O O   . GLY A 1 72  ? -0.165  -15.306 3.339   1.00 100.00 ? 72  GLY A O   1 
ATOM 564  N N   . LYS A 1 73  ? 0.790   -13.544 2.257   1.00 100.00 ? 73  LYS A N   1 
ATOM 565  C CA  . LYS A 1 73  ? 0.275   -12.507 3.179   1.00 100.00 ? 73  LYS A CA  1 
ATOM 566  C C   . LYS A 1 73  ? -1.255  -12.503 3.195   1.00 100.00 ? 73  LYS A C   1 
ATOM 567  O O   . LYS A 1 73  ? -1.806  -12.238 4.244   1.00 100.00 ? 73  LYS A O   1 
ATOM 568  C CB  . LYS A 1 73  ? 0.927   -11.190 2.792   1.00 100.00 ? 73  LYS A CB  1 
ATOM 569  C CG  . LYS A 1 73  ? 2.416   -11.242 2.522   1.00 100.00 ? 73  LYS A CG  1 
ATOM 570  C CD  . LYS A 1 73  ? 3.361   -11.394 3.704   1.00 100.00 ? 73  LYS A CD  1 
ATOM 571  C CE  . LYS A 1 73  ? 4.759   -11.361 3.180   1.00 100.00 ? 73  LYS A CE  1 
ATOM 572  N NZ  . LYS A 1 73  ? 5.763   -11.205 4.230   1.00 100.00 ? 73  LYS A NZ  1 
ATOM 573  N N   . LEU A 1 74  ? -1.922  -12.718 2.078   1.00 100.00 ? 74  LEU A N   1 
ATOM 574  C CA  . LEU A 1 74  ? -3.399  -12.624 2.041   1.00 100.00 ? 74  LEU A CA  1 
ATOM 575  C C   . LEU A 1 74  ? -3.904  -13.750 2.924   1.00 100.00 ? 74  LEU A C   1 
ATOM 576  O O   . LEU A 1 74  ? -4.973  -13.585 3.515   1.00 100.00 ? 74  LEU A O   1 
ATOM 577  C CB  . LEU A 1 74  ? -3.932  -12.696 0.615   1.00 100.00 ? 74  LEU A CB  1 
ATOM 578  C CG  . LEU A 1 74  ? -5.250  -11.988 0.327   1.00 100.00 ? 74  LEU A CG  1 
ATOM 579  C CD1 . LEU A 1 74  ? -4.902  -10.534 0.432   1.00 100.00 ? 74  LEU A CD1 1 
ATOM 580  C CD2 . LEU A 1 74  ? -5.628  -12.314 -1.088  1.00 100.00 ? 74  LEU A CD2 1 
ATOM 581  N N   . ASN A 1 75  ? -3.144  -14.842 3.016   1.00 100.00 ? 75  ASN A N   1 
ATOM 582  C CA  . ASN A 1 75  ? -3.536  -15.963 3.912   1.00 100.00 ? 75  ASN A CA  1 
ATOM 583  C C   . ASN A 1 75  ? -3.356  -15.526 5.368   1.00 100.00 ? 75  ASN A C   1 
ATOM 584  O O   . ASN A 1 75  ? -4.290  -15.740 6.169   1.00 100.00 ? 75  ASN A O   1 
ATOM 585  C CB  . ASN A 1 75  ? -2.764  -17.239 3.591   1.00 100.00 ? 75  ASN A CB  1 
ATOM 586  C CG  . ASN A 1 75  ? -3.057  -17.732 2.196   1.00 100.00 ? 75  ASN A CG  1 
ATOM 587  O OD1 . ASN A 1 75  ? -3.859  -17.125 1.479   1.00 100.00 ? 75  ASN A OD1 1 
ATOM 588  N ND2 . ASN A 1 75  ? -2.435  -18.834 1.800   1.00 100.00 ? 75  ASN A ND2 1 
ATOM 589  N N   . GLU A 1 76  ? -2.220  -14.907 5.694   1.00 100.00 ? 76  GLU A N   1 
ATOM 590  C CA  . GLU A 1 76  ? -1.992  -14.562 7.123   1.00 100.00 ? 76  GLU A CA  1 
ATOM 591  C C   . GLU A 1 76  ? -2.978  -13.437 7.493   1.00 100.00 ? 76  GLU A C   1 
ATOM 592  O O   . GLU A 1 76  ? -3.433  -13.415 8.652   1.00 100.00 ? 76  GLU A O   1 
ATOM 593  C CB  . GLU A 1 76  ? -0.506  -14.313 7.410   1.00 100.00 ? 76  GLU A CB  1 
ATOM 594  C CG  . GLU A 1 76  ? 0.131   -13.107 6.726   1.00 100.00 ? 76  GLU A CG  1 
ATOM 595  C CD  . GLU A 1 76  ? -0.334  -11.749 7.219   1.00 100.00 ? 76  GLU A CD  1 
ATOM 596  O OE1 . GLU A 1 76  ? -0.157  -11.490 8.425   1.00 100.00 ? 76  GLU A OE1 1 
ATOM 597  O OE2 . GLU A 1 76  ? -0.830  -10.944 6.411   1.00 100.00 ? 76  GLU A OE2 1 
ATOM 598  N N   . GLU A 1 77  ? -3.332  -12.567 6.543   1.00 100.00 ? 77  GLU A N   1 
ATOM 599  C CA  . GLU A 1 77  ? -4.363  -11.544 6.852   1.00 100.00 ? 77  GLU A CA  1 
ATOM 600  C C   . GLU A 1 77  ? -5.672  -12.269 7.180   1.00 100.00 ? 77  GLU A C   1 
ATOM 601  O O   . GLU A 1 77  ? -6.333  -11.893 8.171   1.00 100.00 ? 77  GLU A O   1 
ATOM 602  C CB  . GLU A 1 77  ? -4.660  -10.611 5.679   1.00 100.00 ? 77  GLU A CB  1 
ATOM 603  C CG  . GLU A 1 77  ? -3.480  -9.755  5.227   1.00 100.00 ? 77  GLU A CG  1 
ATOM 604  C CD  . GLU A 1 77  ? -2.955  -8.736  6.223   1.00 100.00 ? 77  GLU A CD  1 
ATOM 605  O OE1 . GLU A 1 77  ? -3.502  -8.634  7.341   1.00 100.00 ? 77  GLU A OE1 1 
ATOM 606  O OE2 . GLU A 1 77  ? -1.978  -8.041  5.873   1.00 100.00 ? 77  GLU A OE2 1 
ATOM 607  N N   . ALA A 1 78  ? -6.015  -13.279 6.378   1.00 100.00 ? 78  ALA A N   1 
ATOM 608  C CA  . ALA A 1 78  ? -7.282  -14.013 6.594   1.00 100.00 ? 78  ALA A CA  1 
ATOM 609  C C   . ALA A 1 78  ? -7.245  -14.742 7.936   1.00 100.00 ? 78  ALA A C   1 
ATOM 610  O O   . ALA A 1 78  ? -8.244  -14.674 8.684   1.00 100.00 ? 78  ALA A O   1 
ATOM 611  C CB  . ALA A 1 78  ? -7.503  -14.977 5.456   1.00 100.00 ? 78  ALA A CB  1 
ATOM 612  N N   . GLU A 1 79  ? -6.128  -15.410 8.243   1.00 100.00 ? 79  GLU A N   1 
ATOM 613  C CA  . GLU A 1 79  ? -6.086  -16.211 9.496   1.00 100.00 ? 79  GLU A CA  1 
ATOM 614  C C   . GLU A 1 79  ? -6.211  -15.223 10.665  1.00 100.00 ? 79  GLU A C   1 
ATOM 615  O O   . GLU A 1 79  ? -6.933  -15.533 11.633  1.00 100.00 ? 79  GLU A O   1 
ATOM 616  C CB  . GLU A 1 79  ? -4.877  -17.155 9.527   1.00 100.00 ? 79  GLU A CB  1 
ATOM 617  C CG  . GLU A 1 79  ? -3.501  -16.502 9.623   1.00 100.00 ? 79  GLU A CG  1 
ATOM 618  C CD  . GLU A 1 79  ? -3.156  -15.858 10.955  1.00 100.00 ? 79  GLU A CD  1 
ATOM 619  O OE1 . GLU A 1 79  ? -3.157  -16.600 11.958  1.00 100.00 ? 79  GLU A OE1 1 
ATOM 620  O OE2 . GLU A 1 79  ? -2.867  -14.646 11.003  1.00 100.00 ? 79  GLU A OE2 1 
ATOM 621  N N   . ARG A 1 80  ? -5.554  -14.067 10.549  1.00 100.00 ? 80  ARG A N   1 
ATOM 622  C CA  . ARG A 1 80  ? -5.663  -13.028 11.604  1.00 100.00 ? 80  ARG A CA  1 
ATOM 623  C C   . ARG A 1 80  ? -7.144  -12.660 11.772  1.00 100.00 ? 80  ARG A C   1 
ATOM 624  O O   . ARG A 1 80  ? -7.644  -12.721 12.911  1.00 100.00 ? 80  ARG A O   1 
ATOM 625  C CB  . ARG A 1 80  ? -4.804  -11.819 11.228  1.00 100.00 ? 80  ARG A CB  1 
ATOM 626  C CG  . ARG A 1 80  ? -4.865  -10.674 12.225  1.00 100.00 ? 80  ARG A CG  1 
ATOM 627  C CD  . ARG A 1 80  ? -3.953  -9.540  11.798  1.00 100.00 ? 80  ARG A CD  1 
ATOM 628  N NE  . ARG A 1 80  ? -2.558  -9.994  11.750  1.00 100.00 ? 80  ARG A NE  1 
ATOM 629  C CZ  . ARG A 1 80  ? -1.793  -9.986  10.667  1.00 100.00 ? 80  ARG A CZ  1 
ATOM 630  N NH1 . ARG A 1 80  ? -2.286  -9.582  9.512   1.00 100.00 ? 80  ARG A NH1 1 
ATOM 631  N NH2 . ARG A 1 80  ? -0.540  -10.395 10.746  1.00 100.00 ? 80  ARG A NH2 1 
ATOM 632  N N   . TRP A 1 81  ? -7.819  -12.325 10.703  1.00 100.00 ? 81  TRP A N   1 
ATOM 633  C CA  . TRP A 1 81  ? -9.236  -11.887 10.769  1.00 100.00 ? 81  TRP A CA  1 
ATOM 634  C C   . TRP A 1 81  ? -10.055 -12.995 11.420  1.00 100.00 ? 81  TRP A C   1 
ATOM 635  O O   . TRP A 1 81  ? -10.931 -12.690 12.259  1.00 100.00 ? 81  TRP A O   1 
ATOM 636  C CB  . TRP A 1 81  ? -9.754  -11.571 9.362   1.00 100.00 ? 81  TRP A CB  1 
ATOM 637  C CG  . TRP A 1 81  ? -11.197 -11.141 9.319   1.00 100.00 ? 81  TRP A CG  1 
ATOM 638  C CD1 . TRP A 1 81  ? -11.677 -9.868  9.418   1.00 100.00 ? 81  TRP A CD1 1 
ATOM 639  C CD2 . TRP A 1 81  ? -12.351 -11.993 9.151   1.00 100.00 ? 81  TRP A CD2 1 
ATOM 640  N NE1 . TRP A 1 81  ? -13.043 -9.867  9.331   1.00 100.00 ? 81  TRP A NE1 1 
ATOM 641  C CE2 . TRP A 1 81  ? -13.485 -11.154 9.167   1.00 100.00 ? 81  TRP A CE2 1 
ATOM 642  C CE3 . TRP A 1 81  ? -12.535 -13.370 8.994   1.00 100.00 ? 81  TRP A CE3 1 
ATOM 643  C CZ2 . TRP A 1 81  ? -14.779 -11.651 9.030   1.00 100.00 ? 81  TRP A CZ2 1 
ATOM 644  C CZ3 . TRP A 1 81  ? -13.814 -13.859 8.857   1.00 100.00 ? 81  TRP A CZ3 1 
ATOM 645  C CH2 . TRP A 1 81  ? -14.920 -13.010 8.876   1.00 100.00 ? 81  TRP A CH2 1 
ATOM 646  N N   . ARG A 1 82  ? -9.764  -14.243 11.053  1.00 100.00 ? 82  ARG A N   1 
ATOM 647  C CA  . ARG A 1 82  ? -10.479 -15.400 11.644  1.00 100.00 ? 82  ARG A CA  1 
ATOM 648  C C   . ARG A 1 82  ? -10.191 -15.431 13.150  1.00 100.00 ? 82  ARG A C   1 
ATOM 649  O O   . ARG A 1 82  ? -11.118 -15.736 13.927  1.00 100.00 ? 82  ARG A O   1 
ATOM 650  C CB  . ARG A 1 82  ? -10.007 -16.681 10.954  1.00 100.00 ? 82  ARG A CB  1 
ATOM 651  C CG  . ARG A 1 82  ? -10.655 -17.970 11.437  1.00 100.00 ? 82  ARG A CG  1 
ATOM 652  C CD  . ARG A 1 82  ? -10.094 -19.159 10.677  1.00 100.00 ? 82  ARG A CD  1 
ATOM 653  N NE  . ARG A 1 82  ? -10.323 -19.042 9.233   1.00 100.00 ? 82  ARG A NE  1 
ATOM 654  C CZ  . ARG A 1 82  ? -9.360  -19.006 8.321   1.00 100.00 ? 82  ARG A CZ  1 
ATOM 655  N NH1 . ARG A 1 82  ? -8.094  -19.052 8.695   1.00 100.00 ? 82  ARG A NH1 1 
ATOM 656  N NH2 . ARG A 1 82  ? -9.667  -18.920 7.040   1.00 100.00 ? 82  ARG A NH2 1 
ATOM 657  N N   . ARG A 1 83  ? -8.947  -15.138 13.537  1.00 100.00 ? 83  ARG A N   1 
ATOM 658  C CA  . ARG A 1 83  ? -8.573  -15.123 14.974  1.00 100.00 ? 83  ARG A CA  1 
ATOM 659  C C   . ARG A 1 83  ? -9.111  -13.845 15.629  1.00 100.00 ? 83  ARG A C   1 
ATOM 660  O O   . ARG A 1 83  ? -9.968  -13.964 16.530  1.00 100.00 ? 83  ARG A O   1 
ATOM 661  C CB  . ARG A 1 83  ? -7.052  -15.197 15.135  1.00 100.00 ? 83  ARG A CB  1 
ATOM 662  C CG  . ARG A 1 83  ? -6.432  -16.468 14.575  1.00 100.00 ? 83  ARG A CG  1 
ATOM 663  C CD  . ARG A 1 83  ? -4.923  -16.465 14.748  1.00 100.00 ? 83  ARG A CD  1 
ATOM 664  N NE  . ARG A 1 83  ? -4.293  -15.344 14.043  1.00 100.00 ? 83  ARG A NE  1 
ATOM 665  C CZ  . ARG A 1 83  ? -3.570  -14.397 14.625  1.00 100.00 ? 83  ARG A CZ  1 
ATOM 666  N NH1 . ARG A 1 83  ? -3.416  -14.397 15.937  1.00 100.00 ? 83  ARG A NH1 1 
ATOM 667  N NH2 . ARG A 1 83  ? -3.007  -13.450 13.896  1.00 100.00 ? 83  ARG A NH2 1 
ATOM 668  N N   . ASN A 1 84  ? -8.625  -12.678 15.196  1.00 100.00 ? 84  ASN A N   1 
ATOM 669  C CA  . ASN A 1 84  ? -9.037  -11.397 15.839  1.00 100.00 ? 84  ASN A CA  1 
ATOM 670  C C   . ASN A 1 84  ? -10.515 -11.467 16.227  1.00 100.00 ? 84  ASN A C   1 
ATOM 671  O O   . ASN A 1 84  ? -10.859 -10.960 17.313  1.00 100.00 ? 84  ASN A O   1 
ATOM 672  C CB  . ASN A 1 84  ? -8.723  -10.182 14.975  1.00 100.00 ? 84  ASN A CB  1 
ATOM 673  C CG  . ASN A 1 84  ? -7.236  -9.959  14.832  1.00 100.00 ? 84  ASN A CG  1 
ATOM 674  O OD1 . ASN A 1 84  ? -6.438  -10.718 15.391  1.00 100.00 ? 84  ASN A OD1 1 
ATOM 675  N ND2 . ASN A 1 84  ? -6.846  -8.929  14.096  1.00 100.00 ? 84  ASN A ND2 1 
ATOM 676  N N   . ASN A 1 85  ? -11.360 -12.052 15.376  1.00 66.15  ? 85  ASN A N   1 
ATOM 677  C CA  . ASN A 1 85  ? -12.812 -12.032 15.690  1.00 66.15  ? 85  ASN A CA  1 
ATOM 678  C C   . ASN A 1 85  ? -13.293 -13.446 15.997  1.00 66.15  ? 85  ASN A C   1 
ATOM 679  O O   . ASN A 1 85  ? -13.138 -14.326 15.132  1.00 66.15  ? 85  ASN A O   1 
ATOM 680  C CB  . ASN A 1 85  ? -13.633 -11.594 14.483  1.00 66.15  ? 85  ASN A CB  1 
ATOM 681  C CG  . ASN A 1 85  ? -15.072 -11.277 14.814  1.00 66.15  ? 85  ASN A CG  1 
ATOM 682  O OD1 . ASN A 1 85  ? -15.379 -10.827 15.922  1.00 66.15  ? 85  ASN A OD1 1 
ATOM 683  N ND2 . ASN A 1 85  ? -15.968 -11.496 13.864  1.00 66.15  ? 85  ASN A ND2 1 
ATOM 684  N N   . PRO A 1 86  ? -13.942 -13.704 17.152  1.00 96.39  ? 86  PRO A N   1 
ATOM 685  C CA  . PRO A 1 86  ? -14.518 -15.015 17.395  1.00 96.39  ? 86  PRO A CA  1 
ATOM 686  C C   . PRO A 1 86  ? -15.642 -15.163 16.395  1.00 96.39  ? 86  PRO A C   1 
ATOM 687  O O   . PRO A 1 86  ? -16.351 -14.167 16.149  1.00 96.39  ? 86  PRO A O   1 
ATOM 688  C CB  . PRO A 1 86  ? -15.018 -14.934 18.840  1.00 96.39  ? 86  PRO A CB  1 
ATOM 689  C CG  . PRO A 1 86  ? -14.306 -13.727 19.414  1.00 96.39  ? 86  PRO A CG  1 
ATOM 690  C CD  . PRO A 1 86  ? -14.110 -12.772 18.249  1.00 96.39  ? 86  PRO A CD  1 
ATOM 691  N N   . PRO A 1 87  ? -15.875 -16.350 15.795  1.00 94.62  ? 87  PRO A N   1 
ATOM 692  C CA  . PRO A 1 87  ? -17.035 -16.504 14.933  1.00 94.62  ? 87  PRO A CA  1 
ATOM 693  C C   . PRO A 1 87  ? -18.276 -16.347 15.790  1.00 94.62  ? 87  PRO A C   1 
ATOM 694  O O   . PRO A 1 87  ? -18.296 -16.871 16.922  1.00 94.62  ? 87  PRO A O   1 
ATOM 695  C CB  . PRO A 1 87  ? -16.876 -17.930 14.396  1.00 94.62  ? 87  PRO A CB  1 
ATOM 696  C CG  . PRO A 1 87  ? -15.411 -18.247 14.605  1.00 94.62  ? 87  PRO A CG  1 
ATOM 697  C CD  . PRO A 1 87  ? -15.033 -17.525 15.887  1.00 94.62  ? 87  PRO A CD  1 
ATOM 698  N N   . PRO A 1 88  ? -19.340 -15.664 15.316  1.00 53.89  ? 88  PRO A N   1 
ATOM 699  C CA  . PRO A 1 88  ? -20.591 -15.606 16.062  1.00 53.89  ? 88  PRO A CA  1 
ATOM 700  C C   . PRO A 1 88  ? -21.217 -16.988 16.035  1.00 53.89  ? 88  PRO A C   1 
ATOM 701  O O   . PRO A 1 88  ? -20.941 -17.751 15.091  1.00 53.89  ? 88  PRO A O   1 
ATOM 702  C CB  . PRO A 1 88  ? -21.403 -14.559 15.299  1.00 53.89  ? 88  PRO A CB  1 
ATOM 703  C CG  . PRO A 1 88  ? -20.345 -13.756 14.571  1.00 53.89  ? 88  PRO A CG  1 
ATOM 704  C CD  . PRO A 1 88  ? -19.328 -14.807 14.149  1.00 53.89  ? 88  PRO A CD  1 
ATOM 705  N N   . PRO A 1 89  ? -22.059 -17.371 17.022  1.00 30.00  ? 89  PRO A N   1 
ATOM 706  C CA  . PRO A 1 89  ? -22.565 -18.734 17.084  1.00 30.00  ? 89  PRO A CA  1 
ATOM 707  C C   . PRO A 1 89  ? -23.396 -18.939 15.832  1.00 30.00  ? 89  PRO A C   1 
ATOM 708  O O   . PRO A 1 89  ? -24.053 -17.950 15.439  1.00 30.00  ? 89  PRO A O   1 
ATOM 709  C CB  . PRO A 1 89  ? -23.402 -18.754 18.366  1.00 30.00  ? 89  PRO A CB  1 
ATOM 710  C CG  . PRO A 1 89  ? -22.886 -17.574 19.162  1.00 30.00  ? 89  PRO A CG  1 
ATOM 711  C CD  . PRO A 1 89  ? -22.501 -16.534 18.124  1.00 30.00  ? 89  PRO A CD  1 
ATOM 712  N N   . ALA A 1 90  ? -23.356 -20.137 15.224  1.00 30.00  ? 90  ALA A N   1 
ATOM 713  C CA  . ALA A 1 90  ? -23.963 -20.403 13.890  1.00 30.00  ? 90  ALA A CA  1 
ATOM 714  C C   . ALA A 1 90  ? -22.948 -19.953 12.833  1.00 30.00  ? 90  ALA A C   1 
ATOM 715  O O   . ALA A 1 90  ? -23.282 -19.972 11.629  1.00 30.00  ? 90  ALA A O   1 
ATOM 716  C CB  . ALA A 1 90  ? -25.321 -19.749 13.717  1.00 30.00  ? 90  ALA A CB  1 
ATOM 717  N N   . GLY A 1 91  ? -21.750 -19.555 13.272  1.00 30.00  ? 91  GLY A N   1 
ATOM 718  C CA  . GLY A 1 91  ? -20.637 -19.168 12.376  1.00 30.00  ? 91  GLY A CA  1 
ATOM 719  C C   . GLY A 1 91  ? -20.728 -17.728 11.927  1.00 30.00  ? 91  GLY A C   1 
ATOM 720  O O   . GLY A 1 91  ? -19.831 -17.299 11.168  1.00 30.00  ? 91  GLY A O   1 
ATOM 721  N N   . GLY A 1 92  ? -21.749 -16.992 12.365  1.00 46.10  ? 92  GLY A N   1 
ATOM 722  C CA  . GLY A 1 92  ? -21.786 -15.536 12.138  1.00 46.10  ? 92  GLY A CA  1 
ATOM 723  C C   . GLY A 1 92  ? -22.258 -15.074 10.783  1.00 46.10  ? 92  GLY A C   1 
ATOM 724  O O   . GLY A 1 92  ? -22.590 -15.934 9.942   1.00 46.10  ? 92  GLY A O   1 
ATOM 725  N N   . GLY A 1 93  ? -22.286 -13.754 10.584  1.00 76.69  ? 93  GLY A N   1 
ATOM 726  C CA  . GLY A 1 93  ? -22.596 -13.174 9.266   1.00 76.69  ? 93  GLY A CA  1 
ATOM 727  C C   . GLY A 1 93  ? -21.584 -13.505 8.189   1.00 76.69  ? 93  GLY A C   1 
ATOM 728  O O   . GLY A 1 93  ? -22.017 -13.779 7.052   1.00 76.69  ? 93  GLY A O   1 
ATOM 729  N N   . LEU A 1 94  ? -20.283 -13.493 8.513   1.00 100.00 ? 94  LEU A N   1 
ATOM 730  C CA  . LEU A 1 94  ? -19.272 -13.609 7.428   1.00 100.00 ? 94  LEU A CA  1 
ATOM 731  C C   . LEU A 1 94  ? -18.200 -14.685 7.659   1.00 100.00 ? 94  LEU A C   1 
ATOM 732  O O   . LEU A 1 94  ? -18.009 -15.087 8.822   1.00 100.00 ? 94  LEU A O   1 
ATOM 733  C CB  . LEU A 1 94  ? -18.671 -12.207 7.341   1.00 100.00 ? 94  LEU A CB  1 
ATOM 734  C CG  . LEU A 1 94  ? -17.856 -11.862 6.092   1.00 100.00 ? 94  LEU A CG  1 
ATOM 735  C CD1 . LEU A 1 94  ? -18.730 -11.992 4.863   1.00 100.00 ? 94  LEU A CD1 1 
ATOM 736  C CD2 . LEU A 1 94  ? -17.380 -10.430 6.233   1.00 100.00 ? 94  LEU A CD2 1 
ATOM 737  N N   . THR A 1 95  ? -17.520 -15.108 6.587   1.00 100.00 ? 95  THR A N   1 
ATOM 738  C CA  . THR A 1 95  ? -16.461 -16.130 6.622   1.00 100.00 ? 95  THR A CA  1 
ATOM 739  C C   . THR A 1 95  ? -15.346 -15.652 5.732   1.00 100.00 ? 95  THR A C   1 
ATOM 740  O O   . THR A 1 95  ? -15.643 -14.900 4.793   1.00 100.00 ? 95  THR A O   1 
ATOM 741  C CB  . THR A 1 95  ? -17.028 -17.450 6.110   1.00 100.00 ? 95  THR A CB  1 
ATOM 742  O OG1 . THR A 1 95  ? -17.228 -17.242 4.717   1.00 100.00 ? 95  THR A OG1 1 
ATOM 743  C CG2 . THR A 1 95  ? -18.337 -17.826 6.781   1.00 100.00 ? 95  THR A CG2 1 
ATOM 744  N N   . VAL A 1 96  ? -14.116 -16.109 5.954   1.00 100.00 ? 96  VAL A N   1 
ATOM 745  C CA  . VAL A 1 96  ? -13.008 -15.729 5.031   1.00 100.00 ? 96  VAL A CA  1 
ATOM 746  C C   . VAL A 1 96  ? -13.425 -16.165 3.622   1.00 100.00 ? 96  VAL A C   1 
ATOM 747  O O   . VAL A 1 96  ? -13.163 -15.418 2.667   1.00 100.00 ? 96  VAL A O   1 
ATOM 748  C CB  . VAL A 1 96  ? -11.673 -16.363 5.451   1.00 100.00 ? 96  VAL A CB  1 
ATOM 749  C CG1 . VAL A 1 96  ? -10.621 -16.287 4.354   1.00 100.00 ? 96  VAL A CG1 1 
ATOM 750  C CG2 . VAL A 1 96  ? -11.155 -15.770 6.755   1.00 100.00 ? 96  VAL A CG2 1 
ATOM 751  N N   . ASP A 1 97  ? -14.074 -17.317 3.501   1.00 100.00 ? 97  ASP A N   1 
ATOM 752  C CA  . ASP A 1 97  ? -14.587 -17.744 2.174   1.00 100.00 ? 97  ASP A CA  1 
ATOM 753  C C   . ASP A 1 97  ? -15.455 -16.631 1.588   1.00 100.00 ? 97  ASP A C   1 
ATOM 754  O O   . ASP A 1 97  ? -15.142 -16.186 0.472   1.00 100.00 ? 97  ASP A O   1 
ATOM 755  C CB  . ASP A 1 97  ? -15.332 -19.066 2.257   1.00 100.00 ? 97  ASP A CB  1 
ATOM 756  C CG  . ASP A 1 97  ? -14.473 -20.276 2.588   1.00 100.00 ? 97  ASP A CG  1 
ATOM 757  O OD1 . ASP A 1 97  ? -13.250 -20.096 2.762   1.00 100.00 ? 97  ASP A OD1 1 
ATOM 758  O OD2 . ASP A 1 97  ? -15.033 -21.388 2.656   1.00 100.00 ? 97  ASP A OD2 1 
ATOM 759  N N   . GLN A 1 98  ? -16.505 -16.199 2.289   1.00 100.00 ? 98  GLN A N   1 
ATOM 760  C CA  . GLN A 1 98  ? -17.378 -15.193 1.646   1.00 100.00 ? 98  GLN A CA  1 
ATOM 761  C C   . GLN A 1 98  ? -16.495 -14.014 1.254   1.00 100.00 ? 98  GLN A C   1 
ATOM 762  O O   . GLN A 1 98  ? -16.608 -13.543 0.133   1.00 100.00 ? 98  GLN A O   1 
ATOM 763  C CB  . GLN A 1 98  ? -18.528 -14.763 2.545   1.00 100.00 ? 98  GLN A CB  1 
ATOM 764  C CG  . GLN A 1 98  ? -19.564 -15.855 2.760   1.00 100.00 ? 98  GLN A CG  1 
ATOM 765  C CD  . GLN A 1 98  ? -20.746 -15.375 3.567   1.00 100.00 ? 98  GLN A CD  1 
ATOM 766  O OE1 . GLN A 1 98  ? -20.794 -14.222 4.002   1.00 100.00 ? 98  GLN A OE1 1 
ATOM 767  N NE2 . GLN A 1 98  ? -21.709 -16.258 3.777   1.00 100.00 ? 98  GLN A NE2 1 
ATOM 768  N N   . ILE A 1 99  ? -15.592 -13.607 2.129   1.00 100.00 ? 99  ILE A N   1 
ATOM 769  C CA  . ILE A 1 99  ? -14.724 -12.428 1.884   1.00 100.00 ? 99  ILE A CA  1 
ATOM 770  C C   . ILE A 1 99  ? -13.857 -12.683 0.654   1.00 100.00 ? 99  ILE A C   1 
ATOM 771  O O   . ILE A 1 99  ? -13.776 -11.770 -0.152  1.00 100.00 ? 99  ILE A O   1 
ATOM 772  C CB  . ILE A 1 99  ? -13.888 -12.130 3.132   1.00 100.00 ? 99  ILE A CB  1 
ATOM 773  C CG1 . ILE A 1 99  ? -14.776 -11.852 4.316   1.00 100.00 ? 99  ILE A CG1 1 
ATOM 774  C CG2 . ILE A 1 99  ? -12.926 -10.982 2.867   1.00 100.00 ? 99  ILE A CG2 1 
ATOM 775  C CD1 . ILE A 1 99  ? -14.026 -11.328 5.517   1.00 100.00 ? 99  ILE A CD1 1 
ATOM 776  N N   . MET A 1 100 ? -13.290 -13.871 0.471   1.00 100.00 ? 100 MET A N   1 
ATOM 777  C CA  . MET A 1 100 ? -12.341 -14.133 -0.648  1.00 100.00 ? 100 MET A CA  1 
ATOM 778  C C   . MET A 1 100 ? -13.150 -14.623 -1.857  1.00 100.00 ? 100 MET A C   1 
ATOM 779  O O   . MET A 1 100 ? -12.560 -15.044 -2.852  1.00 100.00 ? 100 MET A O   1 
ATOM 780  C CB  . MET A 1 100 ? -11.234 -15.108 -0.242  1.00 100.00 ? 100 MET A CB  1 
ATOM 781  C CG  . MET A 1 100 ? -10.408 -14.639 0.922   1.00 100.00 ? 100 MET A CG  1 
ATOM 782  S SD  . MET A 1 100 ? -8.955  -13.735 0.367   1.00 100.00 ? 100 MET A SD  1 
ATOM 783  C CE  . MET A 1 100 ? -8.084  -15.126 -0.362  1.00 100.00 ? 100 MET A CE  1 
ATOM 784  N N   . GLY A 1 101 ? -14.465 -14.534 -1.764  1.00 100.00 ? 101 GLY A N   1 
ATOM 785  C CA  . GLY A 1 101 ? -15.326 -14.904 -2.894  1.00 100.00 ? 101 GLY A CA  1 
ATOM 786  C C   . GLY A 1 101 ? -15.111 -16.311 -3.332  1.00 100.00 ? 101 GLY A C   1 
ATOM 787  O O   . GLY A 1 101 ? -14.813 -16.502 -4.514  1.00 100.00 ? 101 GLY A O   1 
ATOM 788  N N   . VAL A 1 102 ? -15.263 -17.264 -2.411  1.00 100.00 ? 102 VAL A N   1 
ATOM 789  C CA  . VAL A 1 102 ? -15.003 -18.697 -2.730  1.00 100.00 ? 102 VAL A CA  1 
ATOM 790  C C   . VAL A 1 102 ? -16.338 -19.376 -3.056  1.00 100.00 ? 102 VAL A C   1 
ATOM 791  O O   . VAL A 1 102 ? -17.251 -19.319 -2.207  1.00 100.00 ? 102 VAL A O   1 
ATOM 792  C CB  . VAL A 1 102 ? -14.283 -19.395 -1.564  1.00 100.00 ? 102 VAL A CB  1 
ATOM 793  C CG1 . VAL A 1 102 ? -14.069 -20.878 -1.838  1.00 100.00 ? 102 VAL A CG1 1 
ATOM 794  C CG2 . VAL A 1 102 ? -12.960 -18.718 -1.234  1.00 100.00 ? 102 VAL A CG2 1 
ATOM 795  N N   . GLY A 1 103 ? -16.433 -19.993 -4.237  1.00 98.28  ? 103 GLY A N   1 
ATOM 796  C CA  . GLY A 1 103 ? -17.673 -20.677 -4.652  1.00 98.28  ? 103 GLY A CA  1 
ATOM 797  C C   . GLY A 1 103 ? -18.863 -19.741 -4.671  1.00 98.28  ? 103 GLY A C   1 
ATOM 798  O O   . GLY A 1 103 ? -19.899 -20.090 -4.070  1.00 98.28  ? 103 GLY A O   1 
ATOM 799  N N   . GLN A 1 104 ? -18.720 -18.585 -5.320  1.00 100.00 ? 104 GLN A N   1 
ATOM 800  C CA  . GLN A 1 104 ? -19.851 -17.632 -5.428  1.00 100.00 ? 104 GLN A CA  1 
ATOM 801  C C   . GLN A 1 104 ? -19.995 -17.187 -6.891  1.00 100.00 ? 104 GLN A C   1 
ATOM 802  O O   . GLN A 1 104 ? -18.969 -16.904 -7.530  1.00 100.00 ? 104 GLN A O   1 
ATOM 803  C CB  . GLN A 1 104 ? -19.585 -16.487 -4.455  1.00 100.00 ? 104 GLN A CB  1 
ATOM 804  C CG  . GLN A 1 104 ? -20.838 -15.725 -4.044  1.00 100.00 ? 104 GLN A CG  1 
ATOM 805  C CD  . GLN A 1 104 ? -20.624 -14.894 -2.800  1.00 100.00 ? 104 GLN A CD  1 
ATOM 806  O OE1 . GLN A 1 104 ? -19.527 -14.856 -2.234  1.00 100.00 ? 104 GLN A OE1 1 
ATOM 807  N NE2 . GLN A 1 104 ? -21.681 -14.228 -2.359  1.00 100.00 ? 104 GLN A NE2 1 
ATOM 808  N N   . THR A 1 105 ? -21.224 -17.144 -7.403  1.00 100.00 ? 105 THR A N   1 
ATOM 809  C CA  . THR A 1 105 ? -21.426 -16.677 -8.780  1.00 100.00 ? 105 THR A CA  1 
ATOM 810  C C   . THR A 1 105 ? -21.025 -15.233 -8.816  1.00 100.00 ? 105 THR A C   1 
ATOM 811  O O   . THR A 1 105 ? -21.244 -14.542 -7.808  1.00 100.00 ? 105 THR A O   1 
ATOM 812  C CB  . THR A 1 105 ? -22.883 -16.855 -9.187  1.00 100.00 ? 105 THR A CB  1 
ATOM 813  O OG1 . THR A 1 105 ? -23.602 -15.893 -8.426  1.00 100.00 ? 105 THR A OG1 1 
ATOM 814  C CG2 . THR A 1 105 ? -23.396 -18.253 -8.901  1.00 100.00 ? 105 THR A CG2 1 
ATOM 815  N N   . ASN A 1 106 ? -20.524 -14.758 -9.950  1.00 100.00 ? 106 ASN A N   1 
ATOM 816  C CA  . ASN A 1 106 ? -20.008 -13.368 -10.025 1.00 100.00 ? 106 ASN A CA  1 
ATOM 817  C C   . ASN A 1 106 ? -21.177 -12.391 -9.896  1.00 100.00 ? 106 ASN A C   1 
ATOM 818  O O   . ASN A 1 106 ? -20.910 -11.202 -9.690  1.00 100.00 ? 106 ASN A O   1 
ATOM 819  C CB  . ASN A 1 106 ? -19.144 -13.188 -11.264 1.00 100.00 ? 106 ASN A CB  1 
ATOM 820  C CG  . ASN A 1 106 ? -17.747 -12.754 -10.895 1.00 100.00 ? 106 ASN A CG  1 
ATOM 821  O OD1 . ASN A 1 106 ? -17.488 -12.433 -9.731  1.00 100.00 ? 106 ASN A OD1 1 
ATOM 822  N ND2 . ASN A 1 106 ? -16.850 -12.698 -11.867 1.00 100.00 ? 106 ASN A ND2 1 
ATOM 823  N N   . GLN A 1 107 ? -22.411 -12.868 -10.017 1.00 100.00 ? 107 GLN A N   1 
ATOM 824  C CA  . GLN A 1 107 ? -23.578 -11.973 -9.826  1.00 100.00 ? 107 GLN A CA  1 
ATOM 825  C C   . GLN A 1 107 ? -24.090 -12.099 -8.384  1.00 100.00 ? 107 GLN A C   1 
ATOM 826  O O   . GLN A 1 107 ? -25.054 -11.396 -8.053  1.00 100.00 ? 107 GLN A O   1 
ATOM 827  C CB  . GLN A 1 107 ? -24.652 -12.276 -10.869 1.00 100.00 ? 107 GLN A CB  1 
ATOM 828  C CG  . GLN A 1 107 ? -25.563 -11.100 -11.209 1.00 100.00 ? 107 GLN A CG  1 
ATOM 829  C CD  . GLN A 1 107 ? -26.895 -11.121 -10.494 1.00 100.00 ? 107 GLN A CD  1 
ATOM 830  O OE1 . GLN A 1 107 ? -27.216 -12.053 -9.748  1.00 100.00 ? 107 GLN A OE1 1 
ATOM 831  N NE2 . GLN A 1 107 ? -27.702 -10.100 -10.739 1.00 100.00 ? 107 GLN A NE2 1 
ATOM 832  N N   . ALA A 1 108 ? -23.474 -12.943 -7.553  1.00 100.00 ? 108 ALA A N   1 
ATOM 833  C CA  . ALA A 1 108 ? -23.883 -13.006 -6.126  1.00 100.00 ? 108 ALA A CA  1 
ATOM 834  C C   . ALA A 1 108 ? -22.805 -12.398 -5.232  1.00 100.00 ? 108 ALA A C   1 
ATOM 835  O O   . ALA A 1 108 ? -23.137 -12.048 -4.090  1.00 100.00 ? 108 ALA A O   1 
ATOM 836  C CB  . ALA A 1 108 ? -24.176 -14.419 -5.716  1.00 100.00 ? 108 ALA A CB  1 
ATOM 837  N N   . ALA A 1 109 ? -21.566 -12.313 -5.715  1.00 100.00 ? 109 ALA A N   1 
ATOM 838  C CA  . ALA A 1 109 ? -20.497 -11.640 -4.947  1.00 100.00 ? 109 ALA A CA  1 
ATOM 839  C C   . ALA A 1 109 ? -20.623 -10.140 -5.182  1.00 100.00 ? 109 ALA A C   1 
ATOM 840  O O   . ALA A 1 109 ? -19.788 -9.387  -4.661  1.00 100.00 ? 109 ALA A O   1 
ATOM 841  C CB  . ALA A 1 109 ? -19.155 -12.144 -5.386  1.00 100.00 ? 109 ALA A CB  1 
ATOM 842  N N   . ALA A 1 110 ? -21.631 -9.732  -5.954  1.00 100.00 ? 110 ALA A N   1 
ATOM 843  C CA  . ALA A 1 110 ? -21.861 -8.302  -6.252  1.00 100.00 ? 110 ALA A CA  1 
ATOM 844  C C   . ALA A 1 110 ? -23.221 -7.858  -5.726  1.00 100.00 ? 110 ALA A C   1 
ATOM 845  O O   . ALA A 1 110 ? -23.638 -6.739  -6.055  1.00 100.00 ? 110 ALA A O   1 
ATOM 846  C CB  . ALA A 1 110 ? -21.809 -8.107  -7.725  1.00 100.00 ? 110 ALA A CB  1 
ATOM 847  N N   . GLN A 1 111 ? -23.900 -8.713  -4.964  1.00 100.00 ? 111 GLN A N   1 
ATOM 848  C CA  . GLN A 1 111 ? -25.201 -8.328  -4.357  1.00 100.00 ? 111 GLN A CA  1 
ATOM 849  C C   . GLN A 1 111 ? -24.935 -7.513  -3.086  1.00 100.00 ? 111 GLN A C   1 
ATOM 850  O O   . GLN A 1 111 ? -23.776 -7.495  -2.631  1.00 100.00 ? 111 GLN A O   1 
ATOM 851  C CB  . GLN A 1 111 ? -26.094 -9.543  -4.109  1.00 100.00 ? 111 GLN A CB  1 
ATOM 852  C CG  . GLN A 1 111 ? -26.468 -10.294 -5.379  1.00 100.00 ? 111 GLN A CG  1 
ATOM 853  C CD  . GLN A 1 111 ? -27.377 -9.519  -6.308  1.00 100.00 ? 111 GLN A CD  1 
ATOM 854  O OE1 . GLN A 1 111 ? -27.832 -8.412  -6.005  1.00 100.00 ? 111 GLN A OE1 1 
ATOM 855  N NE2 . GLN A 1 111 ? -27.683 -10.121 -7.447  1.00 100.00 ? 111 GLN A NE2 1 
ATOM 856  N N   . ALA A 1 112 ? -25.967 -6.875  -2.532  1.00 100.00 ? 112 ALA A N   1 
ATOM 857  C CA  . ALA A 1 112 ? -25.781 -5.970  -1.373  1.00 100.00 ? 112 ALA A CA  1 
ATOM 858  C C   . ALA A 1 112 ? -25.239 -6.717  -0.156  1.00 100.00 ? 112 ALA A C   1 
ATOM 859  O O   . ALA A 1 112 ? -24.531 -6.106  0.665   1.00 100.00 ? 112 ALA A O   1 
ATOM 860  C CB  . ALA A 1 112 ? -27.092 -5.305  -1.059  1.00 100.00 ? 112 ALA A CB  1 
ATOM 861  N N   . ASN A 1 113 ? -25.556 -8.003  -0.041  1.00 100.00 ? 113 ASN A N   1 
ATOM 862  C CA  . ASN A 1 113 ? -25.118 -8.792  1.140   1.00 100.00 ? 113 ASN A CA  1 
ATOM 863  C C   . ASN A 1 113 ? -23.589 -8.854  1.174   1.00 100.00 ? 113 ASN A C   1 
ATOM 864  O O   . ASN A 1 113 ? -23.040 -9.022  2.279   1.00 100.00 ? 113 ASN A O   1 
ATOM 865  C CB  . ASN A 1 113 ? -25.775 -10.166 1.141   1.00 100.00 ? 113 ASN A CB  1 
ATOM 866  C CG  . ASN A 1 113 ? -25.579 -10.908 -0.160  1.00 100.00 ? 113 ASN A CG  1 
ATOM 867  O OD1 . ASN A 1 113 ? -24.941 -10.396 -1.084  1.00 100.00 ? 113 ASN A OD1 1 
ATOM 868  N ND2 . ASN A 1 113 ? -26.123 -12.112 -0.253  1.00 100.00 ? 113 ASN A ND2 1 
ATOM 869  N N   . MET A 1 114 ? -22.931 -8.729  0.020   1.00 100.00 ? 114 MET A N   1 
ATOM 870  C CA  . MET A 1 114 ? -21.456 -8.884  -0.048  1.00 100.00 ? 114 MET A CA  1 
ATOM 871  C C   . MET A 1 114 ? -20.738 -7.525  -0.092  1.00 100.00 ? 114 MET A C   1 
ATOM 872  O O   . MET A 1 114 ? -19.540 -7.521  -0.428  1.00 100.00 ? 114 MET A O   1 
ATOM 873  C CB  . MET A 1 114 ? -21.080 -9.669  -1.302  1.00 100.00 ? 114 MET A CB  1 
ATOM 874  C CG  . MET A 1 114 ? -21.594 -11.085 -1.290  1.00 100.00 ? 114 MET A CG  1 
ATOM 875  S SD  . MET A 1 114 ? -20.596 -12.087 -0.175  1.00 100.00 ? 114 MET A SD  1 
ATOM 876  C CE  . MET A 1 114 ? -19.044 -11.832 -1.046  1.00 100.00 ? 114 MET A CE  1 
ATOM 877  N N   . ASP A 1 115 ? -21.414 -6.422  0.233   1.00 100.00 ? 115 ASP A N   1 
ATOM 878  C CA  . ASP A 1 115 ? -20.687 -5.126  0.273   1.00 100.00 ? 115 ASP A CA  1 
ATOM 879  C C   . ASP A 1 115 ? -19.582 -5.193  1.322   1.00 100.00 ? 115 ASP A C   1 
ATOM 880  O O   . ASP A 1 115 ? -18.452 -4.786  1.017   1.00 100.00 ? 115 ASP A O   1 
ATOM 881  C CB  . ASP A 1 115 ? -21.590 -3.964  0.626   1.00 100.00 ? 115 ASP A CB  1 
ATOM 882  C CG  . ASP A 1 115 ? -22.483 -3.448  -0.490  1.00 100.00 ? 115 ASP A CG  1 
ATOM 883  O OD1 . ASP A 1 115 ? -21.933 -3.016  -1.519  1.00 100.00 ? 115 ASP A OD1 1 
ATOM 884  O OD2 . ASP A 1 115 ? -23.717 -3.466  -0.313  1.00 100.00 ? 115 ASP A OD2 1 
ATOM 885  N N   . GLN A 1 116 ? -19.901 -5.694  2.511   1.00 100.00 ? 116 GLN A N   1 
ATOM 886  C CA  . GLN A 1 116 ? -18.900 -5.725  3.608   1.00 100.00 ? 116 GLN A CA  1 
ATOM 887  C C   . GLN A 1 116 ? -17.748 -6.671  3.232   1.00 100.00 ? 116 GLN A C   1 
ATOM 888  O O   . GLN A 1 116 ? -16.587 -6.282  3.424   1.00 100.00 ? 116 GLN A O   1 
ATOM 889  C CB  . GLN A 1 116 ? -19.561 -6.106  4.930   1.00 100.00 ? 116 GLN A CB  1 
ATOM 890  C CG  . GLN A 1 116 ? -18.592 -6.197  6.105   1.00 100.00 ? 116 GLN A CG  1 
ATOM 891  C CD  . GLN A 1 116 ? -17.929 -4.886  6.470   1.00 100.00 ? 116 GLN A CD  1 
ATOM 892  O OE1 . GLN A 1 116 ? -18.189 -3.829  5.883   1.00 100.00 ? 116 GLN A OE1 1 
ATOM 893  N NE2 . GLN A 1 116 ? -17.066 -4.938  7.475   1.00 100.00 ? 116 GLN A NE2 1 
ATOM 894  N N   . ALA A 1 117 ? -18.074 -7.872  2.755   1.00 100.00 ? 117 ALA A N   1 
ATOM 895  C CA  . ALA A 1 117 ? -17.027 -8.843  2.364   1.00 100.00 ? 117 ALA A CA  1 
ATOM 896  C C   . ALA A 1 117 ? -16.176 -8.231  1.254   1.00 100.00 ? 117 ALA A C   1 
ATOM 897  O O   . ALA A 1 117 ? -14.944 -8.446  1.243   1.00 100.00 ? 117 ALA A O   1 
ATOM 898  C CB  . ALA A 1 117 ? -17.666 -10.132 1.916   1.00 100.00 ? 117 ALA A CB  1 
ATOM 899  N N   . ARG A 1 118 ? -16.813 -7.474  0.359   1.00 100.00 ? 118 ARG A N   1 
ATOM 900  C CA  . ARG A 1 118 ? -16.085 -6.880  -0.789  1.00 100.00 ? 118 ARG A CA  1 
ATOM 901  C C   . ARG A 1 118 ? -15.011 -5.922  -0.263  1.00 100.00 ? 118 ARG A C   1 
ATOM 902  O O   . ARG A 1 118 ? -13.881 -5.944  -0.794  1.00 100.00 ? 118 ARG A O   1 
ATOM 903  C CB  . ARG A 1 118 ? -17.074 -6.099  -1.656  1.00 100.00 ? 118 ARG A CB  1 
ATOM 904  C CG  . ARG A 1 118 ? -16.453 -5.483  -2.898  1.00 100.00 ? 118 ARG A CG  1 
ATOM 905  C CD  . ARG A 1 118 ? -17.451 -4.657  -3.691  1.00 100.00 ? 118 ARG A CD  1 
ATOM 906  N NE  . ARG A 1 118 ? -17.929 -3.501  -2.928  1.00 100.00 ? 118 ARG A NE  1 
ATOM 907  C CZ  . ARG A 1 118 ? -19.197 -3.289  -2.619  1.00 100.00 ? 118 ARG A CZ  1 
ATOM 908  N NH1 . ARG A 1 118 ? -20.121 -4.151  -3.001  1.00 100.00 ? 118 ARG A NH1 1 
ATOM 909  N NH2 . ARG A 1 118 ? -19.535 -2.215  -1.930  1.00 100.00 ? 118 ARG A NH2 1 
ATOM 910  N N   . GLN A 1 119 ? -15.352 -5.128  0.752   1.00 100.00 ? 119 GLN A N   1 
ATOM 911  C CA  . GLN A 1 119 ? -14.400 -4.123  1.286   1.00 100.00 ? 119 GLN A CA  1 
ATOM 912  C C   . GLN A 1 119 ? -13.285 -4.835  2.059   1.00 100.00 ? 119 GLN A C   1 
ATOM 913  O O   . GLN A 1 119 ? -12.112 -4.434  1.909   1.00 100.00 ? 119 GLN A O   1 
ATOM 914  C CB  . GLN A 1 119 ? -15.151 -3.170  2.212   1.00 100.00 ? 119 GLN A CB  1 
ATOM 915  C CG  . GLN A 1 119 ? -16.300 -2.433  1.534   1.00 100.00 ? 119 GLN A CG  1 
ATOM 916  C CD  . GLN A 1 119 ? -17.067 -1.531  2.475   1.00 100.00 ? 119 GLN A CD  1 
ATOM 917  O OE1 . GLN A 1 119 ? -16.761 -1.435  3.670   1.00 100.00 ? 119 GLN A OE1 1 
ATOM 918  N NE2 . GLN A 1 119 ? -18.079 -0.862  1.944   1.00 100.00 ? 119 GLN A NE2 1 
ATOM 919  N N   . ILE A 1 120 ? -13.637 -5.855  2.843   1.00 100.00 ? 120 ILE A N   1 
ATOM 920  C CA  . ILE A 1 120 ? -12.616 -6.514  3.704   1.00 100.00 ? 120 ILE A CA  1 
ATOM 921  C C   . ILE A 1 120 ? -11.571 -7.173  2.787   1.00 100.00 ? 120 ILE A C   1 
ATOM 922  O O   . ILE A 1 120 ? -10.375 -7.094  3.120   1.00 100.00 ? 120 ILE A O   1 
ATOM 923  C CB  . ILE A 1 120 ? -13.264 -7.488  4.700   1.00 100.00 ? 120 ILE A CB  1 
ATOM 924  C CG1 . ILE A 1 120 ? -14.335 -6.797  5.524   1.00 100.00 ? 120 ILE A CG1 1 
ATOM 925  C CG2 . ILE A 1 120 ? -12.213 -8.127  5.601   1.00 100.00 ? 120 ILE A CG2 1 
ATOM 926  C CD1 . ILE A 1 120 ? -14.960 -7.685  6.580   1.00 100.00 ? 120 ILE A CD1 1 
ATOM 927  N N   . CYS A 1 121 ? -12.022 -7.773  1.681   1.00 100.00 ? 121 CYS A N   1 
ATOM 928  C CA  . CYS A 1 121 ? -11.095 -8.423  0.720   1.00 100.00 ? 121 CYS A CA  1 
ATOM 929  C C   . CYS A 1 121 ? -10.080 -7.391  0.215   1.00 100.00 ? 121 CYS A C   1 
ATOM 930  O O   . CYS A 1 121 ? -8.864  -7.660  0.311   1.00 100.00 ? 121 CYS A O   1 
ATOM 931  C CB  . CYS A 1 121 ? -11.860 -8.996  -0.466  1.00 100.00 ? 121 CYS A CB  1 
ATOM 932  S SG  . CYS A 1 121 ? -10.793 -9.793  -1.694  1.00 100.00 ? 121 CYS A SG  1 
ATOM 933  N N   . LEU A 1 122 ? -10.564 -6.248  -0.279  1.00 100.00 ? 122 LEU A N   1 
ATOM 934  C CA  . LEU A 1 122 ? -9.648  -5.219  -0.833  1.00 100.00 ? 122 LEU A CA  1 
ATOM 935  C C   . LEU A 1 122 ? -8.711  -4.766  0.290   1.00 100.00 ? 122 LEU A C   1 
ATOM 936  O O   . LEU A 1 122 ? -7.493  -4.648  0.043   1.00 100.00 ? 122 LEU A O   1 
ATOM 937  C CB  . LEU A 1 122 ? -10.449 -4.044  -1.385  1.00 100.00 ? 122 LEU A CB  1 
ATOM 938  C CG  . LEU A 1 122 ? -9.623  -2.880  -1.939  1.00 100.00 ? 122 LEU A CG  1 
ATOM 939  C CD1 . LEU A 1 122 ? -8.735  -3.332  -3.083  1.00 100.00 ? 122 LEU A CD1 1 
ATOM 940  C CD2 . LEU A 1 122 ? -10.519 -1.729  -2.365  1.00 100.00 ? 122 LEU A CD2 1 
ATOM 941  N N   . GLN A 1 123 ? -9.263  -4.562  1.486   1.00 100.00 ? 123 GLN A N   1 
ATOM 942  C CA  . GLN A 1 123 ? -8.419  -4.174  2.641   1.00 100.00 ? 123 GLN A CA  1 
ATOM 943  C C   . GLN A 1 123 ? -7.248  -5.160  2.731   1.00 100.00 ? 123 GLN A C   1 
ATOM 944  O O   . GLN A 1 123 ? -6.096  -4.696  2.850   1.00 100.00 ? 123 GLN A O   1 
ATOM 945  C CB  . GLN A 1 123 ? -9.242  -4.179  3.927   1.00 100.00 ? 123 GLN A CB  1 
ATOM 946  C CG  . GLN A 1 123 ? -8.454  -3.776  5.168   1.00 100.00 ? 123 GLN A CG  1 
ATOM 947  C CD  . GLN A 1 123 ? -7.883  -2.379  5.075   1.00 100.00 ? 123 GLN A CD  1 
ATOM 948  O OE1 . GLN A 1 123 ? -6.667  -2.172  5.141   1.00 100.00 ? 123 GLN A OE1 1 
ATOM 949  N NE2 . GLN A 1 123 ? -8.763  -1.400  4.919   1.00 100.00 ? 123 GLN A NE2 1 
ATOM 950  N N   . TRP A 1 124 ? -7.526  -6.463  2.641   1.00 100.00 ? 124 TRP A N   1 
ATOM 951  C CA  . TRP A 1 124 ? -6.435  -7.451  2.831   1.00 100.00 ? 124 TRP A CA  1 
ATOM 952  C C   . TRP A 1 124 ? -5.449  -7.339  1.672   1.00 100.00 ? 124 TRP A C   1 
ATOM 953  O O   . TRP A 1 124 ? -4.231  -7.399  1.926   1.00 100.00 ? 124 TRP A O   1 
ATOM 954  C CB  . TRP A 1 124 ? -6.943  -8.895  2.942   1.00 100.00 ? 124 TRP A CB  1 
ATOM 955  C CG  . TRP A 1 124 ? -7.835  -9.191  4.117   1.00 100.00 ? 124 TRP A CG  1 
ATOM 956  C CD1 . TRP A 1 124 ? -7.864  -8.560  5.326   1.00 100.00 ? 124 TRP A CD1 1 
ATOM 957  C CD2 . TRP A 1 124 ? -8.726  -10.318 4.232   1.00 100.00 ? 124 TRP A CD2 1 
ATOM 958  N NE1 . TRP A 1 124 ? -8.777  -9.161  6.151   1.00 100.00 ? 124 TRP A NE1 1 
ATOM 959  C CE2 . TRP A 1 124 ? -9.306  -10.255 5.517   1.00 100.00 ? 124 TRP A CE2 1 
ATOM 960  C CE3 . TRP A 1 124 ? -9.102  -11.357 3.374   1.00 100.00 ? 124 TRP A CE3 1 
ATOM 961  C CZ2 . TRP A 1 124 ? -10.239 -11.190 5.955   1.00 100.00 ? 124 TRP A CZ2 1 
ATOM 962  C CZ3 . TRP A 1 124 ? -10.013 -12.289 3.816   1.00 100.00 ? 124 TRP A CZ3 1 
ATOM 963  C CH2 . TRP A 1 124 ? -10.570 -12.207 5.090   1.00 100.00 ? 124 TRP A CH2 1 
ATOM 964  N N   . VAL A 1 125 ? -5.955  -7.181  0.445   1.00 100.00 ? 125 VAL A N   1 
ATOM 965  C CA  . VAL A 1 125 ? -5.039  -7.177  -0.734  1.00 100.00 ? 125 VAL A CA  1 
ATOM 966  C C   . VAL A 1 125 ? -4.068  -5.996  -0.595  1.00 100.00 ? 125 VAL A C   1 
ATOM 967  O O   . VAL A 1 125 ? -2.855  -6.200  -0.803  1.00 100.00 ? 125 VAL A O   1 
ATOM 968  C CB  . VAL A 1 125 ? -5.811  -7.111  -2.066  1.00 100.00 ? 125 VAL A CB  1 
ATOM 969  C CG1 . VAL A 1 125 ? -4.878  -6.946  -3.258  1.00 100.00 ? 125 VAL A CG1 1 
ATOM 970  C CG2 . VAL A 1 125 ? -6.720  -8.318  -2.256  1.00 100.00 ? 125 VAL A CG2 1 
ATOM 971  N N   . ILE A 1 126 ? -4.584  -4.824  -0.217  1.00 100.00 ? 126 ILE A N   1 
ATOM 972  C CA  . ILE A 1 126 ? -3.708  -3.623  -0.097  1.00 100.00 ? 126 ILE A CA  1 
ATOM 973  C C   . ILE A 1 126 ? -2.686  -3.901  1.014   1.00 100.00 ? 126 ILE A C   1 
ATOM 974  O O   . ILE A 1 126 ? -1.486  -3.629  0.799   1.00 100.00 ? 126 ILE A O   1 
ATOM 975  C CB  . ILE A 1 126 ? -4.541  -2.362  0.191   1.00 100.00 ? 126 ILE A CB  1 
ATOM 976  C CG1 . ILE A 1 126 ? -5.643  -2.172  -0.846  1.00 100.00 ? 126 ILE A CG1 1 
ATOM 977  C CG2 . ILE A 1 126 ? -3.642  -1.130  0.287   1.00 100.00 ? 126 ILE A CG2 1 
ATOM 978  C CD1 . ILE A 1 126 ? -6.509  -0.950  -0.606  1.00 100.00 ? 126 ILE A CD1 1 
ATOM 979  N N   . ASN A 1 127 ? -3.145  -4.473  2.129   1.00 100.00 ? 127 ASN A N   1 
ATOM 980  C CA  . ASN A 1 127 ? -2.230  -4.788  3.260   1.00 100.00 ? 127 ASN A CA  1 
ATOM 981  C C   . ASN A 1 127 ? -1.201  -5.819  2.793   1.00 100.00 ? 127 ASN A C   1 
ATOM 982  O O   . ASN A 1 127 ? -0.010  -5.666  3.136   1.00 100.00 ? 127 ASN A O   1 
ATOM 983  C CB  . ASN A 1 127 ? -3.006  -5.278  4.476   1.00 100.00 ? 127 ASN A CB  1 
ATOM 984  C CG  . ASN A 1 127 ? -3.985  -4.240  4.968   1.00 100.00 ? 127 ASN A CG  1 
ATOM 985  O OD1 . ASN A 1 127 ? -4.069  -3.150  4.394   1.00 100.00 ? 127 ASN A OD1 1 
ATOM 986  N ND2 . ASN A 1 127 ? -4.724  -4.553  6.022   1.00 100.00 ? 127 ASN A ND2 1 
ATOM 987  N N   . ALA A 1 128 ? -1.651  -6.828  2.044   1.00 100.00 ? 128 ALA A N   1 
ATOM 988  C CA  . ALA A 1 128 ? -0.736  -7.888  1.558   1.00 100.00 ? 128 ALA A CA  1 
ATOM 989  C C   . ALA A 1 128 ? 0.354   -7.258  0.692   1.00 100.00 ? 128 ALA A C   1 
ATOM 990  O O   . ALA A 1 128 ? 1.548   -7.575  0.889   1.00 100.00 ? 128 ALA A O   1 
ATOM 991  C CB  . ALA A 1 128 ? -1.517  -8.929  0.794   1.00 100.00 ? 128 ALA A CB  1 
ATOM 992  N N   . LEU A 1 129 ? -0.045  -6.382  -0.233  1.00 100.00 ? 129 LEU A N   1 
ATOM 993  C CA  . LEU A 1 129 ? 0.943   -5.742  -1.137  1.00 100.00 ? 129 LEU A CA  1 
ATOM 994  C C   . LEU A 1 129 ? 1.923   -4.930  -0.280  1.00 100.00 ? 129 LEU A C   1 
ATOM 995  O O   . LEU A 1 129 ? 3.141   -5.007  -0.534  1.00 100.00 ? 129 LEU A O   1 
ATOM 996  C CB  . LEU A 1 129 ? 0.236   -4.857  -2.162  1.00 100.00 ? 129 LEU A CB  1 
ATOM 997  C CG  . LEU A 1 129 ? -0.729  -5.565  -3.119  1.00 100.00 ? 129 LEU A CG  1 
ATOM 998  C CD1 . LEU A 1 129 ? -1.375  -4.559  -4.054  1.00 100.00 ? 129 LEU A CD1 1 
ATOM 999  C CD2 . LEU A 1 129 ? 0.017   -6.618  -3.914  1.00 100.00 ? 129 LEU A CD2 1 
ATOM 1000 N N   . ARG A 1 130 ? 1.404   -4.216  0.722   1.00 100.00 ? 130 ARG A N   1 
ATOM 1001 C CA  . ARG A 1 130 ? 2.278   -3.397  1.599   1.00 100.00 ? 130 ARG A CA  1 
ATOM 1002 C C   . ARG A 1 130 ? 3.253   -4.323  2.336   1.00 100.00 ? 130 ARG A C   1 
ATOM 1003 O O   . ARG A 1 130 ? 4.439   -3.962  2.443   1.00 100.00 ? 130 ARG A O   1 
ATOM 1004 C CB  . ARG A 1 130 ? 1.481   -2.606  2.640   1.00 100.00 ? 130 ARG A CB  1 
ATOM 1005 C CG  . ARG A 1 130 ? 0.479   -1.588  2.117   1.00 100.00 ? 130 ARG A CG  1 
ATOM 1006 C CD  . ARG A 1 130 ? -0.174  -0.877  3.290   1.00 100.00 ? 130 ARG A CD  1 
ATOM 1007 N NE  . ARG A 1 130 ? -1.152  0.142   2.893   1.00 100.00 ? 130 ARG A NE  1 
ATOM 1008 C CZ  . ARG A 1 130 ? -2.432  0.120   3.237   1.00 100.00 ? 130 ARG A CZ  1 
ATOM 1009 N NH1 . ARG A 1 130 ? -2.904  -0.879  3.961   1.00 100.00 ? 130 ARG A NH1 1 
ATOM 1010 N NH2 . ARG A 1 130 ? -3.237  1.095   2.854   1.00 100.00 ? 130 ARG A NH2 1 
ATOM 1011 N N   . ALA A 1 131 ? 2.770   -5.471  2.815   1.00 100.00 ? 131 ALA A N   1 
ATOM 1012 C CA  . ALA A 1 131 ? 3.641   -6.369  3.608   1.00 100.00 ? 131 ALA A CA  1 
ATOM 1013 C C   . ALA A 1 131 ? 4.805   -6.854  2.743   1.00 100.00 ? 131 ALA A C   1 
ATOM 1014 O O   . ALA A 1 131 ? 5.961   -6.842  3.219   1.00 100.00 ? 131 ALA A O   1 
ATOM 1015 C CB  . ALA A 1 131 ? 2.829   -7.528  4.136   1.00 100.00 ? 131 ALA A CB  1 
ATOM 1016 N N   . VAL A 1 132 ? 4.500   -7.309  1.527   1.00 100.00 ? 132 VAL A N   1 
ATOM 1017 C CA  . VAL A 1 132 ? 5.575   -7.768  0.600   1.00 100.00 ? 132 VAL A CA  1 
ATOM 1018 C C   . VAL A 1 132 ? 6.538   -6.591  0.395   1.00 100.00 ? 132 VAL A C   1 
ATOM 1019 O O   . VAL A 1 132 ? 7.769   -6.805  0.436   1.00 100.00 ? 132 VAL A O   1 
ATOM 1020 C CB  . VAL A 1 132 ? 4.990   -8.264  -0.736  1.00 100.00 ? 132 VAL A CB  1 
ATOM 1021 C CG1 . VAL A 1 132 ? 6.080   -8.653  -1.726  1.00 100.00 ? 132 VAL A CG1 1 
ATOM 1022 C CG2 . VAL A 1 132 ? 4.021   -9.421  -0.531  1.00 100.00 ? 132 VAL A CG2 1 
ATOM 1023 N N   . ARG A 1 133 ? 5.990   -5.390  0.207   1.00 100.00 ? 133 ARG A N   1 
ATOM 1024 C CA  . ARG A 1 133 ? 6.839   -4.199  -0.026  1.00 100.00 ? 133 ARG A CA  1 
ATOM 1025 C C   . ARG A 1 133 ? 7.711   -3.954  1.210   1.00 100.00 ? 133 ARG A C   1 
ATOM 1026 O O   . ARG A 1 133 ? 8.930   -3.753  1.040   1.00 100.00 ? 133 ARG A O   1 
ATOM 1027 C CB  . ARG A 1 133 ? 5.908   -3.009  -0.268  1.00 100.00 ? 133 ARG A CB  1 
ATOM 1028 C CG  . ARG A 1 133 ? 6.529   -1.653  -0.572  1.00 100.00 ? 133 ARG A CG  1 
ATOM 1029 C CD  . ARG A 1 133 ? 5.397   -0.646  -0.687  1.00 100.00 ? 133 ARG A CD  1 
ATOM 1030 N NE  . ARG A 1 133 ? 4.679   -0.564  0.590   1.00 100.00 ? 133 ARG A NE  1 
ATOM 1031 C CZ  . ARG A 1 133 ? 3.630   0.209   0.837   1.00 100.00 ? 133 ARG A CZ  1 
ATOM 1032 N NH1 . ARG A 1 133 ? 3.032   0.853   -0.147  1.00 100.00 ? 133 ARG A NH1 1 
ATOM 1033 N NH2 . ARG A 1 133 ? 3.161   0.310   2.066   1.00 100.00 ? 133 ARG A NH2 1 
ATOM 1034 N N   . HIS A 1 134 ? 7.105   -3.956  2.400   1.00 30.00  ? 134 HIS A N   1 
ATOM 1035 C CA  . HIS A 1 134 ? 7.863   -3.650  3.644   1.00 30.00  ? 134 HIS A CA  1 
ATOM 1036 C C   . HIS A 1 134 ? 9.020   -4.638  3.806   1.00 30.00  ? 134 HIS A C   1 
ATOM 1037 O O   . HIS A 1 134 ? 10.161  -4.191  4.052   1.00 30.00  ? 134 HIS A O   1 
ATOM 1038 C CB  . HIS A 1 134 ? 6.942   -3.681  4.867   1.00 30.00  ? 134 HIS A CB  1 
ATOM 1039 C CG  . HIS A 1 134 ? 5.830   -2.689  4.813   1.00 30.00  ? 134 HIS A CG  1 
ATOM 1040 N ND1 . HIS A 1 134 ? 4.611   -2.899  5.421   1.00 30.00  ? 134 HIS A ND1 1 
ATOM 1041 C CD2 . HIS A 1 134 ? 5.752   -1.488  4.231   1.00 30.00  ? 134 HIS A CD2 1 
ATOM 1042 C CE1 . HIS A 1 134 ? 3.831   -1.850  5.205   1.00 30.00  ? 134 HIS A CE1 1 
ATOM 1043 N NE2 . HIS A 1 134 ? 4.505   -0.981  4.484   1.00 30.00  ? 134 HIS A NE2 1 
ATOM 1044 N N   . MET A 1 135 ? 8.744   -5.938  3.669   1.00 100.00 ? 135 MET A N   1 
ATOM 1045 C CA  . MET A 1 135 ? 9.807   -6.952  3.902   1.00 100.00 ? 135 MET A CA  1 
ATOM 1046 C C   . MET A 1 135 ? 10.925  -6.730  2.871   1.00 100.00 ? 135 MET A C   1 
ATOM 1047 O O   . MET A 1 135 ? 12.107  -6.924  3.225   1.00 100.00 ? 135 MET A O   1 
ATOM 1048 C CB  . MET A 1 135 ? 9.280   -8.392  3.838   1.00 100.00 ? 135 MET A CB  1 
ATOM 1049 C CG  . MET A 1 135 ? 8.723   -8.823  2.502   1.00 100.00 ? 135 MET A CG  1 
ATOM 1050 S SD  . MET A 1 135 ? 8.197   -10.547 2.562   1.00 100.00 ? 135 MET A SD  1 
ATOM 1051 C CE  . MET A 1 135 ? 7.622   -10.782 0.876   1.00 100.00 ? 135 MET A CE  1 
ATOM 1052 N N   . ALA A 1 136 ? 10.554  -6.352  1.645   1.00 100.00 ? 136 ALA A N   1 
ATOM 1053 C CA  . ALA A 1 136 ? 11.556  -6.134  0.576   1.00 100.00 ? 136 ALA A CA  1 
ATOM 1054 C C   . ALA A 1 136 ? 12.602  -5.131  1.064   1.00 100.00 ? 136 ALA A C   1 
ATOM 1055 O O   . ALA A 1 136 ? 13.680  -5.027  0.443   1.00 100.00 ? 136 ALA A O   1 
ATOM 1056 C CB  . ALA A 1 136 ? 10.874  -5.652  -0.683  1.00 100.00 ? 136 ALA A CB  1 
ATOM 1057 N N   . HIS A 1 137 ? 12.288  -4.418  2.149   1.00 99.42  ? 137 HIS A N   1 
ATOM 1058 C CA  . HIS A 1 137 ? 13.238  -3.422  2.709   1.00 99.42  ? 137 HIS A CA  1 
ATOM 1059 C C   . HIS A 1 137 ? 13.755  -3.919  4.062   1.00 99.42  ? 137 HIS A C   1 
ATOM 1060 O O   . HIS A 1 137 ? 12.934  -4.188  4.965   1.00 99.42  ? 137 HIS A O   1 
ATOM 1061 C CB  . HIS A 1 137 ? 12.556  -2.058  2.853   1.00 99.42  ? 137 HIS A CB  1 
ATOM 1062 C CG  . HIS A 1 137 ? 12.077  -1.464  1.573   1.00 99.42  ? 137 HIS A CG  1 
ATOM 1063 N ND1 . HIS A 1 137 ? 12.865  -0.637  0.802   1.00 99.42  ? 137 HIS A ND1 1 
ATOM 1064 C CD2 . HIS A 1 137 ? 10.907  -1.563  0.933   1.00 99.42  ? 137 HIS A CD2 1 
ATOM 1065 C CE1 . HIS A 1 137 ? 12.182  -0.258  -0.269  1.00 99.42  ? 137 HIS A CE1 1 
ATOM 1066 N NE2 . HIS A 1 137 ? 10.990  -0.809  -0.209  1.00 99.42  ? 137 HIS A NE2 1 
ATOM 1067 N N   . ARG A 1 138 ? 15.079  -4.031  4.202   1.00 30.00  ? 138 ARG A N   1 
ATOM 1068 C CA  . ARG A 1 138 ? 15.667  -4.442  5.504   1.00 30.00  ? 138 ARG A CA  1 
ATOM 1069 C C   . ARG A 1 138 ? 15.419  -3.312  6.516   1.00 30.00  ? 138 ARG A C   1 
ATOM 1070 O O   . ARG A 1 138 ? 15.540  -2.140  6.125   1.00 30.00  ? 138 ARG A O   1 
ATOM 1071 C CB  . ARG A 1 138 ? 17.147  -4.797  5.309   1.00 30.00  ? 138 ARG A CB  1 
ATOM 1072 C CG  . ARG A 1 138 ? 17.876  -5.245  6.568   1.00 30.00  ? 138 ARG A CG  1 
ATOM 1073 C CD  . ARG A 1 138 ? 19.298  -5.717  6.302   1.00 30.00  ? 138 ARG A CD  1 
ATOM 1074 N NE  . ARG A 1 138 ? 20.216  -4.745  5.698   1.00 30.00  ? 138 ARG A NE  1 
ATOM 1075 C CZ  . ARG A 1 138 ? 20.584  -3.577  6.210   1.00 30.00  ? 138 ARG A CZ  1 
ATOM 1076 N NH1 . ARG A 1 138 ? 20.105  -3.170  7.372   1.00 30.00  ? 138 ARG A NH1 1 
ATOM 1077 N NH2 . ARG A 1 138 ? 21.446  -2.821  5.554   1.00 30.00  ? 138 ARG A NH2 1 
ATOM 1078 N N   . PRO A 1 139 ? 15.108  -3.597  7.797   1.00 89.91  ? 139 PRO A N   1 
ATOM 1079 C CA  . PRO A 1 139 ? 14.783  -2.536  8.743   1.00 89.91  ? 139 PRO A CA  1 
ATOM 1080 C C   . PRO A 1 139 ? 15.960  -1.598  8.966   1.00 89.91  ? 139 PRO A C   1 
ATOM 1081 O O   . PRO A 1 139 ? 17.122  -2.037  8.843   1.00 89.91  ? 139 PRO A O   1 
ATOM 1082 C CB  . PRO A 1 139 ? 14.402  -3.309  10.017  1.00 89.91  ? 139 PRO A CB  1 
ATOM 1083 C CG  . PRO A 1 139 ? 15.102  -4.640  9.859   1.00 89.91  ? 139 PRO A CG  1 
ATOM 1084 C CD  . PRO A 1 139 ? 15.029  -4.930  8.370   1.00 89.91  ? 139 PRO A CD  1 
ATOM 1085 N N   . GLY A 1 140 ? 15.671  -0.331  9.284   1.00 92.23  ? 140 GLY A N   1 
ATOM 1086 C CA  . GLY A 1 140 ? 16.748  0.663   9.464   1.00 92.23  ? 140 GLY A CA  1 
ATOM 1087 C C   . GLY A 1 140 ? 17.065  1.407   8.181   1.00 92.23  ? 140 GLY A C   1 
ATOM 1088 O O   . GLY A 1 140 ? 18.083  2.124   8.161   1.00 92.23  ? 140 GLY A O   1 
ATOM 1089 N N   . ASN A 1 141 ? 16.217  1.282   7.156   1.00 100.00 ? 141 ASN A N   1 
ATOM 1090 C CA  . ASN A 1 141 ? 16.505  1.921   5.841   1.00 100.00 ? 141 ASN A CA  1 
ATOM 1091 C C   . ASN A 1 141 ? 16.658  3.438   5.990   1.00 100.00 ? 141 ASN A C   1 
ATOM 1092 O O   . ASN A 1 141 ? 17.602  3.977   5.380   1.00 100.00 ? 141 ASN A O   1 
ATOM 1093 C CB  . ASN A 1 141 ? 15.400  1.660   4.827   1.00 100.00 ? 141 ASN A CB  1 
ATOM 1094 C CG  . ASN A 1 141 ? 15.237  0.193   4.526   1.00 100.00 ? 141 ASN A CG  1 
ATOM 1095 O OD1 . ASN A 1 141 ? 16.164  -0.446  4.013   1.00 100.00 ? 141 ASN A OD1 1 
ATOM 1096 N ND2 . ASN A 1 141 ? 14.064  -0.349  4.814   1.00 100.00 ? 141 ASN A ND2 1 
ATOM 1097 N N   . PRO A 1 142 ? 15.819  4.168   6.760   1.00 100.00 ? 142 PRO A N   1 
ATOM 1098 C CA  . PRO A 1 142 ? 16.036  5.596   6.928   1.00 100.00 ? 142 PRO A CA  1 
ATOM 1099 C C   . PRO A 1 142 ? 17.387  5.822   7.584   1.00 100.00 ? 142 PRO A C   1 
ATOM 1100 O O   . PRO A 1 142 ? 18.119  6.741   7.164   1.00 100.00 ? 142 PRO A O   1 
ATOM 1101 C CB  . PRO A 1 142 ? 14.867  6.033   7.819   1.00 100.00 ? 142 PRO A CB  1 
ATOM 1102 C CG  . PRO A 1 142 ? 13.814  4.980   7.586   1.00 100.00 ? 142 PRO A CG  1 
ATOM 1103 C CD  . PRO A 1 142 ? 14.610  3.699   7.424   1.00 100.00 ? 142 PRO A CD  1 
ATOM 1104 N N   . MET A 1 143 ? 17.729  4.992   8.573   1.00 100.00 ? 143 MET A N   1 
ATOM 1105 C CA  . MET A 1 143 ? 19.053  5.102   9.235   1.00 100.00 ? 143 MET A CA  1 
ATOM 1106 C C   . MET A 1 143 ? 20.137  4.832   8.184   1.00 100.00 ? 143 MET A C   1 
ATOM 1107 O O   . MET A 1 143 ? 21.157  5.554   8.181   1.00 100.00 ? 143 MET A O   1 
ATOM 1108 C CB  . MET A 1 143 ? 19.189  4.060   10.347  1.00 100.00 ? 143 MET A CB  1 
ATOM 1109 C CG  . MET A 1 143 ? 18.105  4.135   11.404  1.00 100.00 ? 143 MET A CG  1 
ATOM 1110 S SD  . MET A 1 143 ? 18.078  5.717   12.271  1.00 100.00 ? 143 MET A SD  1 
ATOM 1111 C CE  . MET A 1 143 ? 16.697  5.451   13.391  1.00 100.00 ? 143 MET A CE  1 
ATOM 1112 N N   . LEU A 1 144 ? 19.910  3.839   7.321   1.00 100.00 ? 144 LEU A N   1 
ATOM 1113 C CA  . LEU A 1 144 ? 20.897  3.479   6.269   1.00 100.00 ? 144 LEU A CA  1 
ATOM 1114 C C   . LEU A 1 144 ? 21.084  4.661   5.309   1.00 100.00 ? 144 LEU A C   1 
ATOM 1115 O O   . LEU A 1 144 ? 22.237  4.901   4.891   1.00 100.00 ? 144 LEU A O   1 
ATOM 1116 C CB  . LEU A 1 144 ? 20.408  2.245   5.515   1.00 100.00 ? 144 LEU A CB  1 
ATOM 1117 C CG  . LEU A 1 144 ? 20.212  0.972   6.342   1.00 100.00 ? 144 LEU A CG  1 
ATOM 1118 C CD1 . LEU A 1 144 ? 19.670  -0.137  5.460   1.00 100.00 ? 144 LEU A CD1 1 
ATOM 1119 C CD2 . LEU A 1 144 ? 21.508  0.546   7.009   1.00 100.00 ? 144 LEU A CD2 1 
ATOM 1120 N N   . VAL A 1 145 ? 20.002  5.370   4.976   1.00 100.00 ? 145 VAL A N   1 
ATOM 1121 C CA  . VAL A 1 145 ? 20.110  6.454   3.953   1.00 100.00 ? 145 VAL A CA  1 
ATOM 1122 C C   . VAL A 1 145 ? 21.126  7.500   4.432   1.00 100.00 ? 145 VAL A C   1 
ATOM 1123 O O   . VAL A 1 145 ? 21.049  7.897   5.613   1.00 100.00 ? 145 VAL A O   1 
ATOM 1124 C CB  . VAL A 1 145 ? 18.746  7.109   3.658   1.00 100.00 ? 145 VAL A CB  1 
ATOM 1125 C CG1 . VAL A 1 145 ? 18.877  8.319   2.740   1.00 100.00 ? 145 VAL A CG1 1 
ATOM 1126 C CG2 . VAL A 1 145 ? 17.745  6.112   3.089   1.00 100.00 ? 145 VAL A CG2 1 
ATOM 1127 N N   . LYS A 1 146 ? 22.031  7.923   3.545   1.00 97.22  ? 146 LYS A N   1 
ATOM 1128 C CA  . LYS A 1 146 ? 23.022  8.982   3.871   1.00 97.22  ? 146 LYS A CA  1 
ATOM 1129 C C   . LYS A 1 146 ? 23.118  9.875   2.629   1.00 97.22  ? 146 LYS A C   1 
ATOM 1130 O O   . LYS A 1 146 ? 23.245  9.315   1.518   1.00 97.22  ? 146 LYS A O   1 
ATOM 1131 C CB  . LYS A 1 146 ? 24.388  8.386   4.227   1.00 97.22  ? 146 LYS A CB  1 
ATOM 1132 C CG  . LYS A 1 146 ? 24.427  7.463   5.439   1.00 97.22  ? 146 LYS A CG  1 
ATOM 1133 C CD  . LYS A 1 146 ? 24.025  8.131   6.748   1.00 97.22  ? 146 LYS A CD  1 
ATOM 1134 C CE  . LYS A 1 146 ? 24.918  9.276   7.107   1.00 97.22  ? 146 LYS A CE  1 
ATOM 1135 N NZ  . LYS A 1 146 ? 24.522  9.895   8.375   1.00 97.22  ? 146 LYS A NZ  1 
ATOM 1136 N N   . GLN A 1 147 ? 23.052  11.198  2.793   1.00 82.36  ? 147 GLN A N   1 
ATOM 1137 C CA  . GLN A 1 147 ? 23.014  12.067  1.586   1.00 82.36  ? 147 GLN A CA  1 
ATOM 1138 C C   . GLN A 1 147 ? 24.226  11.702  0.721   1.00 82.36  ? 147 GLN A C   1 
ATOM 1139 O O   . GLN A 1 147 ? 25.364  11.830  1.220   1.00 82.36  ? 147 GLN A O   1 
ATOM 1140 C CB  . GLN A 1 147 ? 22.975  13.560  1.906   1.00 82.36  ? 147 GLN A CB  1 
ATOM 1141 C CG  . GLN A 1 147 ? 22.948  14.444  0.662   1.00 82.36  ? 147 GLN A CG  1 
ATOM 1142 C CD  . GLN A 1 147 ? 22.844  15.921  0.968   1.00 82.36  ? 147 GLN A CD  1 
ATOM 1143 O OE1 . GLN A 1 147 ? 22.816  16.765  0.066   1.00 82.36  ? 147 GLN A OE1 1 
ATOM 1144 N NE2 . GLN A 1 147 ? 22.785  16.251  2.250   1.00 82.36  ? 147 GLN A NE2 1 
ATOM 1145 N N   . LYS A 1 148 ? 23.995  11.274  -0.524  1.00 30.00  ? 148 LYS A N   1 
ATOM 1146 C CA  . LYS A 1 148 ? 25.136  10.794  -1.348  1.00 30.00  ? 148 LYS A CA  1 
ATOM 1147 C C   . LYS A 1 148 ? 26.085  11.973  -1.619  1.00 30.00  ? 148 LYS A C   1 
ATOM 1148 O O   . LYS A 1 148 ? 25.595  13.118  -1.728  1.00 30.00  ? 148 LYS A O   1 
ATOM 1149 C CB  . LYS A 1 148 ? 24.625  10.122  -2.628  1.00 30.00  ? 148 LYS A CB  1 
ATOM 1150 C CG  . LYS A 1 148 ? 25.719  9.593   -3.545  1.00 30.00  ? 148 LYS A CG  1 
ATOM 1151 C CD  . LYS A 1 148 ? 26.614  8.555   -2.880  1.00 30.00  ? 148 LYS A CD  1 
ATOM 1152 C CE  . LYS A 1 148 ? 27.697  8.090   -3.797  1.00 30.00  ? 148 LYS A CE  1 
ATOM 1153 N NZ  . LYS A 1 148 ? 28.550  9.205   -4.216  1.00 30.00  ? 148 LYS A NZ  1 
ATOM 1154 N N   . THR A 1 149 ? 27.388  11.697  -1.719  1.00 97.98  ? 149 THR A N   1 
ATOM 1155 C CA  . THR A 1 149 ? 28.384  12.763  -1.957  1.00 97.98  ? 149 THR A CA  1 
ATOM 1156 C C   . THR A 1 149 ? 27.954  13.609  -3.136  1.00 97.98  ? 149 THR A C   1 
ATOM 1157 O O   . THR A 1 149 ? 27.654  13.024  -4.200  1.00 97.98  ? 149 THR A O   1 
ATOM 1158 C CB  . THR A 1 149 ? 29.753  12.128  -2.193  1.00 97.98  ? 149 THR A CB  1 
ATOM 1159 O OG1 . THR A 1 149 ? 30.033  11.400  -1.002  1.00 97.98  ? 149 THR A OG1 1 
ATOM 1160 C CG2 . THR A 1 149 ? 30.838  13.159  -2.443  1.00 97.98  ? 149 THR A CG2 1 
ATOM 1161 N N   . ASN A 1 150 ? 27.915  14.934  -2.960  1.00 43.34  ? 150 ASN A N   1 
ATOM 1162 C CA  . ASN A 1 150 ? 27.589  15.854  -4.072  1.00 43.34  ? 150 ASN A CA  1 
ATOM 1163 C C   . ASN A 1 150 ? 26.265  15.436  -4.719  1.00 43.34  ? 150 ASN A C   1 
ATOM 1164 O O   . ASN A 1 150 ? 26.213  15.332  -5.962  1.00 43.34  ? 150 ASN A O   1 
ATOM 1165 C CB  . ASN A 1 150 ? 28.702  15.831  -5.108  1.00 43.34  ? 150 ASN A CB  1 
ATOM 1166 C CG  . ASN A 1 150 ? 28.619  16.929  -6.138  1.00 43.34  ? 150 ASN A CG  1 
ATOM 1167 O OD1 . ASN A 1 150 ? 28.131  18.026  -5.842  1.00 43.34  ? 150 ASN A OD1 1 
ATOM 1168 N ND2 . ASN A 1 150 ? 29.083  16.658  -7.342  1.00 43.34  ? 150 ASN A ND2 1 
ATOM 1169 N N   . GLU A 1 151 ? 25.242  15.145  -3.920  1.00 30.00  ? 151 GLU A N   1 
ATOM 1170 C CA  . GLU A 1 151 ? 23.921  14.851  -4.536  1.00 30.00  ? 151 GLU A CA  1 
ATOM 1171 C C   . GLU A 1 151 ? 22.904  15.868  -4.008  1.00 30.00  ? 151 GLU A C   1 
ATOM 1172 O O   . GLU A 1 151 ? 22.999  16.249  -2.823  1.00 30.00  ? 151 GLU A O   1 
ATOM 1173 C CB  . GLU A 1 151 ? 23.493  13.396  -4.338  1.00 30.00  ? 151 GLU A CB  1 
ATOM 1174 C CG  . GLU A 1 151 ? 24.411  12.421  -5.068  1.00 30.00  ? 151 GLU A CG  1 
ATOM 1175 C CD  . GLU A 1 151 ? 24.497  12.518  -6.581  1.00 30.00  ? 151 GLU A CD  1 
ATOM 1176 O OE1 . GLU A 1 151 ? 25.260  11.716  -7.159  1.00 30.00  ? 151 GLU A OE1 1 
ATOM 1177 O OE2 . GLU A 1 151 ? 23.804  13.361  -7.188  1.00 30.00  ? 151 GLU A OE2 1 
ATOM 1178 N N   . PRO A 1 152 ? 21.953  16.385  -4.825  1.00 83.50  ? 152 PRO A N   1 
ATOM 1179 C CA  . PRO A 1 152 ? 21.034  17.398  -4.332  1.00 83.50  ? 152 PRO A CA  1 
ATOM 1180 C C   . PRO A 1 152 ? 20.346  16.899  -3.078  1.00 83.50  ? 152 PRO A C   1 
ATOM 1181 O O   . PRO A 1 152 ? 20.073  15.685  -2.966  1.00 83.50  ? 152 PRO A O   1 
ATOM 1182 C CB  . PRO A 1 152 ? 20.044  17.590  -5.488  1.00 83.50  ? 152 PRO A CB  1 
ATOM 1183 C CG  . PRO A 1 152 ? 20.834  17.196  -6.712  1.00 83.50  ? 152 PRO A CG  1 
ATOM 1184 C CD  . PRO A 1 152 ? 21.712  16.054  -6.235  1.00 83.50  ? 152 PRO A CD  1 
ATOM 1185 N N   . TYR A 1 153 ? 20.032  17.814  -2.161  1.00 100.00 ? 153 TYR A N   1 
ATOM 1186 C CA  . TYR A 1 153 ? 19.269  17.402  -0.955  1.00 100.00 ? 153 TYR A CA  1 
ATOM 1187 C C   . TYR A 1 153 ? 17.943  16.838  -1.441  1.00 100.00 ? 153 TYR A C   1 
ATOM 1188 O O   . TYR A 1 153 ? 17.465  15.833  -0.881  1.00 100.00 ? 153 TYR A O   1 
ATOM 1189 C CB  . TYR A 1 153 ? 19.066  18.579  0.001   1.00 100.00 ? 153 TYR A CB  1 
ATOM 1190 C CG  . TYR A 1 153 ? 18.181  18.236  1.190   1.00 100.00 ? 153 TYR A CG  1 
ATOM 1191 C CD1 . TYR A 1 153 ? 18.714  17.735  2.371   1.00 100.00 ? 153 TYR A CD1 1 
ATOM 1192 C CD2 . TYR A 1 153 ? 16.804  18.398  1.119   1.00 100.00 ? 153 TYR A CD2 1 
ATOM 1193 C CE1 . TYR A 1 153 ? 17.903  17.418  3.448   1.00 100.00 ? 153 TYR A CE1 1 
ATOM 1194 C CE2 . TYR A 1 153 ? 15.983  18.084  2.187   1.00 100.00 ? 153 TYR A CE2 1 
ATOM 1195 C CZ  . TYR A 1 153 ? 16.534  17.593  3.354   1.00 100.00 ? 153 TYR A CZ  1 
ATOM 1196 O OH  . TYR A 1 153 ? 15.711  17.290  4.398   1.00 100.00 ? 153 TYR A OH  1 
ATOM 1197 N N   . GLU A 1 154 ? 17.358  17.474  -2.459  1.00 100.00 ? 154 GLU A N   1 
ATOM 1198 C CA  . GLU A 1 154 ? 16.097  16.955  -3.045  1.00 100.00 ? 154 GLU A CA  1 
ATOM 1199 C C   . GLU A 1 154 ? 16.230  15.438  -3.252  1.00 100.00 ? 154 GLU A C   1 
ATOM 1200 O O   . GLU A 1 154 ? 15.350  14.693  -2.768  1.00 100.00 ? 154 GLU A O   1 
ATOM 1201 C CB  . GLU A 1 154 ? 15.802  17.665  -4.366  1.00 100.00 ? 154 GLU A CB  1 
ATOM 1202 C CG  . GLU A 1 154 ? 14.507  17.193  -5.019  1.00 100.00 ? 154 GLU A CG  1 
ATOM 1203 C CD  . GLU A 1 154 ? 14.183  17.872  -6.337  1.00 100.00 ? 154 GLU A CD  1 
ATOM 1204 O OE1 . GLU A 1 154 ? 13.137  17.537  -6.931  1.00 100.00 ? 154 GLU A OE1 1 
ATOM 1205 O OE2 . GLU A 1 154 ? 14.977  18.734  -6.769  1.00 100.00 ? 154 GLU A OE2 1 
ATOM 1206 N N   . ASP A 1 155 ? 17.290  15.003  -3.942  1.00 100.00 ? 155 ASP A N   1 
ATOM 1207 C CA  . ASP A 1 155 ? 17.487  13.550  -4.201  1.00 100.00 ? 155 ASP A CA  1 
ATOM 1208 C C   . ASP A 1 155 ? 17.570  12.813  -2.861  1.00 100.00 ? 155 ASP A C   1 
ATOM 1209 O O   . ASP A 1 155 ? 16.927  11.748  -2.726  1.00 100.00 ? 155 ASP A O   1 
ATOM 1210 C CB  . ASP A 1 155 ? 18.697  13.300  -5.089  1.00 100.00 ? 155 ASP A CB  1 
ATOM 1211 C CG  . ASP A 1 155 ? 18.636  13.954  -6.461  1.00 100.00 ? 155 ASP A CG  1 
ATOM 1212 O OD1 . ASP A 1 155 ? 17.627  14.636  -6.740  1.00 100.00 ? 155 ASP A OD1 1 
ATOM 1213 O OD2 . ASP A 1 155 ? 19.589  13.762  -7.244  1.00 100.00 ? 155 ASP A OD2 1 
ATOM 1214 N N   . PHE A 1 156 ? 18.317  13.368  -1.904  1.00 100.00 ? 156 PHE A N   1 
ATOM 1215 C CA  . PHE A 1 156 ? 18.409  12.742  -0.557  1.00 100.00 ? 156 PHE A CA  1 
ATOM 1216 C C   . PHE A 1 156 ? 17.030  12.693  0.082   1.00 100.00 ? 156 PHE A C   1 
ATOM 1217 O O   . PHE A 1 156 ? 16.659  11.647  0.656   1.00 100.00 ? 156 PHE A O   1 
ATOM 1218 C CB  . PHE A 1 156 ? 19.391  13.503  0.338   1.00 100.00 ? 156 PHE A CB  1 
ATOM 1219 C CG  . PHE A 1 156 ? 19.182  13.216  1.818   1.00 100.00 ? 156 PHE A CG  1 
ATOM 1220 C CD1 . PHE A 1 156 ? 19.807  12.145  2.440   1.00 100.00 ? 156 PHE A CD1 1 
ATOM 1221 C CD2 . PHE A 1 156 ? 18.390  14.054  2.593   1.00 100.00 ? 156 PHE A CD2 1 
ATOM 1222 C CE1 . PHE A 1 156 ? 19.613  11.899  3.787   1.00 100.00 ? 156 PHE A CE1 1 
ATOM 1223 C CE2 . PHE A 1 156 ? 18.202  13.806  3.942   1.00 100.00 ? 156 PHE A CE2 1 
ATOM 1224 C CZ  . PHE A 1 156 ? 18.816  12.731  4.536   1.00 100.00 ? 156 PHE A CZ  1 
ATOM 1225 N N   . ALA A 1 157 ? 16.278  13.787  -0.034  1.00 100.00 ? 157 ALA A N   1 
ATOM 1226 C CA  . ALA A 1 157 ? 14.947  13.829  0.606   1.00 100.00 ? 157 ALA A CA  1 
ATOM 1227 C C   . ALA A 1 157 ? 14.089  12.735  -0.025  1.00 100.00 ? 157 ALA A C   1 
ATOM 1228 O O   . ALA A 1 157 ? 13.412  11.994  0.711   1.00 100.00 ? 157 ALA A O   1 
ATOM 1229 C CB  . ALA A 1 157 ? 14.330  15.196  0.429   1.00 100.00 ? 157 ALA A CB  1 
ATOM 1230 N N   . ALA A 1 158 ? 14.174  12.595  -1.350  1.00 100.00 ? 158 ALA A N   1 
ATOM 1231 C CA  . ALA A 1 158 ? 13.328  11.599  -2.044  1.00 100.00 ? 158 ALA A CA  1 
ATOM 1232 C C   . ALA A 1 158 ? 13.672  10.194  -1.548  1.00 100.00 ? 158 ALA A C   1 
ATOM 1233 O O   . ALA A 1 158 ? 12.744  9.420   -1.237  1.00 100.00 ? 158 ALA A O   1 
ATOM 1234 C CB  . ALA A 1 158 ? 13.538  11.714  -3.533  1.00 100.00 ? 158 ALA A CB  1 
ATOM 1235 N N   . ARG A 1 159 ? 14.965  9.877   -1.449  1.00 100.00 ? 159 ARG A N   1 
ATOM 1236 C CA  . ARG A 1 159 ? 15.353  8.552   -0.902  1.00 100.00 ? 159 ARG A CA  1 
ATOM 1237 C C   . ARG A 1 159 ? 14.885  8.455   0.558   1.00 100.00 ? 159 ARG A C   1 
ATOM 1238 O O   . ARG A 1 159 ? 14.199  7.465   0.893   1.00 100.00 ? 159 ARG A O   1 
ATOM 1239 C CB  . ARG A 1 159 ? 16.861  8.275   -0.960  1.00 100.00 ? 159 ARG A CB  1 
ATOM 1240 C CG  . ARG A 1 159 ? 17.501  8.276   -2.340  1.00 100.00 ? 159 ARG A CG  1 
ATOM 1241 C CD  . ARG A 1 159 ? 18.950  7.808   -2.263  1.00 100.00 ? 159 ARG A CD  1 
ATOM 1242 N NE  . ARG A 1 159 ? 19.853  8.601   -1.421  1.00 100.00 ? 159 ARG A NE  1 
ATOM 1243 C CZ  . ARG A 1 159 ? 20.161  9.880   -1.590  1.00 100.00 ? 159 ARG A CZ  1 
ATOM 1244 N NH1 . ARG A 1 159 ? 19.750  10.529  -2.664  1.00 100.00 ? 159 ARG A NH1 1 
ATOM 1245 N NH2 . ARG A 1 159 ? 20.919  10.495  -0.700  1.00 100.00 ? 159 ARG A NH2 1 
ATOM 1246 N N   . LEU A 1 160 ? 15.221  9.451   1.382   1.00 100.00 ? 160 LEU A N   1 
ATOM 1247 C CA  . LEU A 1 160 ? 14.889  9.357   2.827   1.00 100.00 ? 160 LEU A CA  1 
ATOM 1248 C C   . LEU A 1 160 ? 13.368  9.281   3.017   1.00 100.00 ? 160 LEU A C   1 
ATOM 1249 O O   . LEU A 1 160 ? 12.922  8.431   3.812   1.00 100.00 ? 160 LEU A O   1 
ATOM 1250 C CB  . LEU A 1 160 ? 15.469  10.551  3.581   1.00 100.00 ? 160 LEU A CB  1 
ATOM 1251 C CG  . LEU A 1 160 ? 15.212  10.562  5.090   1.00 100.00 ? 160 LEU A CG  1 
ATOM 1252 C CD1 . LEU A 1 160 ? 15.853  9.366   5.769   1.00 100.00 ? 160 LEU A CD1 1 
ATOM 1253 C CD2 . LEU A 1 160 ? 15.645  11.859  5.743   1.00 100.00 ? 160 LEU A CD2 1 
ATOM 1254 N N   . LEU A 1 161 ? 12.602  10.108  2.302   1.00 100.00 ? 161 LEU A N   1 
ATOM 1255 C CA  . LEU A 1 161 ? 11.132  10.126  2.537   1.00 100.00 ? 161 LEU A CA  1 
ATOM 1256 C C   . LEU A 1 161 ? 10.550  8.750   2.179   1.00 100.00 ? 161 LEU A C   1 
ATOM 1257 O O   . LEU A 1 161 ? 9.723   8.239   2.960   1.00 100.00 ? 161 LEU A O   1 
ATOM 1258 C CB  . LEU A 1 161 ? 10.439  11.252  1.770   1.00 100.00 ? 161 LEU A CB  1 
ATOM 1259 C CG  . LEU A 1 161 ? 10.833  12.678  2.169   1.00 100.00 ? 161 LEU A CG  1 
ATOM 1260 C CD1 . LEU A 1 161 ? 10.085  13.699  1.333   1.00 100.00 ? 161 LEU A CD1 1 
ATOM 1261 C CD2 . LEU A 1 161 ? 10.583  12.908  3.649   1.00 100.00 ? 161 LEU A CD2 1 
ATOM 1262 N N   . GLU A 1 162 ? 10.971  8.182   1.047   1.00 100.00 ? 162 GLU A N   1 
ATOM 1263 C CA  . GLU A 1 162 ? 10.501  6.825   0.663   1.00 100.00 ? 162 GLU A CA  1 
ATOM 1264 C C   . GLU A 1 162 ? 10.952  5.814   1.730   1.00 100.00 ? 162 GLU A C   1 
ATOM 1265 O O   . GLU A 1 162 ? 10.152  4.918   2.067   1.00 100.00 ? 162 GLU A O   1 
ATOM 1266 C CB  . GLU A 1 162 ? 11.010  6.422   -0.721  1.00 100.00 ? 162 GLU A CB  1 
ATOM 1267 C CG  . GLU A 1 162 ? 10.453  7.280   -1.855  1.00 100.00 ? 162 GLU A CG  1 
ATOM 1268 C CD  . GLU A 1 162 ? 8.950   7.212   -2.070  1.00 100.00 ? 162 GLU A CD  1 
ATOM 1269 O OE1 . GLU A 1 162 ? 8.254   6.478   -1.336  1.00 100.00 ? 162 GLU A OE1 1 
ATOM 1270 O OE2 . GLU A 1 162 ? 8.472   7.894   -2.999  1.00 100.00 ? 162 GLU A OE2 1 
ATOM 1271 N N   . ALA A 1 163 ? 12.179  5.960   2.235   1.00 100.00 ? 163 ALA A N   1 
ATOM 1272 C CA  . ALA A 1 163 ? 12.698  5.016   3.252   1.00 100.00 ? 163 ALA A CA  1 
ATOM 1273 C C   . ALA A 1 163 ? 11.822  5.105   4.502   1.00 100.00 ? 163 ALA A C   1 
ATOM 1274 O O   . ALA A 1 163 ? 11.500  4.053   5.094   1.00 100.00 ? 163 ALA A O   1 
ATOM 1275 C CB  . ALA A 1 163 ? 14.141  5.330   3.564   1.00 100.00 ? 163 ALA A CB  1 
ATOM 1276 N N   . ILE A 1 164 ? 11.440  6.326   4.882   1.00 100.00 ? 164 ILE A N   1 
ATOM 1277 C CA  . ILE A 1 164 ? 10.541  6.513   6.058   1.00 100.00 ? 164 ILE A CA  1 
ATOM 1278 C C   . ILE A 1 164 ? 9.177   5.895   5.711   1.00 100.00 ? 164 ILE A C   1 
ATOM 1279 O O   . ILE A 1 164 ? 8.580   5.245   6.596   1.00 100.00 ? 164 ILE A O   1 
ATOM 1280 C CB  . ILE A 1 164 ? 10.442  8.004   6.422   1.00 100.00 ? 164 ILE A CB  1 
ATOM 1281 C CG1 . ILE A 1 164 ? 11.823  8.594   6.691   1.00 100.00 ? 164 ILE A CG1 1 
ATOM 1282 C CG2 . ILE A 1 164 ? 9.502   8.221   7.606   1.00 100.00 ? 164 ILE A CG2 1 
ATOM 1283 C CD1 . ILE A 1 164 ? 11.812  10.070  7.040   1.00 100.00 ? 164 ILE A CD1 1 
ATOM 1284 N N   . ASP A 1 165 ? 8.719   6.074   4.470   1.00 100.00 ? 165 ASP A N   1 
ATOM 1285 C CA  . ASP A 1 165 ? 7.444   5.446   4.025   1.00 100.00 ? 165 ASP A CA  1 
ATOM 1286 C C   . ASP A 1 165 ? 7.588   3.922   4.031   1.00 100.00 ? 165 ASP A C   1 
ATOM 1287 O O   . ASP A 1 165 ? 6.611   3.242   4.415   1.00 100.00 ? 165 ASP A O   1 
ATOM 1288 C CB  . ASP A 1 165 ? 7.022   5.970   2.661   1.00 100.00 ? 165 ASP A CB  1 
ATOM 1289 C CG  . ASP A 1 165 ? 6.765   7.468   2.590   1.00 100.00 ? 165 ASP A CG  1 
ATOM 1290 O OD1 . ASP A 1 165 ? 6.910   8.137   3.635   1.00 100.00 ? 165 ASP A OD1 1 
ATOM 1291 O OD2 . ASP A 1 165 ? 6.430   7.954   1.489   1.00 100.00 ? 165 ASP A OD2 1 
ATOM 1292 N N   . ALA A 1 166 ? 8.751   3.412   3.617   1.00 100.00 ? 166 ALA A N   1 
ATOM 1293 C CA  . ALA A 1 166 ? 8.977   1.947   3.570   1.00 100.00 ? 166 ALA A CA  1 
ATOM 1294 C C   . ALA A 1 166 ? 8.731   1.349   4.957   1.00 100.00 ? 166 ALA A C   1 
ATOM 1295 O O   . ALA A 1 166 ? 8.112   0.269   5.049   1.00 100.00 ? 166 ALA A O   1 
ATOM 1296 C CB  . ALA A 1 166 ? 10.377  1.651   3.079   1.00 100.00 ? 166 ALA A CB  1 
ATOM 1297 N N   . GLU A 1 167 ? 9.208   2.030   6.002   1.00 100.00 ? 167 GLU A N   1 
ATOM 1298 C CA  . GLU A 1 167 ? 9.021   1.526   7.386   1.00 100.00 ? 167 GLU A CA  1 
ATOM 1299 C C   . GLU A 1 167 ? 7.519   1.517   7.707   1.00 100.00 ? 167 GLU A C   1 
ATOM 1300 O O   . GLU A 1 167 ? 6.832   2.503   7.369   1.00 100.00 ? 167 GLU A O   1 
ATOM 1301 C CB  . GLU A 1 167 ? 9.790   2.395   8.380   1.00 100.00 ? 167 GLU A CB  1 
ATOM 1302 C CG  . GLU A 1 167 ? 11.287  2.454   8.088   1.00 100.00 ? 167 GLU A CG  1 
ATOM 1303 C CD  . GLU A 1 167 ? 11.997  1.113   8.103   1.00 100.00 ? 167 GLU A CD  1 
ATOM 1304 O OE1 . GLU A 1 167 ? 11.975  0.443   9.157   1.00 100.00 ? 167 GLU A OE1 1 
ATOM 1305 O OE2 . GLU A 1 167 ? 12.577  0.740   7.061   1.00 100.00 ? 167 GLU A OE2 1 
ATOM 1306 N N   . PRO A 1 168 ? 6.985   0.456   8.350   1.00 100.00 ? 168 PRO A N   1 
ATOM 1307 C CA  . PRO A 1 168 ? 5.577   0.416   8.714   1.00 100.00 ? 168 PRO A CA  1 
ATOM 1308 C C   . PRO A 1 168 ? 5.341   1.065   10.067  1.00 100.00 ? 168 PRO A C   1 
ATOM 1309 O O   . PRO A 1 168 ? 4.267   0.859   10.663  1.00 100.00 ? 168 PRO A O   1 
ATOM 1310 C CB  . PRO A 1 168 ? 5.320   -1.092  8.737   1.00 100.00 ? 168 PRO A CB  1 
ATOM 1311 C CG  . PRO A 1 168 ? 6.620   -1.669  9.250   1.00 100.00 ? 168 PRO A CG  1 
ATOM 1312 C CD  . PRO A 1 168 ? 7.710   -0.748  8.723   1.00 100.00 ? 168 PRO A CD  1 
ATOM 1313 N N   . VAL A 1 169 ? 6.322   1.836   10.544  1.00 100.00 ? 169 VAL A N   1 
ATOM 1314 C CA  . VAL A 1 169 ? 6.203   2.505   11.873  1.00 100.00 ? 169 VAL A CA  1 
ATOM 1315 C C   . VAL A 1 169 ? 5.110   3.583   11.800  1.00 100.00 ? 169 VAL A C   1 
ATOM 1316 O O   . VAL A 1 169 ? 4.958   4.194   10.723  1.00 100.00 ? 169 VAL A O   1 
ATOM 1317 C CB  . VAL A 1 169 ? 7.575   3.084   12.264  1.00 100.00 ? 169 VAL A CB  1 
ATOM 1318 C CG1 . VAL A 1 169 ? 8.602   1.986   12.505  1.00 100.00 ? 169 VAL A CG1 1 
ATOM 1319 C CG2 . VAL A 1 169 ? 8.090   4.079   11.232  1.00 100.00 ? 169 VAL A CG2 1 
ATOM 1320 N N   . THR A 1 170 ? 4.354   3.778   12.885  1.00 100.00 ? 170 THR A N   1 
ATOM 1321 C CA  . THR A 1 170 ? 3.217   4.735   12.893  1.00 100.00 ? 170 THR A CA  1 
ATOM 1322 C C   . THR A 1 170 ? 3.621   6.089   12.339  1.00 100.00 ? 170 THR A C   1 
ATOM 1323 O O   . THR A 1 170 ? 4.820   6.434   12.393  1.00 100.00 ? 170 THR A O   1 
ATOM 1324 C CB  . THR A 1 170 ? 2.674   4.857   14.316  1.00 100.00 ? 170 THR A CB  1 
ATOM 1325 O OG1 . THR A 1 170 ? 3.754   5.362   15.094  1.00 100.00 ? 170 THR A OG1 1 
ATOM 1326 C CG2 . THR A 1 170 ? 2.203   3.525   14.870  1.00 100.00 ? 170 THR A CG2 1 
ATOM 1327 N N   . GLN A 1 171 ? 2.641   6.864   11.864  1.00 100.00 ? 171 GLN A N   1 
ATOM 1328 C CA  . GLN A 1 171 ? 2.936   8.190   11.261  1.00 100.00 ? 171 GLN A CA  1 
ATOM 1329 C C   . GLN A 1 171 ? 3.733   9.071   12.242  1.00 100.00 ? 171 GLN A C   1 
ATOM 1330 O O   . GLN A 1 171 ? 4.699   9.705   11.777  1.00 100.00 ? 171 GLN A O   1 
ATOM 1331 C CB  . GLN A 1 171 ? 1.650   8.896   10.827  1.00 100.00 ? 171 GLN A CB  1 
ATOM 1332 C CG  . GLN A 1 171 ? 1.871   10.282  10.232  1.00 100.00 ? 171 GLN A CG  1 
ATOM 1333 C CD  . GLN A 1 171 ? 2.647   10.275  8.932   1.00 100.00 ? 171 GLN A CD  1 
ATOM 1334 O OE1 . GLN A 1 171 ? 3.015   9.223   8.397   1.00 100.00 ? 171 GLN A OE1 1 
ATOM 1335 N NE2 . GLN A 1 171 ? 2.887   11.462  8.394   1.00 100.00 ? 171 GLN A NE2 1 
ATOM 1336 N N   . PRO A 1 172 ? 3.418   9.149   13.556  1.00 100.00 ? 172 PRO A N   1 
ATOM 1337 C CA  . PRO A 1 172 ? 4.159   10.040  14.438  1.00 100.00 ? 172 PRO A CA  1 
ATOM 1338 C C   . PRO A 1 172 ? 5.642   9.700   14.530  1.00 100.00 ? 172 PRO A C   1 
ATOM 1339 O O   . PRO A 1 172 ? 6.469   10.631  14.488  1.00 100.00 ? 172 PRO A O   1 
ATOM 1340 C CB  . PRO A 1 172 ? 3.444   9.864   15.784  1.00 100.00 ? 172 PRO A CB  1 
ATOM 1341 C CG  . PRO A 1 172 ? 2.054   9.419   15.401  1.00 100.00 ? 172 PRO A CG  1 
ATOM 1342 C CD  . PRO A 1 172 ? 2.304   8.494   14.228  1.00 100.00 ? 172 PRO A CD  1 
ATOM 1343 N N   . ILE A 1 173 ? 5.984   8.420   14.683  1.00 100.00 ? 173 ILE A N   1 
ATOM 1344 C CA  . ILE A 1 173 ? 7.433   8.054   14.707  1.00 100.00 ? 173 ILE A CA  1 
ATOM 1345 C C   . ILE A 1 173 ? 8.045   8.325   13.321  1.00 100.00 ? 173 ILE A C   1 
ATOM 1346 O O   . ILE A 1 173 ? 9.233   8.708   13.274  1.00 100.00 ? 173 ILE A O   1 
ATOM 1347 C CB  . ILE A 1 173 ? 7.652   6.609   15.202  1.00 100.00 ? 173 ILE A CB  1 
ATOM 1348 C CG1 . ILE A 1 173 ? 9.139   6.264   15.291  1.00 100.00 ? 173 ILE A CG1 1 
ATOM 1349 C CG2 . ILE A 1 173 ? 6.897   5.603   14.342  1.00 100.00 ? 173 ILE A CG2 1 
ATOM 1350 C CD1 . ILE A 1 173 ? 9.416   4.847   15.757  1.00 100.00 ? 173 ILE A CD1 1 
ATOM 1351 N N   . LYS A 1 174 ? 7.264   8.183   12.246  1.00 100.00 ? 174 LYS A N   1 
ATOM 1352 C CA  . LYS A 1 174 ? 7.801   8.531   10.903  1.00 100.00 ? 174 LYS A CA  1 
ATOM 1353 C C   . LYS A 1 174 ? 8.150   10.026  10.874  1.00 100.00 ? 174 LYS A C   1 
ATOM 1354 O O   . LYS A 1 174 ? 9.215   10.379  10.325  1.00 100.00 ? 174 LYS A O   1 
ATOM 1355 C CB  . LYS A 1 174 ? 6.828   8.258   9.750   1.00 100.00 ? 174 LYS A CB  1 
ATOM 1356 C CG  . LYS A 1 174 ? 6.456   6.811   9.472   1.00 100.00 ? 174 LYS A CG  1 
ATOM 1357 C CD  . LYS A 1 174 ? 5.559   6.715   8.243   1.00 100.00 ? 174 LYS A CD  1 
ATOM 1358 C CE  . LYS A 1 174 ? 5.200   5.314   7.868   1.00 100.00 ? 174 LYS A CE  1 
ATOM 1359 N NZ  . LYS A 1 174 ? 4.351   5.274   6.674   1.00 100.00 ? 174 LYS A NZ  1 
ATOM 1360 N N   . ASP A 1 175 ? 7.284   10.864  11.449  1.00 100.00 ? 175 ASP A N   1 
ATOM 1361 C CA  . ASP A 1 175 ? 7.523   12.332  11.443  1.00 100.00 ? 175 ASP A CA  1 
ATOM 1362 C C   . ASP A 1 175 ? 8.858   12.619  12.135  1.00 100.00 ? 175 ASP A C   1 
ATOM 1363 O O   . ASP A 1 175 ? 9.675   13.373  11.567  1.00 100.00 ? 175 ASP A O   1 
ATOM 1364 C CB  . ASP A 1 175 ? 6.355   13.075  12.072  1.00 100.00 ? 175 ASP A CB  1 
ATOM 1365 C CG  . ASP A 1 175 ? 5.020   12.891  11.365  1.00 100.00 ? 175 ASP A CG  1 
ATOM 1366 O OD1 . ASP A 1 175 ? 4.993   12.170  10.346  1.00 100.00 ? 175 ASP A OD1 1 
ATOM 1367 O OD2 . ASP A 1 175 ? 4.019   13.462  11.844  1.00 100.00 ? 175 ASP A OD2 1 
ATOM 1368 N N   . TYR A 1 176 ? 9.067   12.031  13.315  1.00 100.00 ? 176 TYR A N   1 
ATOM 1369 C CA  . TYR A 1 176 ? 10.321  12.270  14.075  1.00 100.00 ? 176 TYR A CA  1 
ATOM 1370 C C   . TYR A 1 176 ? 11.505  12.022  13.155  1.00 100.00 ? 176 TYR A C   1 
ATOM 1371 O O   . TYR A 1 176 ? 12.481  12.802  13.186  1.00 100.00 ? 176 TYR A O   1 
ATOM 1372 C CB  . TYR A 1 176 ? 10.372  11.333  15.282  1.00 100.00 ? 176 TYR A CB  1 
ATOM 1373 C CG  . TYR A 1 176 ? 11.655  11.426  16.097  1.00 100.00 ? 176 TYR A CG  1 
ATOM 1374 C CD1 . TYR A 1 176 ? 11.770  12.313  17.160  1.00 100.00 ? 176 TYR A CD1 1 
ATOM 1375 C CD2 . TYR A 1 176 ? 12.750  10.624  15.802  1.00 100.00 ? 176 TYR A CD2 1 
ATOM 1376 C CE1 . TYR A 1 176 ? 12.935  12.400  17.903  1.00 100.00 ? 176 TYR A CE1 1 
ATOM 1377 C CE2 . TYR A 1 176 ? 13.922  10.704  16.536  1.00 100.00 ? 176 TYR A CE2 1 
ATOM 1378 C CZ  . TYR A 1 176 ? 14.014  11.595  17.589  1.00 100.00 ? 176 TYR A CZ  1 
ATOM 1379 O OH  . TYR A 1 176 ? 15.165  11.677  18.317  1.00 100.00 ? 176 TYR A OH  1 
ATOM 1380 N N   . LEU A 1 177 ? 11.423  10.965  12.344  1.00 100.00 ? 177 LEU A N   1 
ATOM 1381 C CA  . LEU A 1 177 ? 12.555  10.614  11.450  1.00 100.00 ? 177 LEU A CA  1 
ATOM 1382 C C   . LEU A 1 177 ? 12.789  11.761  10.454  1.00 100.00 ? 177 LEU A C   1 
ATOM 1383 O O   . LEU A 1 177 ? 13.961  12.127  10.237  1.00 100.00 ? 177 LEU A O   1 
ATOM 1384 C CB  . LEU A 1 177 ? 12.217  9.311   10.733  1.00 100.00 ? 177 LEU A CB  1 
ATOM 1385 C CG  . LEU A 1 177 ? 11.912  8.110   11.634  1.00 100.00 ? 177 LEU A CG  1 
ATOM 1386 C CD1 . LEU A 1 177 ? 11.613  6.868   10.812  1.00 100.00 ? 177 LEU A CD1 1 
ATOM 1387 C CD2 . LEU A 1 177 ? 13.028  7.850   12.630  1.00 100.00 ? 177 LEU A CD2 1 
ATOM 1388 N N   . LYS A 1 178 ? 11.712  12.319  9.896   1.00 100.00 ? 178 LYS A N   1 
ATOM 1389 C CA  . LYS A 1 178 ? 11.844  13.406  8.892   1.00 100.00 ? 178 LYS A CA  1 
ATOM 1390 C C   . LYS A 1 178 ? 12.598  14.577  9.531   1.00 100.00 ? 178 LYS A C   1 
ATOM 1391 O O   . LYS A 1 178 ? 13.390  15.233  8.824   1.00 100.00 ? 178 LYS A O   1 
ATOM 1392 C CB  . LYS A 1 178 ? 10.443  13.831  8.447   1.00 100.00 ? 178 LYS A CB  1 
ATOM 1393 C CG  . LYS A 1 178 ? 9.603   12.706  7.863   1.00 100.00 ? 178 LYS A CG  1 
ATOM 1394 C CD  . LYS A 1 178 ? 8.195   13.114  7.451   1.00 100.00 ? 178 LYS A CD  1 
ATOM 1395 C CE  . LYS A 1 178 ? 7.421   11.958  6.903   1.00 100.00 ? 178 LYS A CE  1 
ATOM 1396 N NZ  . LYS A 1 178 ? 6.064   12.349  6.511   1.00 100.00 ? 178 LYS A NZ  1 
ATOM 1397 N N   . LEU A 1 179 ? 12.361  14.816  10.821  1.00 100.00 ? 179 LEU A N   1 
ATOM 1398 C CA  . LEU A 1 179 ? 13.003  15.939  11.551  1.00 100.00 ? 179 LEU A CA  1 
ATOM 1399 C C   . LEU A 1 179 ? 14.423  15.562  11.999  1.00 100.00 ? 179 LEU A C   1 
ATOM 1400 O O   . LEU A 1 179 ? 15.319  16.425  11.888  1.00 100.00 ? 179 LEU A O   1 
ATOM 1401 C CB  . LEU A 1 179 ? 12.118  16.292  12.742  1.00 100.00 ? 179 LEU A CB  1 
ATOM 1402 C CG  . LEU A 1 179 ? 10.689  16.727  12.406  1.00 100.00 ? 179 LEU A CG  1 
ATOM 1403 C CD1 . LEU A 1 179 ? 9.917   17.044  13.673  1.00 100.00 ? 179 LEU A CD1 1 
ATOM 1404 C CD2 . LEU A 1 179 ? 10.702  17.923  11.470  1.00 100.00 ? 179 LEU A CD2 1 
ATOM 1405 N N   . THR A 1 180 ? 14.619  14.341  12.499  1.00 100.00 ? 180 THR A N   1 
ATOM 1406 C CA  . THR A 1 180 ? 15.931  13.981  13.085  1.00 100.00 ? 180 THR A CA  1 
ATOM 1407 C C   . THR A 1 180 ? 16.879  13.425  12.048  1.00 100.00 ? 180 THR A C   1 
ATOM 1408 O O   . THR A 1 180 ? 17.969  14.013  11.876  1.00 100.00 ? 180 THR A O   1 
ATOM 1409 C CB  . THR A 1 180 ? 15.693  12.971  14.206  1.00 100.00 ? 180 THR A CB  1 
ATOM 1410 O OG1 . THR A 1 180 ? 14.824  13.629  15.122  1.00 100.00 ? 180 THR A OG1 1 
ATOM 1411 C CG2 . THR A 1 180 ? 16.978  12.554  14.898  1.00 100.00 ? 180 THR A CG2 1 
ATOM 1412 N N   . LEU A 1 181 ? 16.494  12.347  11.363  1.00 100.00 ? 181 LEU A N   1 
ATOM 1413 C CA  . LEU A 1 181 ? 17.448  11.675  10.441  1.00 100.00 ? 181 LEU A CA  1 
ATOM 1414 C C   . LEU A 1 181 ? 17.891  12.635  9.329   1.00 100.00 ? 181 LEU A C   1 
ATOM 1415 O O   . LEU A 1 181 ? 19.094  12.636  9.002   1.00 100.00 ? 181 LEU A O   1 
ATOM 1416 C CB  . LEU A 1 181 ? 16.801  10.412  9.879   1.00 100.00 ? 181 LEU A CB  1 
ATOM 1417 C CG  . LEU A 1 181 ? 16.387  9.380   10.931  1.00 100.00 ? 181 LEU A CG  1 
ATOM 1418 C CD1 . LEU A 1 181 ? 15.799  8.139   10.293  1.00 100.00 ? 181 LEU A CD1 1 
ATOM 1419 C CD2 . LEU A 1 181 ? 17.570  9.033   11.815  1.00 100.00 ? 181 LEU A CD2 1 
ATOM 1420 N N   . SER A 1 182 ? 16.968  13.425  8.784   1.00 100.00 ? 182 SER A N   1 
ATOM 1421 C CA  . SER A 1 182 ? 17.330  14.303  7.642   1.00 100.00 ? 182 SER A CA  1 
ATOM 1422 C C   . SER A 1 182 ? 18.649  15.034  7.934   1.00 100.00 ? 182 SER A C   1 
ATOM 1423 O O   . SER A 1 182 ? 19.596  14.872  7.138   1.00 100.00 ? 182 SER A O   1 
ATOM 1424 C CB  . SER A 1 182 ? 16.231  15.272  7.328   1.00 100.00 ? 182 SER A CB  1 
ATOM 1425 O OG  . SER A 1 182 ? 16.605  16.086  6.228   1.00 100.00 ? 182 SER A OG  1 
ATOM 1426 N N   . TYR A 1 183 ? 18.709  15.796  9.030   1.00 100.00 ? 183 TYR A N   1 
ATOM 1427 C CA  . TYR A 1 183 ? 19.924  16.601  9.335   1.00 100.00 ? 183 TYR A CA  1 
ATOM 1428 C C   . TYR A 1 183 ? 21.122  15.673  9.532   1.00 100.00 ? 183 TYR A C   1 
ATOM 1429 O O   . TYR A 1 183 ? 22.228  15.996  9.047   1.00 100.00 ? 183 TYR A O   1 
ATOM 1430 C CB  . TYR A 1 183 ? 19.670  17.469  10.571  1.00 100.00 ? 183 TYR A CB  1 
ATOM 1431 C CG  . TYR A 1 183 ? 20.848  18.349  10.970  1.00 100.00 ? 183 TYR A CG  1 
ATOM 1432 C CD1 . TYR A 1 183 ? 20.989  19.634  10.460  1.00 100.00 ? 183 TYR A CD1 1 
ATOM 1433 C CD2 . TYR A 1 183 ? 21.818  17.890  11.851  1.00 100.00 ? 183 TYR A CD2 1 
ATOM 1434 C CE1 . TYR A 1 183 ? 22.059  20.437  10.818  1.00 100.00 ? 183 TYR A CE1 1 
ATOM 1435 C CE2 . TYR A 1 183 ? 22.890  18.684  12.218  1.00 100.00 ? 183 TYR A CE2 1 
ATOM 1436 C CZ  . TYR A 1 183 ? 23.012  19.960  11.700  1.00 100.00 ? 183 TYR A CZ  1 
ATOM 1437 O OH  . TYR A 1 183 ? 24.072  20.738  12.062  1.00 100.00 ? 183 TYR A OH  1 
ATOM 1438 N N   . THR A 1 184 ? 20.930  14.578  10.273  1.00 100.00 ? 184 THR A N   1 
ATOM 1439 C CA  . THR A 1 184 ? 22.062  13.676  10.583  1.00 100.00 ? 184 THR A CA  1 
ATOM 1440 C C   . THR A 1 184 ? 22.526  13.004  9.311   1.00 100.00 ? 184 THR A C   1 
ATOM 1441 O O   . THR A 1 184 ? 23.742  13.045  9.029   1.00 100.00 ? 184 THR A O   1 
ATOM 1442 C CB  . THR A 1 184 ? 21.629  12.654  11.631  1.00 100.00 ? 184 THR A CB  1 
ATOM 1443 O OG1 . THR A 1 184 ? 20.578  11.909  11.025  1.00 100.00 ? 184 THR A OG1 1 
ATOM 1444 C CG2 . THR A 1 184 ? 21.144  13.308  12.913  1.00 100.00 ? 184 THR A CG2 1 
ATOM 1445 N N   . ASN A 1 185 ? 21.593  12.413  8.562   1.00 100.00 ? 185 ASN A N   1 
ATOM 1446 C CA  . ASN A 1 185 ? 21.949  11.694  7.308   1.00 100.00 ? 185 ASN A CA  1 
ATOM 1447 C C   . ASN A 1 185 ? 22.558  12.699  6.326   1.00 100.00 ? 185 ASN A C   1 
ATOM 1448 O O   . ASN A 1 185 ? 23.503  12.318  5.601   1.00 100.00 ? 185 ASN A O   1 
ATOM 1449 C CB  . ASN A 1 185 ? 20.750  10.943  6.741   1.00 100.00 ? 185 ASN A CB  1 
ATOM 1450 C CG  . ASN A 1 185 ? 20.195  9.936   7.719   1.00 100.00 ? 185 ASN A CG  1 
ATOM 1451 O OD1 . ASN A 1 185 ? 20.710  9.803   8.835   1.00 100.00 ? 185 ASN A OD1 1 
ATOM 1452 N ND2 . ASN A 1 185 ? 19.149  9.225   7.325   1.00 100.00 ? 185 ASN A ND2 1 
ATOM 1453 N N   . ALA A 1 186 ? 22.026  13.925  6.293   1.00 100.00 ? 186 ALA A N   1 
ATOM 1454 C CA  . ALA A 1 186 ? 22.563  14.980  5.400   1.00 100.00 ? 186 ALA A CA  1 
ATOM 1455 C C   . ALA A 1 186 ? 24.093  14.932  5.384   1.00 100.00 ? 186 ALA A C   1 
ATOM 1456 O O   . ALA A 1 186 ? 24.709  14.877  6.471   1.00 100.00 ? 186 ALA A O   1 
ATOM 1457 C CB  . ALA A 1 186 ? 22.068  16.337  5.842   1.00 100.00 ? 186 ALA A CB  1 
ATOM 1458 N N   . SER A 1 187 ? 24.686  14.981  4.188   1.00 100.00 ? 187 SER A N   1 
ATOM 1459 C CA  . SER A 1 187 ? 26.163  14.944  4.052   1.00 100.00 ? 187 SER A CA  1 
ATOM 1460 C C   . SER A 1 187 ? 26.734  16.123  4.833   1.00 100.00 ? 187 SER A C   1 
ATOM 1461 O O   . SER A 1 187 ? 26.078  17.176  4.828   1.00 100.00 ? 187 SER A O   1 
ATOM 1462 C CB  . SER A 1 187 ? 26.577  14.997  2.608   1.00 100.00 ? 187 SER A CB  1 
ATOM 1463 O OG  . SER A 1 187 ? 26.119  16.196  1.996   1.00 100.00 ? 187 SER A OG  1 
ATOM 1464 N N   . ALA A 1 188 ? 27.919  15.963  5.425   1.00 100.00 ? 188 ALA A N   1 
ATOM 1465 C CA  . ALA A 1 188 ? 28.524  17.031  6.258   1.00 100.00 ? 188 ALA A CA  1 
ATOM 1466 C C   . ALA A 1 188 ? 28.398  18.401  5.588   1.00 100.00 ? 188 ALA A C   1 
ATOM 1467 O O   . ALA A 1 188 ? 28.029  19.363  6.288   1.00 100.00 ? 188 ALA A O   1 
ATOM 1468 C CB  . ALA A 1 188 ? 29.972  16.694  6.542   1.00 100.00 ? 188 ALA A CB  1 
ATOM 1469 N N   . ASP A 1 189 ? 28.688  18.501  4.287   1.00 100.00 ? 189 ASP A N   1 
ATOM 1470 C CA  . ASP A 1 189 ? 28.701  19.848  3.648   1.00 100.00 ? 189 ASP A CA  1 
ATOM 1471 C C   . ASP A 1 189 ? 27.313  20.491  3.730   1.00 100.00 ? 189 ASP A C   1 
ATOM 1472 O O   . ASP A 1 189 ? 27.238  21.654  4.183   1.00 100.00 ? 189 ASP A O   1 
ATOM 1473 C CB  . ASP A 1 189 ? 29.212  19.766  2.218   1.00 100.00 ? 189 ASP A CB  1 
ATOM 1474 C CG  . ASP A 1 189 ? 30.620  19.210  2.065   1.00 100.00 ? 189 ASP A CG  1 
ATOM 1475 O OD1 . ASP A 1 189 ? 31.233  18.873  3.099   1.00 100.00 ? 189 ASP A OD1 1 
ATOM 1476 O OD2 . ASP A 1 189 ? 31.090  19.116  0.912   1.00 100.00 ? 189 ASP A OD2 1 
ATOM 1477 N N   . CYS A 1 190 ? 26.265  19.788  3.291   1.00 100.00 ? 190 CYS A N   1 
ATOM 1478 C CA  . CYS A 1 190 ? 24.897  20.339  3.471   1.00 100.00 ? 190 CYS A CA  1 
ATOM 1479 C C   . CYS A 1 190 ? 24.610  20.503  4.966   1.00 100.00 ? 190 CYS A C   1 
ATOM 1480 O O   . CYS A 1 190 ? 24.005  21.524  5.333   1.00 100.00 ? 190 CYS A O   1 
ATOM 1481 C CB  . CYS A 1 190 ? 23.821  19.434  2.885   1.00 100.00 ? 190 CYS A CB  1 
ATOM 1482 S SG  . CYS A 1 190 ? 23.756  19.441  1.077   1.00 100.00 ? 190 CYS A SG  1 
ATOM 1483 N N   . GLN A 1 191 ? 25.054  19.551  5.787   1.00 100.00 ? 191 GLN A N   1 
ATOM 1484 C CA  . GLN A 1 191 ? 24.731  19.600  7.236   1.00 100.00 ? 191 GLN A CA  1 
ATOM 1485 C C   . GLN A 1 191 ? 25.328  20.884  7.832   1.00 100.00 ? 191 GLN A C   1 
ATOM 1486 O O   . GLN A 1 191 ? 24.632  21.536  8.639   1.00 100.00 ? 191 GLN A O   1 
ATOM 1487 C CB  . GLN A 1 191 ? 25.248  18.314  7.880   1.00 100.00 ? 191 GLN A CB  1 
ATOM 1488 C CG  . GLN A 1 191 ? 24.968  18.193  9.373   1.00 100.00 ? 191 GLN A CG  1 
ATOM 1489 C CD  . GLN A 1 191 ? 25.455  16.884  9.955   1.00 100.00 ? 191 GLN A CD  1 
ATOM 1490 O OE1 . GLN A 1 191 ? 26.009  16.034  9.250   1.00 100.00 ? 191 GLN A OE1 1 
ATOM 1491 N NE2 . GLN A 1 191 ? 25.248  16.707  11.251  1.00 100.00 ? 191 GLN A NE2 1 
ATOM 1492 N N   . LYS A 1 192 ? 26.554  21.241  7.438   1.00 99.50  ? 192 LYS A N   1 
ATOM 1493 C CA  . LYS A 1 192 ? 27.167  22.508  7.918   1.00 99.50  ? 192 LYS A CA  1 
ATOM 1494 C C   . LYS A 1 192 ? 26.336  23.698  7.417   1.00 99.50  ? 192 LYS A C   1 
ATOM 1495 O O   . LYS A 1 192 ? 26.076  24.623  8.220   1.00 99.50  ? 192 LYS A O   1 
ATOM 1496 C CB  . LYS A 1 192 ? 28.603  22.624  7.399   1.00 99.50  ? 192 LYS A CB  1 
ATOM 1497 C CG  . LYS A 1 192 ? 29.541  21.508  7.831   1.00 99.50  ? 192 LYS A CG  1 
ATOM 1498 C CD  . LYS A 1 192 ? 30.942  21.641  7.249   1.00 99.50  ? 192 LYS A CD  1 
ATOM 1499 C CE  . LYS A 1 192 ? 31.836  20.519  7.670   1.00 99.50  ? 192 LYS A CE  1 
ATOM 1500 N NZ  . LYS A 1 192 ? 33.178  20.655  7.099   1.00 99.50  ? 192 LYS A NZ  1 
ATOM 1501 N N   . GLN A 1 193 ? 25.926  23.663  6.146   1.00 100.00 ? 193 GLN A N   1 
ATOM 1502 C CA  . GLN A 1 193 ? 25.104  24.762  5.575   1.00 100.00 ? 193 GLN A CA  1 
ATOM 1503 C C   . GLN A 1 193 ? 23.761  24.810  6.316   1.00 100.00 ? 193 GLN A C   1 
ATOM 1504 O O   . GLN A 1 193 ? 23.298  25.920  6.645   1.00 100.00 ? 193 GLN A O   1 
ATOM 1505 C CB  . GLN A 1 193 ? 24.871  24.546  4.080   1.00 100.00 ? 193 GLN A CB  1 
ATOM 1506 C CG  . GLN A 1 193 ? 26.154  24.492  3.256   1.00 100.00 ? 193 GLN A CG  1 
ATOM 1507 C CD  . GLN A 1 193 ? 25.900  24.271  1.781   1.00 100.00 ? 193 GLN A CD  1 
ATOM 1508 O OE1 . GLN A 1 193 ? 24.753  24.160  1.335   1.00 100.00 ? 193 GLN A OE1 1 
ATOM 1509 N NE2 . GLN A 1 193 ? 26.974  24.211  1.008   1.00 100.00 ? 193 GLN A NE2 1 
ATOM 1510 N N   . MET A 1 194 ? 23.174  23.642  6.582   1.00 100.00 ? 194 MET A N   1 
ATOM 1511 C CA  . MET A 1 194 ? 21.894  23.592  7.329   1.00 100.00 ? 194 MET A CA  1 
ATOM 1512 C C   . MET A 1 194 ? 22.134  24.162  8.728   1.00 100.00 ? 194 MET A C   1 
ATOM 1513 O O   . MET A 1 194 ? 21.297  24.952  9.198   1.00 100.00 ? 194 MET A O   1 
ATOM 1514 C CB  . MET A 1 194 ? 21.386  22.155  7.468   1.00 100.00 ? 194 MET A CB  1 
ATOM 1515 C CG  . MET A 1 194 ? 21.124  21.473  6.147   1.00 100.00 ? 194 MET A CG  1 
ATOM 1516 S SD  . MET A 1 194 ? 20.567  19.769  6.333   1.00 100.00 ? 194 MET A SD  1 
ATOM 1517 C CE  . MET A 1 194 ? 20.473  19.383  4.581   1.00 100.00 ? 194 MET A CE  1 
ATOM 1518 N N   . ASP A 1 195 ? 23.269  23.826  9.342   1.00 100.00 ? 195 ASP A N   1 
ATOM 1519 C CA  . ASP A 1 195 ? 23.479  24.265  10.745  1.00 100.00 ? 195 ASP A CA  1 
ATOM 1520 C C   . ASP A 1 195 ? 23.435  25.795  10.778  1.00 100.00 ? 195 ASP A C   1 
ATOM 1521 O O   . ASP A 1 195 ? 22.735  26.345  11.652  1.00 100.00 ? 195 ASP A O   1 
ATOM 1522 C CB  . ASP A 1 195 ? 24.788  23.718  11.291  1.00 100.00 ? 195 ASP A CB  1 
ATOM 1523 C CG  . ASP A 1 195 ? 25.093  24.025  12.751  1.00 100.00 ? 195 ASP A CG  1 
ATOM 1524 O OD1 . ASP A 1 195 ? 24.261  24.687  13.405  1.00 100.00 ? 195 ASP A OD1 1 
ATOM 1525 O OD2 . ASP A 1 195 ? 26.166  23.597  13.223  1.00 100.00 ? 195 ASP A OD2 1 
ATOM 1526 N N   . ARG A 1 196 ? 24.134  26.456  9.851   1.00 100.00 ? 196 ARG A N   1 
ATOM 1527 C CA  . ARG A 1 196 ? 24.171  27.940  9.921   1.00 100.00 ? 196 ARG A CA  1 
ATOM 1528 C C   . ARG A 1 196 ? 22.770  28.513  9.622   1.00 100.00 ? 196 ARG A C   1 
ATOM 1529 O O   . ARG A 1 196 ? 22.318  29.383  10.398  1.00 100.00 ? 196 ARG A O   1 
ATOM 1530 C CB  . ARG A 1 196 ? 25.268  28.483  8.996   1.00 100.00 ? 196 ARG A CB  1 
ATOM 1531 C CG  . ARG A 1 196 ? 25.133  28.086  7.535   1.00 100.00 ? 196 ARG A CG  1 
ATOM 1532 C CD  . ARG A 1 196 ? 26.248  28.607  6.647   1.00 100.00 ? 196 ARG A CD  1 
ATOM 1533 N NE  . ARG A 1 196 ? 26.060  28.163  5.262   1.00 100.00 ? 196 ARG A NE  1 
ATOM 1534 C CZ  . ARG A 1 196 ? 26.871  28.456  4.255   1.00 100.00 ? 196 ARG A CZ  1 
ATOM 1535 N NH1 . ARG A 1 196 ? 27.940  29.206  4.464   1.00 100.00 ? 196 ARG A NH1 1 
ATOM 1536 N NH2 . ARG A 1 196 ? 26.612  28.000  3.043   1.00 100.00 ? 196 ARG A NH2 1 
ATOM 1537 N N   . THR A 1 197 ? 22.111  28.048  8.553   1.00 97.09  ? 197 THR A N   1 
ATOM 1538 C CA  . THR A 1 197 ? 20.797  28.630  8.189   1.00 97.09  ? 197 THR A CA  1 
ATOM 1539 C C   . THR A 1 197 ? 19.725  28.211  9.180   1.00 97.09  ? 197 THR A C   1 
ATOM 1540 O O   . THR A 1 197 ? 18.964  29.094  9.632   1.00 97.09  ? 197 THR A O   1 
ATOM 1541 C CB  . THR A 1 197 ? 20.426  28.270  6.748   1.00 97.09  ? 197 THR A CB  1 
ATOM 1542 O OG1 . THR A 1 197 ? 19.159  28.884  6.534   1.00 97.09  ? 197 THR A OG1 1 
ATOM 1543 C CG2 . THR A 1 197 ? 20.312  26.775  6.507   1.00 97.09  ? 197 THR A CG2 1 
ATOM 1544 N N   . LEU A 1 198 ? 19.659  26.917  9.512   1.00 91.23  ? 198 LEU A N   1 
ATOM 1545 C CA  . LEU A 1 198 ? 18.614  26.401  10.438  1.00 91.23  ? 198 LEU A CA  1 
ATOM 1546 C C   . LEU A 1 198 ? 18.880  26.923  11.855  1.00 91.23  ? 198 LEU A C   1 
ATOM 1547 O O   . LEU A 1 198 ? 17.901  27.239  12.562  1.00 91.23  ? 198 LEU A O   1 
ATOM 1548 C CB  . LEU A 1 198 ? 18.538  24.874  10.406  1.00 91.23  ? 198 LEU A CB  1 
ATOM 1549 C CG  . LEU A 1 198 ? 18.250  24.250  9.037   1.00 91.23  ? 198 LEU A CG  1 
ATOM 1550 C CD1 . LEU A 1 198 ? 18.140  22.737  9.114   1.00 91.23  ? 198 LEU A CD1 1 
ATOM 1551 C CD2 . LEU A 1 198 ? 17.039  24.864  8.356   1.00 91.23  ? 198 LEU A CD2 1 
ATOM 1552 N N   . GLY A 1 199 ? 20.153  27.007  12.248  1.00 83.09  ? 199 GLY A N   1 
ATOM 1553 C CA  . GLY A 1 199 ? 20.467  27.390  13.637  1.00 83.09  ? 199 GLY A CA  1 
ATOM 1554 C C   . GLY A 1 199 ? 19.887  26.365  14.590  1.00 83.09  ? 199 GLY A C   1 
ATOM 1555 O O   . GLY A 1 199 ? 20.124  25.160  14.369  1.00 83.09  ? 199 GLY A O   1 
ATOM 1556 N N   . GLN A 1 200 ? 19.148  26.814  15.606  1.00 81.01  ? 200 GLN A N   1 
ATOM 1557 C CA  . GLN A 1 200 ? 18.588  25.886  16.623  1.00 81.01  ? 200 GLN A CA  1 
ATOM 1558 C C   . GLN A 1 200 ? 17.613  24.903  15.955  1.00 81.01  ? 200 GLN A C   1 
ATOM 1559 O O   . GLN A 1 200 ? 17.343  23.840  16.559  1.00 81.01  ? 200 GLN A O   1 
ATOM 1560 C CB  . GLN A 1 200 ? 17.898  26.700  17.718  1.00 81.01  ? 200 GLN A CB  1 
ATOM 1561 C CG  . GLN A 1 200 ? 17.295  25.863  18.841  1.00 81.01  ? 200 GLN A CG  1 
ATOM 1562 C CD  . GLN A 1 200 ? 16.612  26.694  19.904  1.00 81.01  ? 200 GLN A CD  1 
ATOM 1563 O OE1 . GLN A 1 200 ? 16.572  27.928  19.832  1.00 81.01  ? 200 GLN A OE1 1 
ATOM 1564 N NE2 . GLN A 1 200 ? 16.067  26.022  20.907  1.00 81.01  ? 200 GLN A NE2 1 
ATOM 1565 N N   . ARG A 1 201 ? 17.121  25.222  14.754  1.00 87.21  ? 201 ARG A N   1 
ATOM 1566 C CA  . ARG A 1 201 ? 16.092  24.352  14.134  1.00 87.21  ? 201 ARG A CA  1 
ATOM 1567 C C   . ARG A 1 201 ? 16.775  23.092  13.586  1.00 87.21  ? 201 ARG A C   1 
ATOM 1568 O O   . ARG A 1 201 ? 16.396  22.645  12.487  1.00 87.21  ? 201 ARG A O   1 
ATOM 1569 C CB  . ARG A 1 201 ? 15.411  25.108  12.990  1.00 87.21  ? 201 ARG A CB  1 
ATOM 1570 C CG  . ARG A 1 201 ? 14.724  26.401  13.398  1.00 87.21  ? 201 ARG A CG  1 
ATOM 1571 C CD  . ARG A 1 201 ? 14.129  27.077  12.175  1.00 87.21  ? 201 ARG A CD  1 
ATOM 1572 N NE  . ARG A 1 201 ? 15.168  27.388  11.186  1.00 87.21  ? 201 ARG A NE  1 
ATOM 1573 C CZ  . ARG A 1 201 ? 14.942  27.977  10.020  1.00 87.21  ? 201 ARG A CZ  1 
ATOM 1574 N NH1 . ARG A 1 201 ? 13.711  28.316  9.680   1.00 87.21  ? 201 ARG A NH1 1 
ATOM 1575 N NH2 . ARG A 1 201 ? 15.945  28.227  9.197   1.00 87.21  ? 201 ARG A NH2 1 
ATOM 1576 N N   . VAL A 1 202 ? 17.740  22.536  14.325  1.00 100.00 ? 202 VAL A N   1 
ATOM 1577 C CA  . VAL A 1 202 ? 18.490  21.360  13.796  1.00 100.00 ? 202 VAL A CA  1 
ATOM 1578 C C   . VAL A 1 202 ? 17.469  20.241  13.559  1.00 100.00 ? 202 VAL A C   1 
ATOM 1579 O O   . VAL A 1 202 ? 17.524  19.608  12.482  1.00 100.00 ? 202 VAL A O   1 
ATOM 1580 C CB  . VAL A 1 202 ? 19.581  20.916  14.787  1.00 100.00 ? 202 VAL A CB  1 
ATOM 1581 C CG1 . VAL A 1 202 ? 20.231  19.599  14.382  1.00 100.00 ? 202 VAL A CG1 1 
ATOM 1582 C CG2 . VAL A 1 202 ? 20.629  21.998  15.016  1.00 100.00 ? 202 VAL A CG2 1 
ATOM 1583 N N   . GLN A 1 203 ? 16.563  20.026  14.516  1.00 100.00 ? 203 GLN A N   1 
ATOM 1584 C CA  . GLN A 1 203 ? 15.477  19.031  14.328  1.00 100.00 ? 203 GLN A CA  1 
ATOM 1585 C C   . GLN A 1 203 ? 14.166  19.794  14.113  1.00 100.00 ? 203 GLN A C   1 
ATOM 1586 O O   . GLN A 1 203 ? 13.238  19.233  13.493  1.00 100.00 ? 203 GLN A O   1 
ATOM 1587 C CB  . GLN A 1 203 ? 15.398  18.140  15.565  1.00 100.00 ? 203 GLN A CB  1 
ATOM 1588 C CG  . GLN A 1 203 ? 14.281  17.107  15.515  1.00 100.00 ? 203 GLN A CG  1 
ATOM 1589 C CD  . GLN A 1 203 ? 14.192  16.265  16.768  1.00 100.00 ? 203 GLN A CD  1 
ATOM 1590 O OE1 . GLN A 1 203 ? 14.976  16.426  17.711  1.00 100.00 ? 203 GLN A OE1 1 
ATOM 1591 N NE2 . GLN A 1 203 ? 13.232  15.354  16.785  1.00 100.00 ? 203 GLN A NE2 1 
ATOM 1592 N N   . GLN A 1 204 ? 14.112  21.044  14.581  1.00 95.18  ? 204 GLN A N   1 
ATOM 1593 C CA  . GLN A 1 204 ? 12.875  21.857  14.469  1.00 95.18  ? 204 GLN A CA  1 
ATOM 1594 C C   . GLN A 1 204 ? 12.548  22.095  12.990  1.00 95.18  ? 204 GLN A C   1 
ATOM 1595 O O   . GLN A 1 204 ? 11.350  22.050  12.636  1.00 95.18  ? 204 GLN A O   1 
ATOM 1596 C CB  . GLN A 1 204 ? 13.099  23.187  15.183  1.00 95.18  ? 204 GLN A CB  1 
ATOM 1597 C CG  . GLN A 1 204 ? 13.507  23.042  16.644  1.00 95.18  ? 204 GLN A CG  1 
ATOM 1598 C CD  . GLN A 1 204 ? 13.796  24.368  17.315  1.00 95.18  ? 204 GLN A CD  1 
ATOM 1599 O OE1 . GLN A 1 204 ? 13.704  25.435  16.699  1.00 95.18  ? 204 GLN A OE1 1 
ATOM 1600 N NE2 . GLN A 1 204 ? 14.157  24.310  18.588  1.00 95.18  ? 204 GLN A NE2 1 
ATOM 1601 N N   . ALA A 1 205 ? 13.568  22.344  12.163  1.00 89.30  ? 205 ALA A N   1 
ATOM 1602 C CA  . ALA A 1 205 ? 13.318  22.681  10.741  1.00 89.30  ? 205 ALA A CA  1 
ATOM 1603 C C   . ALA A 1 205 ? 12.657  21.513  10.013  1.00 89.30  ? 205 ALA A C   1 
ATOM 1604 O O   . ALA A 1 205 ? 13.055  20.351  10.241  1.00 89.30  ? 205 ALA A O   1 
ATOM 1605 C CB  . ALA A 1 205 ? 14.609  23.078  10.064  1.00 89.30  ? 205 ALA A CB  1 
ATOM 1606 N N   . SER A 1 206 ? 11.685  21.820  9.151   1.00 97.96  ? 206 SER A N   1 
ATOM 1607 C CA  . SER A 1 206 ? 11.014  20.772  8.341   1.00 97.96  ? 206 SER A CA  1 
ATOM 1608 C C   . SER A 1 206 ? 11.932  20.373  7.179   1.00 97.96  ? 206 SER A C   1 
ATOM 1609 O O   . SER A 1 206 ? 12.924  21.091  6.929   1.00 97.96  ? 206 SER A O   1 
ATOM 1610 C CB  . SER A 1 206 ? 9.681   21.246  7.831   1.00 97.96  ? 206 SER A CB  1 
ATOM 1611 O OG  . SER A 1 206 ? 9.838   22.380  6.990   1.00 97.96  ? 206 SER A OG  1 
ATOM 1612 N N   . VAL A 1 207 ? 11.598  19.280  6.491   1.00 100.00 ? 207 VAL A N   1 
ATOM 1613 C CA  . VAL A 1 207 ? 12.428  18.811  5.344   1.00 100.00 ? 207 VAL A CA  1 
ATOM 1614 C C   . VAL A 1 207 ? 12.463  19.941  4.304   1.00 100.00 ? 207 VAL A C   1 
ATOM 1615 O O   . VAL A 1 207 ? 13.534  20.154  3.706   1.00 100.00 ? 207 VAL A O   1 
ATOM 1616 C CB  . VAL A 1 207 ? 11.869  17.504  4.754   1.00 100.00 ? 207 VAL A CB  1 
ATOM 1617 C CG1 . VAL A 1 207 ? 12.607  17.073  3.493   1.00 100.00 ? 207 VAL A CG1 1 
ATOM 1618 C CG2 . VAL A 1 207 ? 11.853  16.381  5.784   1.00 100.00 ? 207 VAL A CG2 1 
ATOM 1619 N N   . GLU A 1 208 ? 11.346  20.653  4.127   1.00 100.00 ? 208 GLU A N   1 
ATOM 1620 C CA  . GLU A 1 208 ? 11.289  21.773  3.152   1.00 100.00 ? 208 GLU A CA  1 
ATOM 1621 C C   . GLU A 1 208 ? 12.313  22.851  3.533   1.00 100.00 ? 208 GLU A C   1 
ATOM 1622 O O   . GLU A 1 208 ? 13.008  23.357  2.624   1.00 100.00 ? 208 GLU A O   1 
ATOM 1623 C CB  . GLU A 1 208 ? 9.896   22.398  3.172   1.00 100.00 ? 208 GLU A CB  1 
ATOM 1624 C CG  . GLU A 1 208 ? 9.765   23.603  2.245   1.00 100.00 ? 208 GLU A CG  1 
ATOM 1625 C CD  . GLU A 1 208 ? 8.391   24.245  2.249   1.00 100.00 ? 208 GLU A CD  1 
ATOM 1626 O OE1 . GLU A 1 208 ? 7.506   23.753  2.980   1.00 100.00 ? 208 GLU A OE1 1 
ATOM 1627 O OE2 . GLU A 1 208 ? 8.210   25.247  1.527   1.00 100.00 ? 208 GLU A OE2 1 
ATOM 1628 N N   . GLU A 1 209 ? 12.415  23.174  4.824   1.00 100.00 ? 209 GLU A N   1 
ATOM 1629 C CA  . GLU A 1 209 ? 13.418  24.170  5.280   1.00 100.00 ? 209 GLU A CA  1 
ATOM 1630 C C   . GLU A 1 209 ? 14.815  23.618  4.967   1.00 100.00 ? 209 GLU A C   1 
ATOM 1631 O O   . GLU A 1 209 ? 15.676  24.398  4.509   1.00 100.00 ? 209 GLU A O   1 
ATOM 1632 C CB  . GLU A 1 209 ? 13.245  24.425  6.775   1.00 100.00 ? 209 GLU A CB  1 
ATOM 1633 C CG  . GLU A 1 209 ? 11.864  24.965  7.134   1.00 100.00 ? 209 GLU A CG  1 
ATOM 1634 C CD  . GLU A 1 209 ? 11.658  25.191  8.620   1.00 100.00 ? 209 GLU A CD  1 
ATOM 1635 O OE1 . GLU A 1 209 ? 12.413  25.993  9.208   1.00 100.00 ? 209 GLU A OE1 1 
ATOM 1636 O OE2 . GLU A 1 209 ? 10.743  24.562  9.190   1.00 100.00 ? 209 GLU A OE2 1 
ATOM 1637 N N   . LYS A 1 210 ? 15.020  22.321  5.203   1.00 100.00 ? 210 LYS A N   1 
ATOM 1638 C CA  . LYS A 1 210 ? 16.323  21.676  4.891   1.00 100.00 ? 210 LYS A CA  1 
ATOM 1639 C C   . LYS A 1 210 ? 16.556  21.730  3.372   1.00 100.00 ? 210 LYS A C   1 
ATOM 1640 O O   . LYS A 1 210 ? 17.722  21.910  2.960   1.00 100.00 ? 210 LYS A O   1 
ATOM 1641 C CB  . LYS A 1 210 ? 16.334  20.259  5.474   1.00 100.00 ? 210 LYS A CB  1 
ATOM 1642 C CG  . LYS A 1 210 ? 16.149  20.231  6.983   1.00 100.00 ? 210 LYS A CG  1 
ATOM 1643 C CD  . LYS A 1 210 ? 16.166  18.841  7.600   1.00 100.00 ? 210 LYS A CD  1 
ATOM 1644 C CE  . LYS A 1 210 ? 15.995  18.888  9.084   1.00 100.00 ? 210 LYS A CE  1 
ATOM 1645 N NZ  . LYS A 1 210 ? 16.020  17.544  9.665   1.00 100.00 ? 210 LYS A NZ  1 
ATOM 1646 N N   . MET A 1 211 ? 15.492  21.580  2.579   1.00 100.00 ? 211 MET A N   1 
ATOM 1647 C CA  . MET A 1 211 ? 15.616  21.606  1.097   1.00 100.00 ? 211 MET A CA  1 
ATOM 1648 C C   . MET A 1 211 ? 16.176  22.969  0.663   1.00 100.00 ? 211 MET A C   1 
ATOM 1649 O O   . MET A 1 211 ? 16.918  23.012  -0.342  1.00 100.00 ? 211 MET A O   1 
ATOM 1650 C CB  . MET A 1 211 ? 14.279  21.337  0.395   1.00 100.00 ? 211 MET A CB  1 
ATOM 1651 C CG  . MET A 1 211 ? 13.701  19.968  0.686   1.00 100.00 ? 211 MET A CG  1 
ATOM 1652 S SD  . MET A 1 211 ? 12.188  19.606  -0.224  1.00 100.00 ? 211 MET A SD  1 
ATOM 1653 C CE  . MET A 1 211 ? 12.815  19.726  -1.904  1.00 100.00 ? 211 MET A CE  1 
ATOM 1654 N N   . GLN A 1 212 ? 15.825  24.035  1.385   1.00 100.00 ? 212 GLN A N   1 
ATOM 1655 C CA  . GLN A 1 212 ? 16.296  25.389  1.005   1.00 100.00 ? 212 GLN A CA  1 
ATOM 1656 C C   . GLN A 1 212 ? 17.833  25.381  1.029   1.00 100.00 ? 212 GLN A C   1 
ATOM 1657 O O   . GLN A 1 212 ? 18.437  25.971  0.108   1.00 100.00 ? 212 GLN A O   1 
ATOM 1658 C CB  . GLN A 1 212 ? 15.729  26.431  1.967   1.00 100.00 ? 212 GLN A CB  1 
ATOM 1659 C CG  . GLN A 1 212 ? 14.206  26.413  2.061   1.00 100.00 ? 212 GLN A CG  1 
ATOM 1660 C CD  . GLN A 1 212 ? 13.520  26.635  0.732   1.00 100.00 ? 212 GLN A CD  1 
ATOM 1661 O OE1 . GLN A 1 212 ? 13.692  27.671  0.080   1.00 100.00 ? 212 GLN A OE1 1 
ATOM 1662 N NE2 . GLN A 1 212 ? 12.729  25.656  0.317   1.00 100.00 ? 212 GLN A NE2 1 
ATOM 1663 N N   . ALA A 1 213 ? 18.438  24.734  2.030   1.00 100.00 ? 213 ALA A N   1 
ATOM 1664 C CA  . ALA A 1 213 ? 19.916  24.602  2.067   1.00 100.00 ? 213 ALA A CA  1 
ATOM 1665 C C   . ALA A 1 213 ? 20.370  23.661  0.947   1.00 100.00 ? 213 ALA A C   1 
ATOM 1666 O O   . ALA A 1 213 ? 19.636  22.690  0.660   1.00 100.00 ? 213 ALA A O   1 
ATOM 1667 C CB  . ALA A 1 213 ? 20.361  24.104  3.423   1.00 100.00 ? 213 ALA A CB  1 
ATOM 1668 N N   . CYS A 1 214 ? 21.540  23.916  0.353   1.00 30.00  ? 214 CYS A N   1 
ATOM 1669 C CA  . CYS A 1 214 ? 22.031  23.097  -0.790  1.00 30.00  ? 214 CYS A CA  1 
ATOM 1670 C C   . CYS A 1 214 ? 20.835  22.477  -1.532  1.00 30.00  ? 214 CYS A C   1 
ATOM 1671 O O   . CYS A 1 214 ? 20.939  21.283  -1.891  1.00 30.00  ? 214 CYS A O   1 
ATOM 1672 C CB  . CYS A 1 214 ? 22.988  21.996  -0.342  1.00 30.00  ? 214 CYS A CB  1 
ATOM 1673 S SG  . CYS A 1 214 ? 22.239  20.749  0.738   1.00 30.00  ? 214 CYS A SG  1 
# 
